data_6WT0
# 
_entry.id   6WT0 
# 
_audit_conform.dict_name       mmcif_pdbx.dic 
_audit_conform.dict_version    5.380 
_audit_conform.dict_location   http://mmcif.pdb.org/dictionaries/ascii/mmcif_pdbx.dic 
# 
loop_
_database_2.database_id 
_database_2.database_code 
_database_2.pdbx_database_accession 
_database_2.pdbx_DOI 
PDB   6WT0         pdb_00006wt0 10.2210/pdb6wt0/pdb 
WWPDB D_1000248888 ?            ?                   
# 
_pdbx_database_status.status_code                     REL 
_pdbx_database_status.status_code_sf                  REL 
_pdbx_database_status.status_code_mr                  ? 
_pdbx_database_status.entry_id                        6WT0 
_pdbx_database_status.recvd_initial_deposition_date   2020-05-01 
_pdbx_database_status.SG_entry                        N 
_pdbx_database_status.deposit_site                    RCSB 
_pdbx_database_status.process_site                    RCSB 
_pdbx_database_status.status_code_cs                  ? 
_pdbx_database_status.status_code_nmr_data            ? 
_pdbx_database_status.methods_development_category    ? 
_pdbx_database_status.pdb_format_compatible           Y 
# 
loop_
_audit_author.name 
_audit_author.pdbx_ordinal 
_audit_author.identifier_ORCID 
'Simmons, C.R.'      1 0000-0002-2290-6132 
'MacCulloch, T.'     2 0000-0001-5875-3361 
'Stephanopoulos, N.' 3 0000-0001-7859-410X 
'Yan, H.'            4 0000-0001-7397-9852 
# 
_citation.abstract                  ? 
_citation.abstract_id_CAS           ? 
_citation.book_id_ISBN              ? 
_citation.book_publisher            ? 
_citation.book_publisher_city       ? 
_citation.book_title                ? 
_citation.coordinate_linkage        ? 
_citation.country                   UK 
_citation.database_id_Medline       ? 
_citation.details                   ? 
_citation.id                        primary 
_citation.journal_abbrev            'Nat Commun' 
_citation.journal_id_ASTM           ? 
_citation.journal_id_CSD            ? 
_citation.journal_id_ISSN           2041-1723 
_citation.journal_full              ? 
_citation.journal_issue             ? 
_citation.journal_volume            13 
_citation.language                  ? 
_citation.page_first                3112 
_citation.page_last                 3112 
_citation.title                     'The influence of Holliday junction sequence and dynamics on DNA crystal self-assembly.' 
_citation.year                      2022 
_citation.database_id_CSD           ? 
_citation.pdbx_database_id_DOI      10.1038/s41467-022-30779-6 
_citation.pdbx_database_id_PubMed   35662248 
_citation.unpublished_flag          ? 
# 
loop_
_citation_author.citation_id 
_citation_author.name 
_citation_author.ordinal 
_citation_author.identifier_ORCID 
primary 'Simmons, C.R.'      1  ?                   
primary 'MacCulloch, T.'     2  ?                   
primary 'Krepl, M.'          3  0000-0002-9833-4281 
primary 'Matthies, M.'       4  ?                   
primary 'Buchberger, A.'     5  ?                   
primary 'Crawford, I.'       6  ?                   
primary 'Sponer, J.'         7  0000-0001-6558-6186 
primary 'Sulc, P.'           8  0000-0003-1565-6769 
primary 'Stephanopoulos, N.' 9  0000-0001-7859-410X 
primary 'Yan, H.'            10 0000-0001-7397-9852 
# 
_cell.angle_alpha                  90.000 
_cell.angle_alpha_esd              ? 
_cell.angle_beta                   90.000 
_cell.angle_beta_esd               ? 
_cell.angle_gamma                  120.000 
_cell.angle_gamma_esd              ? 
_cell.entry_id                     6WT0 
_cell.details                      ? 
_cell.formula_units_Z              ? 
_cell.length_a                     68.948 
_cell.length_a_esd                 ? 
_cell.length_b                     68.948 
_cell.length_b_esd                 ? 
_cell.length_c                     59.418 
_cell.length_c_esd                 ? 
_cell.volume                       ? 
_cell.volume_esd                   ? 
_cell.Z_PDB                        3 
_cell.reciprocal_angle_alpha       ? 
_cell.reciprocal_angle_beta        ? 
_cell.reciprocal_angle_gamma       ? 
_cell.reciprocal_angle_alpha_esd   ? 
_cell.reciprocal_angle_beta_esd    ? 
_cell.reciprocal_angle_gamma_esd   ? 
_cell.reciprocal_length_a          ? 
_cell.reciprocal_length_b          ? 
_cell.reciprocal_length_c          ? 
_cell.reciprocal_length_a_esd      ? 
_cell.reciprocal_length_b_esd      ? 
_cell.reciprocal_length_c_esd      ? 
_cell.pdbx_unique_axis             ? 
# 
_symmetry.entry_id                         6WT0 
_symmetry.cell_setting                     ? 
_symmetry.Int_Tables_number                145 
_symmetry.space_group_name_Hall            ? 
_symmetry.space_group_name_H-M             'P 32' 
_symmetry.pdbx_full_space_group_name_H-M   ? 
# 
loop_
_entity.id 
_entity.type 
_entity.src_method 
_entity.pdbx_description 
_entity.formula_weight 
_entity.pdbx_number_of_molecules 
_entity.pdbx_ec 
_entity.pdbx_mutation 
_entity.pdbx_fragment 
_entity.details 
1 polymer     syn 
;DNA (5'-D(*GP*AP*GP*CP*AP*GP*AP*CP*GP*AP*GP*AP*CP*CP*GP*CP*AP*CP*TP*CP*A)-3')
;
6451.189 1 ? ? ? ? 
2 polymer     syn 
;DNA (5'-D(P*GP*GP*TP*CP*T)-3')
;
1511.022 1 ? ? ? ? 
3 polymer     syn 
;DNA (5'-D(*TP*CP*TP*GP*AP*GP*TP*GP*C)-3')
;
2746.809 1 ? ? ? ? 
4 polymer     syn 
;DNA (5'-D(P*CP*GP*TP*CP*TP*GP*C)-3')
;
2089.385 1 ? ? ? ? 
5 non-polymer syn 'COBALT (II) ION'                                                               58.933   2 ? ? ? ? 
# 
loop_
_entity_poly.entity_id 
_entity_poly.type 
_entity_poly.nstd_linkage 
_entity_poly.nstd_monomer 
_entity_poly.pdbx_seq_one_letter_code 
_entity_poly.pdbx_seq_one_letter_code_can 
_entity_poly.pdbx_strand_id 
_entity_poly.pdbx_target_identifier 
1 polydeoxyribonucleotide no no 
;(DG)(DA)(DG)(DC)(DA)(DG)(DA)(DC)(DG)(DA)(DG)(DA)(DC)(DC)(DG)(DC)(DA)(DC)(DT)(DC)
(DA)
;
GAGCAGACGAGACCGCACTCA A ? 
2 polydeoxyribonucleotide no no '(DG)(DG)(DT)(DC)(DT)'                                                                  GGTCT B ? 
3 polydeoxyribonucleotide no no '(DT)(DC)(DT)(DG)(DA)(DG)(DT)(DG)(DC)'                                                  TCTGAGTGC 
C ? 
4 polydeoxyribonucleotide no no '(DC)(DG)(DT)(DC)(DT)(DG)(DC)'                                                          CGTCTGC D 
? 
# 
loop_
_entity_poly_seq.entity_id 
_entity_poly_seq.num 
_entity_poly_seq.mon_id 
_entity_poly_seq.hetero 
1 1  DG n 
1 2  DA n 
1 3  DG n 
1 4  DC n 
1 5  DA n 
1 6  DG n 
1 7  DA n 
1 8  DC n 
1 9  DG n 
1 10 DA n 
1 11 DG n 
1 12 DA n 
1 13 DC n 
1 14 DC n 
1 15 DG n 
1 16 DC n 
1 17 DA n 
1 18 DC n 
1 19 DT n 
1 20 DC n 
1 21 DA n 
2 1  DG n 
2 2  DG n 
2 3  DT n 
2 4  DC n 
2 5  DT n 
3 1  DT n 
3 2  DC n 
3 3  DT n 
3 4  DG n 
3 5  DA n 
3 6  DG n 
3 7  DT n 
3 8  DG n 
3 9  DC n 
4 1  DC n 
4 2  DG n 
4 3  DT n 
4 4  DC n 
4 5  DT n 
4 6  DG n 
4 7  DC n 
# 
loop_
_pdbx_entity_src_syn.entity_id 
_pdbx_entity_src_syn.pdbx_src_id 
_pdbx_entity_src_syn.pdbx_alt_source_flag 
_pdbx_entity_src_syn.pdbx_beg_seq_num 
_pdbx_entity_src_syn.pdbx_end_seq_num 
_pdbx_entity_src_syn.organism_scientific 
_pdbx_entity_src_syn.organism_common_name 
_pdbx_entity_src_syn.ncbi_taxonomy_id 
_pdbx_entity_src_syn.details 
1 1 sample 1 21 'synthetic construct' ? 32630 ? 
2 1 sample 1 5  'synthetic construct' ? 32630 ? 
3 1 sample 1 9  'synthetic construct' ? 32630 ? 
4 1 sample 1 7  'synthetic construct' ? 32630 ? 
# 
loop_
_struct_ref.id 
_struct_ref.db_name 
_struct_ref.db_code 
_struct_ref.pdbx_db_accession 
_struct_ref.pdbx_db_isoform 
_struct_ref.entity_id 
_struct_ref.pdbx_seq_one_letter_code 
_struct_ref.pdbx_align_begin 
1 PDB 6WT0 6WT0 ? 1 ? 1 
2 PDB 6WT0 6WT0 ? 2 ? 1 
3 PDB 6WT0 6WT0 ? 3 ? 1 
4 PDB 6WT0 6WT0 ? 4 ? 1 
# 
loop_
_struct_ref_seq.align_id 
_struct_ref_seq.ref_id 
_struct_ref_seq.pdbx_PDB_id_code 
_struct_ref_seq.pdbx_strand_id 
_struct_ref_seq.seq_align_beg 
_struct_ref_seq.pdbx_seq_align_beg_ins_code 
_struct_ref_seq.seq_align_end 
_struct_ref_seq.pdbx_seq_align_end_ins_code 
_struct_ref_seq.pdbx_db_accession 
_struct_ref_seq.db_align_beg 
_struct_ref_seq.pdbx_db_align_beg_ins_code 
_struct_ref_seq.db_align_end 
_struct_ref_seq.pdbx_db_align_end_ins_code 
_struct_ref_seq.pdbx_auth_seq_align_beg 
_struct_ref_seq.pdbx_auth_seq_align_end 
1 1 6WT0 A 1 ? 21 ? 6WT0 1  ? 21 ? 1  21 
2 2 6WT0 B 1 ? 5  ? 6WT0 1  ? 5  ? 1  5  
3 3 6WT0 C 1 ? 9  ? 6WT0 1  ? 9  ? 1  9  
4 4 6WT0 D 1 ? 7  ? 6WT0 10 ? 16 ? 10 16 
# 
loop_
_chem_comp.id 
_chem_comp.type 
_chem_comp.mon_nstd_flag 
_chem_comp.name 
_chem_comp.pdbx_synonyms 
_chem_comp.formula 
_chem_comp.formula_weight 
CO non-polymer   . 'COBALT (II) ION'                    ? 'Co 2'            58.933  
DA 'DNA linking' y "2'-DEOXYADENOSINE-5'-MONOPHOSPHATE" ? 'C10 H14 N5 O6 P' 331.222 
DC 'DNA linking' y "2'-DEOXYCYTIDINE-5'-MONOPHOSPHATE"  ? 'C9 H14 N3 O7 P'  307.197 
DG 'DNA linking' y "2'-DEOXYGUANOSINE-5'-MONOPHOSPHATE" ? 'C10 H14 N5 O7 P' 347.221 
DT 'DNA linking' y "THYMIDINE-5'-MONOPHOSPHATE"         ? 'C10 H15 N2 O8 P' 322.208 
# 
_exptl.absorpt_coefficient_mu     ? 
_exptl.absorpt_correction_T_max   ? 
_exptl.absorpt_correction_T_min   ? 
_exptl.absorpt_correction_type    ? 
_exptl.absorpt_process_details    ? 
_exptl.entry_id                   6WT0 
_exptl.crystals_number            1 
_exptl.details                    ? 
_exptl.method                     'X-RAY DIFFRACTION' 
_exptl.method_details             ? 
# 
_exptl_crystal.colour                      ? 
_exptl_crystal.density_diffrn              ? 
_exptl_crystal.density_Matthews            6.37 
_exptl_crystal.density_method              ? 
_exptl_crystal.density_percent_sol         80.69 
_exptl_crystal.description                 ? 
_exptl_crystal.F_000                       ? 
_exptl_crystal.id                          1 
_exptl_crystal.preparation                 ? 
_exptl_crystal.size_max                    ? 
_exptl_crystal.size_mid                    ? 
_exptl_crystal.size_min                    ? 
_exptl_crystal.size_rad                    ? 
_exptl_crystal.colour_lustre               ? 
_exptl_crystal.colour_modifier             ? 
_exptl_crystal.colour_primary              ? 
_exptl_crystal.density_meas                ? 
_exptl_crystal.density_meas_esd            ? 
_exptl_crystal.density_meas_gt             ? 
_exptl_crystal.density_meas_lt             ? 
_exptl_crystal.density_meas_temp           ? 
_exptl_crystal.density_meas_temp_esd       ? 
_exptl_crystal.density_meas_temp_gt        ? 
_exptl_crystal.density_meas_temp_lt        ? 
_exptl_crystal.pdbx_crystal_image_url      ? 
_exptl_crystal.pdbx_crystal_image_format   ? 
_exptl_crystal.pdbx_mosaicity              ? 
_exptl_crystal.pdbx_mosaicity_esd          ? 
# 
_exptl_crystal_grow.apparatus       ? 
_exptl_crystal_grow.atmosphere      ? 
_exptl_crystal_grow.crystal_id      1 
_exptl_crystal_grow.details         ? 
_exptl_crystal_grow.method          'VAPOR DIFFUSION, SITTING DROP' 
_exptl_crystal_grow.method_ref      ? 
_exptl_crystal_grow.pH              ? 
_exptl_crystal_grow.pressure        ? 
_exptl_crystal_grow.pressure_esd    ? 
_exptl_crystal_grow.seeding         ? 
_exptl_crystal_grow.seeding_ref     ? 
_exptl_crystal_grow.temp            298 
_exptl_crystal_grow.temp_details    'temperature gradient generated from 60 to 25 C at 0.3 degrees per hour' 
_exptl_crystal_grow.temp_esd        ? 
_exptl_crystal_grow.time            ? 
_exptl_crystal_grow.pdbx_details    
;0.5 mL of 0.05 M TRIS pH 8.0 with 10 mM MgCl2, 1.0 mM CoH18N6, and 20% Ethanol was added to the reservoir with 2 uL added to the drop containing 4 uL of DNA stock
;
_exptl_crystal_grow.pdbx_pH_range   ? 
# 
_diffrn.ambient_environment              ? 
_diffrn.ambient_temp                     100 
_diffrn.ambient_temp_details             ? 
_diffrn.ambient_temp_esd                 ? 
_diffrn.crystal_id                       1 
_diffrn.crystal_support                  ? 
_diffrn.crystal_treatment                ? 
_diffrn.details                          ? 
_diffrn.id                               1 
_diffrn.ambient_pressure                 ? 
_diffrn.ambient_pressure_esd             ? 
_diffrn.ambient_pressure_gt              ? 
_diffrn.ambient_pressure_lt              ? 
_diffrn.ambient_temp_gt                  ? 
_diffrn.ambient_temp_lt                  ? 
_diffrn.pdbx_serial_crystal_experiment   N 
# 
_diffrn_detector.details                      ? 
_diffrn_detector.detector                     PIXEL 
_diffrn_detector.diffrn_id                    1 
_diffrn_detector.type                         'DECTRIS PILATUS3 6M' 
_diffrn_detector.area_resol_mean              ? 
_diffrn_detector.dtime                        ? 
_diffrn_detector.pdbx_frames_total            ? 
_diffrn_detector.pdbx_collection_time_total   ? 
_diffrn_detector.pdbx_collection_date         2019-08-15 
_diffrn_detector.pdbx_frequency               ? 
# 
_diffrn_radiation.collimation                      ? 
_diffrn_radiation.diffrn_id                        1 
_diffrn_radiation.filter_edge                      ? 
_diffrn_radiation.inhomogeneity                    ? 
_diffrn_radiation.monochromator                    ? 
_diffrn_radiation.polarisn_norm                    ? 
_diffrn_radiation.polarisn_ratio                   ? 
_diffrn_radiation.probe                            ? 
_diffrn_radiation.type                             ? 
_diffrn_radiation.xray_symbol                      ? 
_diffrn_radiation.wavelength_id                    1 
_diffrn_radiation.pdbx_monochromatic_or_laue_m_l   M 
_diffrn_radiation.pdbx_wavelength_list             ? 
_diffrn_radiation.pdbx_wavelength                  ? 
_diffrn_radiation.pdbx_diffrn_protocol             'SINGLE WAVELENGTH' 
_diffrn_radiation.pdbx_analyzer                    ? 
_diffrn_radiation.pdbx_scattering_type             x-ray 
# 
_diffrn_radiation_wavelength.id           1 
_diffrn_radiation_wavelength.wavelength   0.98 
_diffrn_radiation_wavelength.wt           1.0 
# 
_diffrn_source.current                     ? 
_diffrn_source.details                     ? 
_diffrn_source.diffrn_id                   1 
_diffrn_source.power                       ? 
_diffrn_source.size                        ? 
_diffrn_source.source                      SYNCHROTRON 
_diffrn_source.target                      ? 
_diffrn_source.type                        'APS BEAMLINE 19-ID' 
_diffrn_source.voltage                     ? 
_diffrn_source.take-off_angle              ? 
_diffrn_source.pdbx_wavelength_list        0.98 
_diffrn_source.pdbx_wavelength             ? 
_diffrn_source.pdbx_synchrotron_beamline   19-ID 
_diffrn_source.pdbx_synchrotron_site       APS 
# 
_reflns.B_iso_Wilson_estimate            ? 
_reflns.entry_id                         6WT0 
_reflns.data_reduction_details           ? 
_reflns.data_reduction_method            ? 
_reflns.d_resolution_high                3.106 
_reflns.d_resolution_low                 34.474 
_reflns.details                          ? 
_reflns.limit_h_max                      ? 
_reflns.limit_h_min                      ? 
_reflns.limit_k_max                      ? 
_reflns.limit_k_min                      ? 
_reflns.limit_l_max                      ? 
_reflns.limit_l_min                      ? 
_reflns.number_all                       ? 
_reflns.number_obs                       5302 
_reflns.observed_criterion               ? 
_reflns.observed_criterion_F_max         ? 
_reflns.observed_criterion_F_min         ? 
_reflns.observed_criterion_I_max         ? 
_reflns.observed_criterion_I_min         ? 
_reflns.observed_criterion_sigma_F       ? 
_reflns.observed_criterion_sigma_I       ? 
_reflns.percent_possible_obs             92.7 
_reflns.R_free_details                   ? 
_reflns.Rmerge_F_all                     ? 
_reflns.Rmerge_F_obs                     ? 
_reflns.Friedel_coverage                 ? 
_reflns.number_gt                        ? 
_reflns.threshold_expression             ? 
_reflns.pdbx_redundancy                  4.3 
_reflns.pdbx_Rmerge_I_obs                .132 
_reflns.pdbx_Rmerge_I_all                ? 
_reflns.pdbx_Rsym_value                  ? 
_reflns.pdbx_netI_over_av_sigmaI         ? 
_reflns.pdbx_netI_over_sigmaI            5.0 
_reflns.pdbx_res_netI_over_av_sigmaI_2   ? 
_reflns.pdbx_res_netI_over_sigmaI_2      ? 
_reflns.pdbx_chi_squared                 2.269 
_reflns.pdbx_scaling_rejects             ? 
_reflns.pdbx_d_res_high_opt              ? 
_reflns.pdbx_d_res_low_opt               ? 
_reflns.pdbx_d_res_opt_method            ? 
_reflns.phase_calculation_details        ? 
_reflns.pdbx_Rrim_I_all                  .149 
_reflns.pdbx_Rpim_I_all                  0.069 
_reflns.pdbx_d_opt                       ? 
_reflns.pdbx_number_measured_all         ? 
_reflns.pdbx_diffrn_id                   1 
_reflns.pdbx_ordinal                     1 
_reflns.pdbx_CC_half                     ? 
_reflns.pdbx_CC_star                     ? 
_reflns.pdbx_R_split                     ? 
# 
loop_
_reflns_shell.d_res_high 
_reflns_shell.d_res_low 
_reflns_shell.meanI_over_sigI_all 
_reflns_shell.meanI_over_sigI_obs 
_reflns_shell.number_measured_all 
_reflns_shell.number_measured_obs 
_reflns_shell.number_possible 
_reflns_shell.number_unique_all 
_reflns_shell.number_unique_obs 
_reflns_shell.percent_possible_all 
_reflns_shell.percent_possible_obs 
_reflns_shell.Rmerge_F_all 
_reflns_shell.Rmerge_F_obs 
_reflns_shell.Rmerge_I_all 
_reflns_shell.Rmerge_I_obs 
_reflns_shell.meanI_over_sigI_gt 
_reflns_shell.meanI_over_uI_all 
_reflns_shell.meanI_over_uI_gt 
_reflns_shell.number_measured_gt 
_reflns_shell.number_unique_gt 
_reflns_shell.percent_possible_gt 
_reflns_shell.Rmerge_F_gt 
_reflns_shell.Rmerge_I_gt 
_reflns_shell.pdbx_redundancy 
_reflns_shell.pdbx_Rsym_value 
_reflns_shell.pdbx_chi_squared 
_reflns_shell.pdbx_netI_over_sigmaI_all 
_reflns_shell.pdbx_netI_over_sigmaI_obs 
_reflns_shell.pdbx_Rrim_I_all 
_reflns_shell.pdbx_Rpim_I_all 
_reflns_shell.pdbx_rejects 
_reflns_shell.pdbx_ordinal 
_reflns_shell.pdbx_diffrn_id 
_reflns_shell.pdbx_CC_half 
_reflns_shell.pdbx_CC_star 
_reflns_shell.pdbx_R_split 
3.106 3.150  ? ? ? ? ? ? 190 64.8    ? ? ? ? 1.151 ? ? ? ? ? ? ? ? 3.5 ? .489   ? ? 1.366 .628  ? 1  1 .879  ? ? 
3.150 3.210  ? ? ? ? ? ? 184 67.6    ? ? ? ? .385  ? ? ? ? ? ? ? ? 3.3 ? .898   ? ? .439  .208  ? 2  1 0.967 ? ? 
3.210 3.270  ? ? ? ? ? ? 242 79.5    ? ? ? ? 0.233 ? ? ? ? ? ? ? ? 3.5 ? 1.158  ? ? 0.262 0.119 ? 3  1 0.981 ? ? 
3.270 3.340  ? ? ? ? ? ? 208 75.9    ? ? ? ? .497  ? ? ? ? ? ? ? ? 3.6 ? 0.622  ? ? .563  .263  ? 4  1 .99   ? ? 
3.340 3.410  ? ? ? ? ? ? 259 86.3    ? ? ? ? .508  ? ? ? ? ? ? ? ? 3.8 ? 0.602  ? ? .579  .273  ? 5  1 0.940 ? ? 
3.410 3.490  ? ? ? ? ? ? 273 92.9    ? ? ? ? 0.458 ? ? ? ? ? ? ? ? 3.7 ? .588   ? ? .523  .249  ? 6  1 0.964 ? ? 
3.490 3.580  ? ? ? ? ? ? 252 94.4    ? ? ? ? .412  ? ? ? ? ? ? ? ? 3.8 ? 0.564  ? ? 0.468 0.218 ? 7  1 0.96  ? ? 
3.580 3.680  ? ? ? ? ? ? 281 96.2    ? ? ? ? .487  ? ? ? ? ? ? ? ? 3.8 ? 0.511  ? ? .561  .274  ? 8  1 .944  ? ? 
3.680 3.780  ? ? ? ? ? ? 270 98.5    ? ? ? ? 1.092 ? ? ? ? ? ? ? ? 4.1 ? 0.475  ? ? 1.169 0.409 ? 9  1 0.869 ? ? 
3.780 3.910  ? ? ? ? ? ? 301 100.000 ? ? ? ? .572  ? ? ? ? ? ? ? ? 4.7 ? .552   ? ? .643  .29   ? 10 1 .909  ? ? 
3.910 4.040  ? ? ? ? ? ? 292 100.000 ? ? ? ? .359  ? ? ? ? ? ? ? ? 4.9 ? .643   ? ? .402  .179  ? 11 1 0.957 ? ? 
4.040 4.210  ? ? ? ? ? ? 262 100.000 ? ? ? ? .313  ? ? ? ? ? ? ? ? 4.8 ? .804   ? ? .351  .158  ? 12 1 0.960 ? ? 
4.210 4.400  ? ? ? ? ? ? 287 100.000 ? ? ? ? .258  ? ? ? ? ? ? ? ? 4.8 ? .791   ? ? .29   .13   ? 13 1 0.970 ? ? 
4.400 4.630  ? ? ? ? ? ? 290 100.000 ? ? ? ? .222  ? ? ? ? ? ? ? ? 4.8 ? .944   ? ? .25   .114  ? 14 1 0.954 ? ? 
4.630 4.920  ? ? ? ? ? ? 296 99.7    ? ? ? ? .172  ? ? ? ? ? ? ? ? 4.3 ? 1.929  ? ? .196  0.092 ? 15 1 0.965 ? ? 
4.920 5.300  ? ? ? ? ? ? 283 99.6    ? ? ? ? 0.131 ? ? ? ? ? ? ? ? 4.3 ? 2.404  ? ? .147  0.065 ? 16 1 0.982 ? ? 
5.300 5.830  ? ? ? ? ? ? 270 99.7    ? ? ? ? .105  ? ? ? ? ? ? ? ? 4.9 ? 2.206  ? ? 0.118 0.053 ? 17 1 0.988 ? ? 
5.830 6.670  ? ? ? ? ? ? 293 99.700  ? ? ? ? 0.105 ? ? ? ? ? ? ? ? 4.9 ? 3.267  ? ? 0.118 0.053 ? 18 1 0.980 ? ? 
6.670 8.400  ? ? ? ? ? ? 283 99.3    ? ? ? ? .076  ? ? ? ? ? ? ? ? 4.5 ? 6.615  ? ? .086  .039  ? 19 1 0.995 ? ? 
8.400 50.000 ? ? ? ? ? ? 288 99.3    ? ? ? ? .086  ? ? ? ? ? ? ? ? 4.7 ? 13.907 ? ? .097  .045  ? 20 1 .936  ? ? 
# 
_refine.aniso_B[1][1]                            ? 
_refine.aniso_B[1][2]                            ? 
_refine.aniso_B[1][3]                            ? 
_refine.aniso_B[2][2]                            ? 
_refine.aniso_B[2][3]                            ? 
_refine.aniso_B[3][3]                            ? 
_refine.B_iso_max                                224.040 
_refine.B_iso_mean                               124.4405 
_refine.B_iso_min                                69.430 
_refine.correlation_coeff_Fo_to_Fc               ? 
_refine.correlation_coeff_Fo_to_Fc_free          ? 
_refine.details                                  ? 
_refine.diff_density_max                         ? 
_refine.diff_density_max_esd                     ? 
_refine.diff_density_min                         ? 
_refine.diff_density_min_esd                     ? 
_refine.diff_density_rms                         ? 
_refine.diff_density_rms_esd                     ? 
_refine.entry_id                                 6WT0 
_refine.pdbx_refine_id                           'X-RAY DIFFRACTION' 
_refine.ls_abs_structure_details                 ? 
_refine.ls_abs_structure_Flack                   ? 
_refine.ls_abs_structure_Flack_esd               ? 
_refine.ls_abs_structure_Rogers                  ? 
_refine.ls_abs_structure_Rogers_esd              ? 
_refine.ls_d_res_high                            3.1060 
_refine.ls_d_res_low                             34.4740 
_refine.ls_extinction_coef                       ? 
_refine.ls_extinction_coef_esd                   ? 
_refine.ls_extinction_expression                 ? 
_refine.ls_extinction_method                     ? 
_refine.ls_goodness_of_fit_all                   ? 
_refine.ls_goodness_of_fit_all_esd               ? 
_refine.ls_goodness_of_fit_obs                   ? 
_refine.ls_goodness_of_fit_obs_esd               ? 
_refine.ls_hydrogen_treatment                    ? 
_refine.ls_matrix_type                           ? 
_refine.ls_number_constraints                    ? 
_refine.ls_number_parameters                     ? 
_refine.ls_number_reflns_all                     ? 
_refine.ls_number_reflns_obs                     5188 
_refine.ls_number_reflns_R_free                  517 
_refine.ls_number_reflns_R_work                  4671 
_refine.ls_number_restraints                     ? 
_refine.ls_percent_reflns_obs                    90.9100 
_refine.ls_percent_reflns_R_free                 9.9700 
_refine.ls_R_factor_all                          ? 
_refine.ls_R_factor_obs                          0.2488 
_refine.ls_R_factor_R_free                       0.2623 
_refine.ls_R_factor_R_free_error                 ? 
_refine.ls_R_factor_R_free_error_details         ? 
_refine.ls_R_factor_R_work                       0.2473 
_refine.ls_R_Fsqd_factor_obs                     ? 
_refine.ls_R_I_factor_obs                        ? 
_refine.ls_redundancy_reflns_all                 ? 
_refine.ls_redundancy_reflns_obs                 ? 
_refine.ls_restrained_S_all                      ? 
_refine.ls_restrained_S_obs                      ? 
_refine.ls_shift_over_esd_max                    ? 
_refine.ls_shift_over_esd_mean                   ? 
_refine.ls_structure_factor_coef                 ? 
_refine.ls_weighting_details                     ? 
_refine.ls_weighting_scheme                      ? 
_refine.ls_wR_factor_all                         ? 
_refine.ls_wR_factor_obs                         ? 
_refine.ls_wR_factor_R_free                      ? 
_refine.ls_wR_factor_R_work                      ? 
_refine.occupancy_max                            ? 
_refine.occupancy_min                            ? 
_refine.solvent_model_details                    'FLAT BULK SOLVENT MODEL' 
_refine.solvent_model_param_bsol                 ? 
_refine.solvent_model_param_ksol                 ? 
_refine.pdbx_R_complete                          ? 
_refine.ls_R_factor_gt                           ? 
_refine.ls_goodness_of_fit_gt                    ? 
_refine.ls_goodness_of_fit_ref                   ? 
_refine.ls_shift_over_su_max                     ? 
_refine.ls_shift_over_su_max_lt                  ? 
_refine.ls_shift_over_su_mean                    ? 
_refine.ls_shift_over_su_mean_lt                 ? 
_refine.pdbx_ls_sigma_I                          ? 
_refine.pdbx_ls_sigma_F                          1.960 
_refine.pdbx_ls_sigma_Fsqd                       ? 
_refine.pdbx_data_cutoff_high_absF               ? 
_refine.pdbx_data_cutoff_high_rms_absF           ? 
_refine.pdbx_data_cutoff_low_absF                ? 
_refine.pdbx_isotropic_thermal_model             ? 
_refine.pdbx_ls_cross_valid_method               THROUGHOUT 
_refine.pdbx_method_to_determine_struct          'MOLECULAR REPLACEMENT' 
_refine.pdbx_starting_model                      5KEK 
_refine.pdbx_stereochemistry_target_values       ML 
_refine.pdbx_R_Free_selection_details            RANDOM 
_refine.pdbx_stereochem_target_val_spec_case     ? 
_refine.pdbx_overall_ESU_R                       ? 
_refine.pdbx_overall_ESU_R_Free                  ? 
_refine.pdbx_solvent_vdw_probe_radii             1.1100 
_refine.pdbx_solvent_ion_probe_radii             ? 
_refine.pdbx_solvent_shrinkage_radii             0.9000 
_refine.pdbx_real_space_R                        ? 
_refine.pdbx_density_correlation                 ? 
_refine.pdbx_pd_number_of_powder_patterns        ? 
_refine.pdbx_pd_number_of_points                 ? 
_refine.pdbx_pd_meas_number_of_points            ? 
_refine.pdbx_pd_proc_ls_prof_R_factor            ? 
_refine.pdbx_pd_proc_ls_prof_wR_factor           ? 
_refine.pdbx_pd_Marquardt_correlation_coeff      ? 
_refine.pdbx_pd_Fsqrd_R_factor                   ? 
_refine.pdbx_pd_ls_matrix_band_width             ? 
_refine.pdbx_overall_phase_error                 38.6100 
_refine.pdbx_overall_SU_R_free_Cruickshank_DPI   ? 
_refine.pdbx_overall_SU_R_free_Blow_DPI          ? 
_refine.pdbx_overall_SU_R_Blow_DPI               ? 
_refine.pdbx_TLS_residual_ADP_flag               ? 
_refine.pdbx_diffrn_id                           1 
_refine.overall_SU_B                             ? 
_refine.overall_SU_ML                            0.3600 
_refine.overall_SU_R_Cruickshank_DPI             ? 
_refine.overall_SU_R_free                        ? 
_refine.overall_FOM_free_R_set                   ? 
_refine.overall_FOM_work_R_set                   ? 
_refine.pdbx_average_fsc_overall                 ? 
_refine.pdbx_average_fsc_work                    ? 
_refine.pdbx_average_fsc_free                    ? 
# 
_refine_hist.pdbx_refine_id                   'X-RAY DIFFRACTION' 
_refine_hist.cycle_id                         final 
_refine_hist.details                          ? 
_refine_hist.d_res_high                       3.1060 
_refine_hist.d_res_low                        34.4740 
_refine_hist.number_atoms_solvent             0 
_refine_hist.number_atoms_total               857 
_refine_hist.number_reflns_all                ? 
_refine_hist.number_reflns_obs                ? 
_refine_hist.number_reflns_R_free             ? 
_refine_hist.number_reflns_R_work             ? 
_refine_hist.R_factor_all                     ? 
_refine_hist.R_factor_obs                     ? 
_refine_hist.R_factor_R_free                  ? 
_refine_hist.R_factor_R_work                  ? 
_refine_hist.pdbx_number_residues_total       42 
_refine_hist.pdbx_B_iso_mean_ligand           116.60 
_refine_hist.pdbx_B_iso_mean_solvent          ? 
_refine_hist.pdbx_number_atoms_protein        0 
_refine_hist.pdbx_number_atoms_nucleic_acid   855 
_refine_hist.pdbx_number_atoms_ligand         2 
_refine_hist.pdbx_number_atoms_lipid          ? 
_refine_hist.pdbx_number_atoms_carb           ? 
_refine_hist.pdbx_pseudo_atom_details         ? 
# 
loop_
_refine_ls_restr.pdbx_refine_id 
_refine_ls_restr.criterion 
_refine_ls_restr.dev_ideal 
_refine_ls_restr.dev_ideal_target 
_refine_ls_restr.number 
_refine_ls_restr.rejects 
_refine_ls_restr.type 
_refine_ls_restr.weight 
_refine_ls_restr.pdbx_restraint_function 
'X-RAY DIFFRACTION' ? 0.005  ? 956  ? f_bond_d           ? ? 
'X-RAY DIFFRACTION' ? 0.668  ? 1467 ? f_angle_d          ? ? 
'X-RAY DIFFRACTION' ? 0.036  ? 166  ? f_chiral_restr     ? ? 
'X-RAY DIFFRACTION' ? 0.004  ? 42   ? f_plane_restr      ? ? 
'X-RAY DIFFRACTION' ? 33.964 ? 406  ? f_dihedral_angle_d ? ? 
# 
loop_
_refine_ls_shell.pdbx_refine_id 
_refine_ls_shell.d_res_high 
_refine_ls_shell.d_res_low 
_refine_ls_shell.number_reflns_all 
_refine_ls_shell.number_reflns_obs 
_refine_ls_shell.number_reflns_R_free 
_refine_ls_shell.number_reflns_R_work 
_refine_ls_shell.percent_reflns_obs 
_refine_ls_shell.percent_reflns_R_free 
_refine_ls_shell.R_factor_all 
_refine_ls_shell.R_factor_obs 
_refine_ls_shell.R_factor_R_free 
_refine_ls_shell.R_factor_R_free_error 
_refine_ls_shell.R_factor_R_work 
_refine_ls_shell.redundancy_reflns_all 
_refine_ls_shell.redundancy_reflns_obs 
_refine_ls_shell.wR_factor_all 
_refine_ls_shell.wR_factor_obs 
_refine_ls_shell.wR_factor_R_free 
_refine_ls_shell.wR_factor_R_work 
_refine_ls_shell.pdbx_R_complete 
_refine_ls_shell.pdbx_total_number_of_bins_used 
_refine_ls_shell.pdbx_phase_error 
_refine_ls_shell.pdbx_fsc_work 
_refine_ls_shell.pdbx_fsc_free 
'X-RAY DIFFRACTION' 3.106  3.4179 . . 94  902  70.0000  . . . 0.3957 0.0000 0.3174 . . . . . . . . . . . 
'X-RAY DIFFRACTION' 3.4179 3.9119 . . 133 1235 95.0000  . . . 0.4030 0.0000 0.3274 . . . . . . . . . . . 
'X-RAY DIFFRACTION' 3.9119 4.9262 . . 150 1274 100.0000 . . . 0.3342 0.0000 0.3128 . . . . . . . . . . . 
'X-RAY DIFFRACTION' 4.9262 34.474 . . 140 1260 99.0000  . . . 0.1967 0.0000 0.1962 . . . . . . . . . . . 
# 
_struct.entry_id                     6WT0 
_struct.title                        
'Self-assembly of a 3D DNA crystal lattice (4x5 duplex version) containing the J25 immobile Holliday junction' 
_struct.pdbx_model_details           ? 
_struct.pdbx_formula_weight          ? 
_struct.pdbx_formula_weight_method   ? 
_struct.pdbx_model_type_details      ? 
_struct.pdbx_CASP_flag               N 
# 
_struct_keywords.entry_id        6WT0 
_struct_keywords.text            
'Structural DNA nanotechnology, immobile Holliday junctions, 3D DNA self-assembly, designer DNA crystals, DNA' 
_struct_keywords.pdbx_keywords   DNA 
# 
loop_
_struct_asym.id 
_struct_asym.pdbx_blank_PDB_chainid_flag 
_struct_asym.pdbx_modified 
_struct_asym.entity_id 
_struct_asym.details 
A N N 1 ? 
B N N 2 ? 
C N N 3 ? 
D N N 4 ? 
E N N 5 ? 
F N N 5 ? 
# 
loop_
_struct_conn.id 
_struct_conn.conn_type_id 
_struct_conn.pdbx_leaving_atom_flag 
_struct_conn.pdbx_PDB_id 
_struct_conn.ptnr1_label_asym_id 
_struct_conn.ptnr1_label_comp_id 
_struct_conn.ptnr1_label_seq_id 
_struct_conn.ptnr1_label_atom_id 
_struct_conn.pdbx_ptnr1_label_alt_id 
_struct_conn.pdbx_ptnr1_PDB_ins_code 
_struct_conn.pdbx_ptnr1_standard_comp_id 
_struct_conn.ptnr1_symmetry 
_struct_conn.ptnr2_label_asym_id 
_struct_conn.ptnr2_label_comp_id 
_struct_conn.ptnr2_label_seq_id 
_struct_conn.ptnr2_label_atom_id 
_struct_conn.pdbx_ptnr2_label_alt_id 
_struct_conn.pdbx_ptnr2_PDB_ins_code 
_struct_conn.ptnr1_auth_asym_id 
_struct_conn.ptnr1_auth_comp_id 
_struct_conn.ptnr1_auth_seq_id 
_struct_conn.ptnr2_auth_asym_id 
_struct_conn.ptnr2_auth_comp_id 
_struct_conn.ptnr2_auth_seq_id 
_struct_conn.ptnr2_symmetry 
_struct_conn.pdbx_ptnr3_label_atom_id 
_struct_conn.pdbx_ptnr3_label_seq_id 
_struct_conn.pdbx_ptnr3_label_comp_id 
_struct_conn.pdbx_ptnr3_label_asym_id 
_struct_conn.pdbx_ptnr3_label_alt_id 
_struct_conn.pdbx_ptnr3_PDB_ins_code 
_struct_conn.details 
_struct_conn.pdbx_dist_value 
_struct_conn.pdbx_value_order 
_struct_conn.pdbx_role 
hydrog1  hydrog ? ? A DG 3  N1 ? ? ? 1_555 D DC 7 N3 ? ? A DG 3  D DC 16 1_555 ? ? ? ? ? ? WATSON-CRICK ? ? ? 
hydrog2  hydrog ? ? A DG 3  N2 ? ? ? 1_555 D DC 7 O2 ? ? A DG 3  D DC 16 1_555 ? ? ? ? ? ? WATSON-CRICK ? ? ? 
hydrog3  hydrog ? ? A DG 3  O6 ? ? ? 1_555 D DC 7 N4 ? ? A DG 3  D DC 16 1_555 ? ? ? ? ? ? WATSON-CRICK ? ? ? 
hydrog4  hydrog ? ? A DC 4  N3 ? ? ? 1_555 D DG 6 N1 ? ? A DC 4  D DG 15 1_555 ? ? ? ? ? ? WATSON-CRICK ? ? ? 
hydrog5  hydrog ? ? A DC 4  N4 ? ? ? 1_555 D DG 6 O6 ? ? A DC 4  D DG 15 1_555 ? ? ? ? ? ? WATSON-CRICK ? ? ? 
hydrog6  hydrog ? ? A DC 4  O2 ? ? ? 1_555 D DG 6 N2 ? ? A DC 4  D DG 15 1_555 ? ? ? ? ? ? WATSON-CRICK ? ? ? 
hydrog7  hydrog ? ? A DG 6  N1 ? ? ? 1_555 D DC 4 N3 ? ? A DG 6  D DC 13 1_555 ? ? ? ? ? ? WATSON-CRICK ? ? ? 
hydrog8  hydrog ? ? A DG 6  N2 ? ? ? 1_555 D DC 4 O2 ? ? A DG 6  D DC 13 1_555 ? ? ? ? ? ? WATSON-CRICK ? ? ? 
hydrog9  hydrog ? ? A DG 6  O6 ? ? ? 1_555 D DC 4 N4 ? ? A DG 6  D DC 13 1_555 ? ? ? ? ? ? WATSON-CRICK ? ? ? 
hydrog10 hydrog ? ? A DA 7  N1 ? ? ? 1_555 D DT 3 N3 ? ? A DA 7  D DT 12 1_555 ? ? ? ? ? ? WATSON-CRICK ? ? ? 
hydrog11 hydrog ? ? A DA 7  N6 ? ? ? 1_555 D DT 3 O4 ? ? A DA 7  D DT 12 1_555 ? ? ? ? ? ? WATSON-CRICK ? ? ? 
hydrog12 hydrog ? ? A DC 8  N3 ? ? ? 1_555 D DG 2 N1 ? ? A DC 8  D DG 11 1_555 ? ? ? ? ? ? WATSON-CRICK ? ? ? 
hydrog13 hydrog ? ? A DC 8  N4 ? ? ? 1_555 D DG 2 O6 ? ? A DC 8  D DG 11 1_555 ? ? ? ? ? ? WATSON-CRICK ? ? ? 
hydrog14 hydrog ? ? A DC 8  O2 ? ? ? 1_555 D DG 2 N2 ? ? A DC 8  D DG 11 1_555 ? ? ? ? ? ? WATSON-CRICK ? ? ? 
hydrog15 hydrog ? ? A DG 9  N1 ? ? ? 1_555 D DC 1 N3 ? ? A DG 9  D DC 10 1_555 ? ? ? ? ? ? WATSON-CRICK ? ? ? 
hydrog16 hydrog ? ? A DG 9  N2 ? ? ? 1_555 D DC 1 O2 ? ? A DG 9  D DC 10 1_555 ? ? ? ? ? ? WATSON-CRICK ? ? ? 
hydrog17 hydrog ? ? A DG 9  O6 ? ? ? 1_555 D DC 1 N4 ? ? A DG 9  D DC 10 1_555 ? ? ? ? ? ? WATSON-CRICK ? ? ? 
hydrog18 hydrog ? ? A DA 10 N1 ? ? ? 1_555 B DT 5 N3 ? ? A DA 10 B DT 5  1_555 ? ? ? ? ? ? WATSON-CRICK ? ? ? 
hydrog19 hydrog ? ? A DA 10 N6 ? ? ? 1_555 B DT 5 O4 ? ? A DA 10 B DT 5  1_555 ? ? ? ? ? ? WATSON-CRICK ? ? ? 
hydrog20 hydrog ? ? A DG 11 N1 ? ? ? 1_555 B DC 4 N3 ? ? A DG 11 B DC 4  1_555 ? ? ? ? ? ? WATSON-CRICK ? ? ? 
hydrog21 hydrog ? ? A DG 11 N2 ? ? ? 1_555 B DC 4 O2 ? ? A DG 11 B DC 4  1_555 ? ? ? ? ? ? WATSON-CRICK ? ? ? 
hydrog22 hydrog ? ? A DG 11 O6 ? ? ? 1_555 B DC 4 N4 ? ? A DG 11 B DC 4  1_555 ? ? ? ? ? ? WATSON-CRICK ? ? ? 
hydrog23 hydrog ? ? A DA 12 N1 ? ? ? 1_555 B DT 3 N3 ? ? A DA 12 B DT 3  1_555 ? ? ? ? ? ? WATSON-CRICK ? ? ? 
hydrog24 hydrog ? ? A DA 12 N6 ? ? ? 1_555 B DT 3 O4 ? ? A DA 12 B DT 3  1_555 ? ? ? ? ? ? WATSON-CRICK ? ? ? 
hydrog25 hydrog ? ? A DC 13 N3 ? ? ? 1_555 B DG 2 N1 ? ? A DC 13 B DG 2  1_555 ? ? ? ? ? ? WATSON-CRICK ? ? ? 
hydrog26 hydrog ? ? A DC 13 N4 ? ? ? 1_555 B DG 2 O6 ? ? A DC 13 B DG 2  1_555 ? ? ? ? ? ? WATSON-CRICK ? ? ? 
hydrog27 hydrog ? ? A DC 13 O2 ? ? ? 1_555 B DG 2 N2 ? ? A DC 13 B DG 2  1_555 ? ? ? ? ? ? WATSON-CRICK ? ? ? 
hydrog28 hydrog ? ? A DC 14 N3 ? ? ? 1_555 B DG 1 N1 ? ? A DC 14 B DG 1  1_555 ? ? ? ? ? ? WATSON-CRICK ? ? ? 
hydrog29 hydrog ? ? A DC 14 N4 ? ? ? 1_555 B DG 1 O6 ? ? A DC 14 B DG 1  1_555 ? ? ? ? ? ? WATSON-CRICK ? ? ? 
hydrog30 hydrog ? ? A DC 14 O2 ? ? ? 1_555 B DG 1 N2 ? ? A DC 14 B DG 1  1_555 ? ? ? ? ? ? WATSON-CRICK ? ? ? 
hydrog31 hydrog ? ? A DG 15 N1 ? ? ? 1_555 C DC 9 N3 ? ? A DG 15 C DC 9  1_555 ? ? ? ? ? ? WATSON-CRICK ? ? ? 
hydrog32 hydrog ? ? A DG 15 N2 ? ? ? 1_555 C DC 9 O2 ? ? A DG 15 C DC 9  1_555 ? ? ? ? ? ? WATSON-CRICK ? ? ? 
hydrog33 hydrog ? ? A DG 15 O6 ? ? ? 1_555 C DC 9 N4 ? ? A DG 15 C DC 9  1_555 ? ? ? ? ? ? WATSON-CRICK ? ? ? 
hydrog34 hydrog ? ? A DC 16 N3 ? ? ? 1_555 C DG 8 N1 ? ? A DC 16 C DG 8  1_555 ? ? ? ? ? ? WATSON-CRICK ? ? ? 
hydrog35 hydrog ? ? A DC 16 N4 ? ? ? 1_555 C DG 8 O6 ? ? A DC 16 C DG 8  1_555 ? ? ? ? ? ? WATSON-CRICK ? ? ? 
hydrog36 hydrog ? ? A DC 16 O2 ? ? ? 1_555 C DG 8 N2 ? ? A DC 16 C DG 8  1_555 ? ? ? ? ? ? WATSON-CRICK ? ? ? 
hydrog37 hydrog ? ? A DA 17 N1 ? ? ? 1_555 C DT 7 N3 ? ? A DA 17 C DT 7  1_555 ? ? ? ? ? ? WATSON-CRICK ? ? ? 
hydrog38 hydrog ? ? A DA 17 N6 ? ? ? 1_555 C DT 7 O4 ? ? A DA 17 C DT 7  1_555 ? ? ? ? ? ? WATSON-CRICK ? ? ? 
hydrog39 hydrog ? ? A DC 18 N3 ? ? ? 1_555 C DG 6 N1 ? ? A DC 18 C DG 6  1_555 ? ? ? ? ? ? WATSON-CRICK ? ? ? 
hydrog40 hydrog ? ? A DC 18 N4 ? ? ? 1_555 C DG 6 O6 ? ? A DC 18 C DG 6  1_555 ? ? ? ? ? ? WATSON-CRICK ? ? ? 
hydrog41 hydrog ? ? A DC 18 O2 ? ? ? 1_555 C DG 6 N2 ? ? A DC 18 C DG 6  1_555 ? ? ? ? ? ? WATSON-CRICK ? ? ? 
hydrog42 hydrog ? ? A DT 19 N3 ? ? ? 1_555 C DA 5 N1 ? ? A DT 19 C DA 5  1_555 ? ? ? ? ? ? WATSON-CRICK ? ? ? 
hydrog43 hydrog ? ? A DT 19 O4 ? ? ? 1_555 C DA 5 N6 ? ? A DT 19 C DA 5  1_555 ? ? ? ? ? ? WATSON-CRICK ? ? ? 
hydrog44 hydrog ? ? A DC 20 N3 ? ? ? 1_555 C DG 4 N1 ? ? A DC 20 C DG 4  1_555 ? ? ? ? ? ? WATSON-CRICK ? ? ? 
hydrog45 hydrog ? ? A DC 20 N4 ? ? ? 1_555 C DG 4 O6 ? ? A DC 20 C DG 4  1_555 ? ? ? ? ? ? WATSON-CRICK ? ? ? 
hydrog46 hydrog ? ? A DC 20 O2 ? ? ? 1_555 C DG 4 N2 ? ? A DC 20 C DG 4  1_555 ? ? ? ? ? ? WATSON-CRICK ? ? ? 
hydrog47 hydrog ? ? A DA 21 N1 ? ? ? 1_555 C DT 3 N3 ? ? A DA 21 C DT 3  1_555 ? ? ? ? ? ? WATSON-CRICK ? ? ? 
hydrog48 hydrog ? ? A DA 21 N6 ? ? ? 1_555 C DT 3 O4 ? ? A DA 21 C DT 3  1_555 ? ? ? ? ? ? WATSON-CRICK ? ? ? 
# 
_struct_conn_type.id          hydrog 
_struct_conn_type.criteria    ? 
_struct_conn_type.reference   ? 
# 
_struct_site.id                   AC1 
_struct_site.pdbx_evidence_code   Software 
_struct_site.pdbx_auth_asym_id    B 
_struct_site.pdbx_auth_comp_id    CO 
_struct_site.pdbx_auth_seq_id     101 
_struct_site.pdbx_auth_ins_code   ? 
_struct_site.pdbx_num_residues    2 
_struct_site.details              'binding site for residue CO B 101' 
# 
loop_
_struct_site_gen.id 
_struct_site_gen.site_id 
_struct_site_gen.pdbx_num_res 
_struct_site_gen.label_comp_id 
_struct_site_gen.label_asym_id 
_struct_site_gen.label_seq_id 
_struct_site_gen.pdbx_auth_ins_code 
_struct_site_gen.auth_comp_id 
_struct_site_gen.auth_asym_id 
_struct_site_gen.auth_seq_id 
_struct_site_gen.label_atom_id 
_struct_site_gen.label_alt_id 
_struct_site_gen.symmetry 
_struct_site_gen.details 
1 AC1 2 DG B 1 ? DG B 1 . ? 1_555 ? 
2 AC1 2 DG B 2 ? DG B 2 . ? 1_555 ? 
# 
_atom_sites.entry_id                    6WT0 
_atom_sites.Cartn_transf_matrix[1][1]   ? 
_atom_sites.Cartn_transf_matrix[1][2]   ? 
_atom_sites.Cartn_transf_matrix[1][3]   ? 
_atom_sites.Cartn_transf_matrix[2][1]   ? 
_atom_sites.Cartn_transf_matrix[2][2]   ? 
_atom_sites.Cartn_transf_matrix[2][3]   ? 
_atom_sites.Cartn_transf_matrix[3][1]   ? 
_atom_sites.Cartn_transf_matrix[3][2]   ? 
_atom_sites.Cartn_transf_matrix[3][3]   ? 
_atom_sites.Cartn_transf_vector[1]      ? 
_atom_sites.Cartn_transf_vector[2]      ? 
_atom_sites.Cartn_transf_vector[3]      ? 
_atom_sites.fract_transf_matrix[1][1]   -0.00585023 
_atom_sites.fract_transf_matrix[1][2]   -0.01503912 
_atom_sites.fract_transf_matrix[1][3]   0.00448214 
_atom_sites.fract_transf_matrix[2][1]   -0.01557500 
_atom_sites.fract_transf_matrix[2][2]   -0.00148624 
_atom_sites.fract_transf_matrix[2][3]   0.00597265 
_atom_sites.fract_transf_matrix[3][1]   -0.00576214 
_atom_sites.fract_transf_matrix[3][2]   -0.00241594 
_atom_sites.fract_transf_matrix[3][3]   -0.01562722 
_atom_sites.fract_transf_vector[1]      0.282592 
_atom_sites.fract_transf_vector[2]      0.589480 
_atom_sites.fract_transf_vector[3]      0.139906 
_atom_sites.solution_primary            ? 
_atom_sites.solution_secondary          ? 
_atom_sites.solution_hydrogens          ? 
_atom_sites.special_details             ? 
# 
loop_
_atom_type.symbol 
C  
CO 
N  
O  
P  
# 
loop_
_atom_site.group_PDB 
_atom_site.id 
_atom_site.type_symbol 
_atom_site.label_atom_id 
_atom_site.label_alt_id 
_atom_site.label_comp_id 
_atom_site.label_asym_id 
_atom_site.label_entity_id 
_atom_site.label_seq_id 
_atom_site.pdbx_PDB_ins_code 
_atom_site.Cartn_x 
_atom_site.Cartn_y 
_atom_site.Cartn_z 
_atom_site.occupancy 
_atom_site.B_iso_or_equiv 
_atom_site.pdbx_formal_charge 
_atom_site.auth_seq_id 
_atom_site.auth_comp_id 
_atom_site.auth_asym_id 
_atom_site.auth_atom_id 
_atom_site.pdbx_PDB_model_num 
ATOM   1   O  "O5'" . DG A 1 1  ? -10.300 34.347  2.223   1.00 154.85 ? 1   DG A "O5'" 1 
ATOM   2   C  "C5'" . DG A 1 1  ? -11.472 34.894  1.627   1.00 153.90 ? 1   DG A "C5'" 1 
ATOM   3   C  "C4'" . DG A 1 1  ? -11.280 35.072  0.132   1.00 154.21 ? 1   DG A "C4'" 1 
ATOM   4   O  "O4'" . DG A 1 1  ? -10.113 35.882  -0.098  1.00 148.41 ? 1   DG A "O4'" 1 
ATOM   5   C  "C3'" . DG A 1 1  ? -11.028 33.785  -0.634  1.00 157.18 ? 1   DG A "C3'" 1 
ATOM   6   O  "O3'" . DG A 1 1  ? -12.265 33.245  -1.075  1.00 162.85 ? 1   DG A "O3'" 1 
ATOM   7   C  "C2'" . DG A 1 1  ? -10.169 34.234  -1.817  1.00 152.03 ? 1   DG A "C2'" 1 
ATOM   8   C  "C1'" . DG A 1 1  ? -9.496  35.510  -1.311  1.00 145.76 ? 1   DG A "C1'" 1 
ATOM   9   N  N9    . DG A 1 1  ? -8.055  35.399  -1.078  1.00 142.57 ? 1   DG A N9    1 
ATOM   10  C  C8    . DG A 1 1  ? -7.409  35.430  0.137   1.00 140.02 ? 1   DG A C8    1 
ATOM   11  N  N7    . DG A 1 1  ? -6.111  35.345  0.038   1.00 137.22 ? 1   DG A N7    1 
ATOM   12  C  C5    . DG A 1 1  ? -5.878  35.260  -1.329  1.00 139.97 ? 1   DG A C5    1 
ATOM   13  C  C6    . DG A 1 1  ? -4.660  35.147  -2.041  1.00 139.91 ? 1   DG A C6    1 
ATOM   14  O  O6    . DG A 1 1  ? -3.508  35.098  -1.587  1.00 136.75 ? 1   DG A O6    1 
ATOM   15  N  N1    . DG A 1 1  ? -4.871  35.090  -3.418  1.00 141.93 ? 1   DG A N1    1 
ATOM   16  C  C2    . DG A 1 1  ? -6.103  35.136  -4.027  1.00 142.58 ? 1   DG A C2    1 
ATOM   17  N  N2    . DG A 1 1  ? -6.108  35.066  -5.366  1.00 142.99 ? 1   DG A N2    1 
ATOM   18  N  N3    . DG A 1 1  ? -7.254  35.242  -3.372  1.00 141.53 ? 1   DG A N3    1 
ATOM   19  C  C4    . DG A 1 1  ? -7.066  35.294  -2.031  1.00 141.55 ? 1   DG A C4    1 
ATOM   20  P  P     . DA A 1 2  ? -12.404 31.673  -1.373  1.00 169.54 ? 2   DA A P     1 
ATOM   21  O  OP1   . DA A 1 2  ? -13.851 31.364  -1.444  1.00 181.45 ? 2   DA A OP1   1 
ATOM   22  O  OP2   . DA A 1 2  ? -11.541 30.957  -0.406  1.00 169.95 ? 2   DA A OP2   1 
ATOM   23  O  "O5'" . DA A 1 2  ? -11.759 31.494  -2.828  1.00 160.24 ? 2   DA A "O5'" 1 
ATOM   24  C  "C5'" . DA A 1 2  ? -12.458 31.953  -3.981  1.00 158.20 ? 2   DA A "C5'" 1 
ATOM   25  C  "C4'" . DA A 1 2  ? -11.586 31.849  -5.220  1.00 156.76 ? 2   DA A "C4'" 1 
ATOM   26  O  "O4'" . DA A 1 2  ? -10.271 32.390  -4.928  1.00 153.28 ? 2   DA A "O4'" 1 
ATOM   27  C  "C3'" . DA A 1 2  ? -11.340 30.431  -5.724  1.00 159.94 ? 2   DA A "C3'" 1 
ATOM   28  O  "O3'" . DA A 1 2  ? -11.174 30.437  -7.139  1.00 163.88 ? 2   DA A "O3'" 1 
ATOM   29  C  "C2'" . DA A 1 2  ? -10.045 30.054  -5.019  1.00 155.61 ? 2   DA A "C2'" 1 
ATOM   30  C  "C1'" . DA A 1 2  ? -9.294  31.377  -5.059  1.00 152.19 ? 2   DA A "C1'" 1 
ATOM   31  N  N9    . DA A 1 2  ? -8.328  31.523  -3.977  1.00 149.19 ? 2   DA A N9    1 
ATOM   32  C  C8    . DA A 1 2  ? -8.590  31.558  -2.638  1.00 147.16 ? 2   DA A C8    1 
ATOM   33  N  N7    . DA A 1 2  ? -7.521  31.698  -1.892  1.00 144.95 ? 2   DA A N7    1 
ATOM   34  C  C5    . DA A 1 2  ? -6.483  31.748  -2.807  1.00 146.39 ? 2   DA A C5    1 
ATOM   35  C  C6    . DA A 1 2  ? -5.089  31.884  -2.656  1.00 147.00 ? 2   DA A C6    1 
ATOM   36  N  N6    . DA A 1 2  ? -4.488  31.997  -1.467  1.00 146.50 ? 2   DA A N6    1 
ATOM   37  N  N1    . DA A 1 2  ? -4.335  31.897  -3.777  1.00 146.42 ? 2   DA A N1    1 
ATOM   38  C  C2    . DA A 1 2  ? -4.943  31.788  -4.965  1.00 146.75 ? 2   DA A C2    1 
ATOM   39  N  N3    . DA A 1 2  ? -6.243  31.652  -5.231  1.00 147.01 ? 2   DA A N3    1 
ATOM   40  C  C4    . DA A 1 2  ? -6.964  31.643  -4.099  1.00 147.63 ? 2   DA A C4    1 
ATOM   41  P  P     . DG A 1 3  ? -10.835 29.073  -7.922  1.00 166.65 ? 3   DG A P     1 
ATOM   42  O  OP1   . DG A 1 3  ? -11.327 29.224  -9.311  1.00 162.28 ? 3   DG A OP1   1 
ATOM   43  O  OP2   . DG A 1 3  ? -11.305 27.941  -7.090  1.00 166.64 ? 3   DG A OP2   1 
ATOM   44  O  "O5'" . DG A 1 3  ? -9.235  29.027  -7.958  1.00 156.03 ? 3   DG A "O5'" 1 
ATOM   45  C  "C5'" . DG A 1 3  ? -8.522  29.909  -8.815  1.00 154.54 ? 3   DG A "C5'" 1 
ATOM   46  C  "C4'" . DG A 1 3  ? -7.171  29.330  -9.205  1.00 155.84 ? 3   DG A "C4'" 1 
ATOM   47  O  "O4'" . DG A 1 3  ? -6.200  29.586  -8.158  1.00 153.25 ? 3   DG A "O4'" 1 
ATOM   48  C  "C3'" . DG A 1 3  ? -7.141  27.824  -9.446  1.00 157.23 ? 3   DG A "C3'" 1 
ATOM   49  O  "O3'" . DG A 1 3  ? -6.228  27.537  -10.503 1.00 161.05 ? 3   DG A "O3'" 1 
ATOM   50  C  "C2'" . DG A 1 3  ? -6.651  27.278  -8.105  1.00 155.22 ? 3   DG A "C2'" 1 
ATOM   51  C  "C1'" . DG A 1 3  ? -5.678  28.365  -7.668  1.00 152.34 ? 3   DG A "C1'" 1 
ATOM   52  N  N9    . DG A 1 3  ? -5.539  28.495  -6.219  1.00 148.65 ? 3   DG A N9    1 
ATOM   53  C  C8    . DG A 1 3  ? -6.556  28.599  -5.300  1.00 146.54 ? 3   DG A C8    1 
ATOM   54  N  N7    . DG A 1 3  ? -6.134  28.726  -4.072  1.00 145.55 ? 3   DG A N7    1 
ATOM   55  C  C5    . DG A 1 3  ? -4.749  28.710  -4.182  1.00 147.03 ? 3   DG A C5    1 
ATOM   56  C  C6    . DG A 1 3  ? -3.754  28.816  -3.182  1.00 148.44 ? 3   DG A C6    1 
ATOM   57  O  O6    . DG A 1 3  ? -3.904  28.948  -1.959  1.00 149.04 ? 3   DG A O6    1 
ATOM   58  N  N1    . DG A 1 3  ? -2.470  28.758  -3.721  1.00 149.02 ? 3   DG A N1    1 
ATOM   59  C  C2    . DG A 1 3  ? -2.183  28.619  -5.060  1.00 148.87 ? 3   DG A C2    1 
ATOM   60  N  N2    . DG A 1 3  ? -0.883  28.581  -5.389  1.00 148.29 ? 3   DG A N2    1 
ATOM   61  N  N3    . DG A 1 3  ? -3.107  28.520  -6.010  1.00 148.32 ? 3   DG A N3    1 
ATOM   62  C  C4    . DG A 1 3  ? -4.365  28.574  -5.500  1.00 147.90 ? 3   DG A C4    1 
ATOM   63  P  P     . DC A 1 4  ? -5.897  26.021  -10.921 1.00 167.19 ? 4   DC A P     1 
ATOM   64  O  OP1   . DC A 1 4  ? -5.535  26.034  -12.356 1.00 164.42 ? 4   DC A OP1   1 
ATOM   65  O  OP2   . DC A 1 4  ? -7.005  25.154  -10.457 1.00 166.14 ? 4   DC A OP2   1 
ATOM   66  O  "O5'" . DC A 1 4  ? -4.587  25.672  -10.068 1.00 161.52 ? 4   DC A "O5'" 1 
ATOM   67  C  "C5'" . DC A 1 4  ? -3.491  26.585  -10.044 1.00 158.69 ? 4   DC A "C5'" 1 
ATOM   68  C  "C4'" . DC A 1 4  ? -2.245  25.931  -9.468  1.00 159.15 ? 4   DC A "C4'" 1 
ATOM   69  O  "O4'" . DC A 1 4  ? -2.178  26.166  -8.035  1.00 154.45 ? 4   DC A "O4'" 1 
ATOM   70  C  "C3'" . DC A 1 4  ? -2.165  24.418  -9.648  1.00 160.80 ? 4   DC A "C3'" 1 
ATOM   71  O  "O3'" . DC A 1 4  ? -0.816  24.033  -9.869  1.00 164.88 ? 4   DC A "O3'" 1 
ATOM   72  C  "C2'" . DC A 1 4  ? -2.679  23.900  -8.307  1.00 156.74 ? 4   DC A "C2'" 1 
ATOM   73  C  "C1'" . DC A 1 4  ? -2.089  24.929  -7.356  1.00 153.36 ? 4   DC A "C1'" 1 
ATOM   74  N  N1    . DC A 1 4  ? -2.821  25.054  -6.059  1.00 150.50 ? 4   DC A N1    1 
ATOM   75  C  C2    . DC A 1 4  ? -2.099  25.217  -4.868  1.00 151.23 ? 4   DC A C2    1 
ATOM   76  O  O2    . DC A 1 4  ? -0.862  25.244  -4.911  1.00 150.49 ? 4   DC A O2    1 
ATOM   77  N  N3    . DC A 1 4  ? -2.781  25.338  -3.700  1.00 150.81 ? 4   DC A N3    1 
ATOM   78  C  C4    . DC A 1 4  ? -4.116  25.305  -3.696  1.00 149.84 ? 4   DC A C4    1 
ATOM   79  N  N4    . DC A 1 4  ? -4.744  25.431  -2.522  1.00 150.04 ? 4   DC A N4    1 
ATOM   80  C  C5    . DC A 1 4  ? -4.865  25.144  -4.898  1.00 148.88 ? 4   DC A C5    1 
ATOM   81  C  C6    . DC A 1 4  ? -4.184  25.025  -6.044  1.00 148.76 ? 4   DC A C6    1 
ATOM   82  P  P     . DA A 1 5  ? -0.458  22.930  -10.981 1.00 171.90 ? 5   DA A P     1 
ATOM   83  O  OP1   . DA A 1 5  ? -0.220  23.630  -12.264 1.00 172.79 ? 5   DA A OP1   1 
ATOM   84  O  OP2   . DA A 1 5  ? -1.493  21.875  -10.899 1.00 166.77 ? 5   DA A OP2   1 
ATOM   85  O  "O5'" . DA A 1 5  ? 0.933   22.320  -10.476 1.00 168.58 ? 5   DA A "O5'" 1 
ATOM   86  C  "C5'" . DA A 1 5  ? 2.108   23.124  -10.500 1.00 165.25 ? 5   DA A "C5'" 1 
ATOM   87  C  "C4'" . DA A 1 5  ? 3.023   22.800  -9.330  1.00 168.01 ? 5   DA A "C4'" 1 
ATOM   88  O  "O4'" . DA A 1 5  ? 2.326   23.035  -8.079  1.00 162.09 ? 5   DA A "O4'" 1 
ATOM   89  C  "C3'" . DA A 1 5  ? 3.526   21.363  -9.269  1.00 173.78 ? 5   DA A "C3'" 1 
ATOM   90  O  "O3'" . DA A 1 5  ? 4.872   21.354  -8.796  1.00 184.57 ? 5   DA A "O3'" 1 
ATOM   91  C  "C2'" . DA A 1 5  ? 2.564   20.701  -8.280  1.00 166.05 ? 5   DA A "C2'" 1 
ATOM   92  C  "C1'" . DA A 1 5  ? 2.264   21.842  -7.319  1.00 160.83 ? 5   DA A "C1'" 1 
ATOM   93  N  N9    . DA A 1 5  ? 0.937   21.770  -6.712  1.00 156.20 ? 5   DA A N9    1 
ATOM   94  C  C8    . DA A 1 5  ? -0.260  21.634  -7.360  1.00 154.86 ? 5   DA A C8    1 
ATOM   95  N  N7    . DA A 1 5  ? -1.298  21.614  -6.557  1.00 149.75 ? 5   DA A N7    1 
ATOM   96  C  C5    . DA A 1 5  ? -0.748  21.757  -5.296  1.00 148.53 ? 5   DA A C5    1 
ATOM   97  C  C6    . DA A 1 5  ? -1.323  21.813  -4.010  1.00 145.87 ? 5   DA A C6    1 
ATOM   98  N  N6    . DA A 1 5  ? -2.640  21.728  -3.788  1.00 141.83 ? 5   DA A N6    1 
ATOM   99  N  N1    . DA A 1 5  ? -0.491  21.962  -2.959  1.00 147.11 ? 5   DA A N1    1 
ATOM   100 C  C2    . DA A 1 5  ? 0.828   22.047  -3.187  1.00 148.11 ? 5   DA A C2    1 
ATOM   101 N  N3    . DA A 1 5  ? 1.485   22.004  -4.348  1.00 148.60 ? 5   DA A N3    1 
ATOM   102 C  C4    . DA A 1 5  ? 0.630   21.858  -5.373  1.00 151.35 ? 5   DA A C4    1 
ATOM   103 P  P     . DG A 1 6  ? 5.627   19.970  -8.486  1.00 187.49 ? 6   DG A P     1 
ATOM   104 O  OP1   . DG A 1 6  ? 7.079   20.222  -8.618  1.00 199.19 ? 6   DG A OP1   1 
ATOM   105 O  OP2   . DG A 1 6  ? 4.994   18.906  -9.296  1.00 186.88 ? 6   DG A OP2   1 
ATOM   106 O  "O5'" . DG A 1 6  ? 5.290   19.704  -6.947  1.00 170.06 ? 6   DG A "O5'" 1 
ATOM   107 C  "C5'" . DG A 1 6  ? 5.919   18.645  -6.252  1.00 166.50 ? 6   DG A "C5'" 1 
ATOM   108 C  "C4'" . DG A 1 6  ? 5.934   18.927  -4.763  1.00 162.00 ? 6   DG A "C4'" 1 
ATOM   109 O  "O4'" . DG A 1 6  ? 4.672   19.536  -4.372  1.00 158.29 ? 6   DG A "O4'" 1 
ATOM   110 C  "C3'" . DG A 1 6  ? 6.099   17.698  -3.877  1.00 158.43 ? 6   DG A "C3'" 1 
ATOM   111 O  "O3'" . DG A 1 6  ? 6.871   18.027  -2.732  1.00 162.82 ? 6   DG A "O3'" 1 
ATOM   112 C  "C2'" . DG A 1 6  ? 4.662   17.365  -3.500  1.00 153.74 ? 6   DG A "C2'" 1 
ATOM   113 C  "C1'" . DG A 1 6  ? 4.061   18.754  -3.370  1.00 152.73 ? 6   DG A "C1'" 1 
ATOM   114 N  N9    . DG A 1 6  ? 2.616   18.776  -3.572  1.00 149.14 ? 6   DG A N9    1 
ATOM   115 C  C8    . DG A 1 6  ? 1.941   18.706  -4.768  1.00 147.99 ? 6   DG A C8    1 
ATOM   116 N  N7    . DG A 1 6  ? 0.643   18.739  -4.633  1.00 145.98 ? 6   DG A N7    1 
ATOM   117 C  C5    . DG A 1 6  ? 0.446   18.831  -3.259  1.00 146.38 ? 6   DG A C5    1 
ATOM   118 C  C6    . DG A 1 6  ? -0.755  18.906  -2.511  1.00 144.17 ? 6   DG A C6    1 
ATOM   119 O  O6    . DG A 1 6  ? -1.919  18.902  -2.929  1.00 141.92 ? 6   DG A O6    1 
ATOM   120 N  N1    . DG A 1 6  ? -0.505  18.993  -1.140  1.00 143.74 ? 6   DG A N1    1 
ATOM   121 C  C2    . DG A 1 6  ? 0.747   19.008  -0.568  1.00 145.55 ? 6   DG A C2    1 
ATOM   122 N  N2    . DG A 1 6  ? 0.796   19.092  0.770   1.00 145.69 ? 6   DG A N2    1 
ATOM   123 N  N3    . DG A 1 6  ? 1.877   18.939  -1.261  1.00 146.29 ? 6   DG A N3    1 
ATOM   124 C  C4    . DG A 1 6  ? 1.651   18.855  -2.594  1.00 147.44 ? 6   DG A C4    1 
ATOM   125 P  P     . DA A 1 7  ? 7.329   16.875  -1.710  1.00 168.66 ? 7   DA A P     1 
ATOM   126 O  OP1   . DA A 1 7  ? 8.485   17.393  -0.945  1.00 164.93 ? 7   DA A OP1   1 
ATOM   127 O  OP2   . DA A 1 7  ? 7.457   15.615  -2.478  1.00 164.85 ? 7   DA A OP2   1 
ATOM   128 O  "O5'" . DA A 1 7  ? 6.084   16.724  -0.717  1.00 157.96 ? 7   DA A "O5'" 1 
ATOM   129 C  "C5'" . DA A 1 7  ? 5.687   17.820  0.096   1.00 154.56 ? 7   DA A "C5'" 1 
ATOM   130 C  "C4'" . DA A 1 7  ? 5.245   17.352  1.475   1.00 154.98 ? 7   DA A "C4'" 1 
ATOM   131 O  "O4'" . DA A 1 7  ? 3.801   17.346  1.550   1.00 152.46 ? 7   DA A "O4'" 1 
ATOM   132 C  "C3'" . DA A 1 7  ? 5.671   15.945  1.858   1.00 155.03 ? 7   DA A "C3'" 1 
ATOM   133 O  "O3'" . DA A 1 7  ? 5.789   15.849  3.276   1.00 158.90 ? 7   DA A "O3'" 1 
ATOM   134 C  "C2'" . DA A 1 7  ? 4.520   15.089  1.327   1.00 150.31 ? 7   DA A "C2'" 1 
ATOM   135 C  "C1'" . DA A 1 7  ? 3.312   16.016  1.481   1.00 148.75 ? 7   DA A "C1'" 1 
ATOM   136 N  N9    . DA A 1 7  ? 2.377   15.942  0.363   1.00 144.14 ? 7   DA A N9    1 
ATOM   137 C  C8    . DA A 1 7  ? 2.690   15.942  -0.969  1.00 144.21 ? 7   DA A C8    1 
ATOM   138 N  N7    . DA A 1 7  ? 1.644   15.876  -1.759  1.00 142.48 ? 7   DA A N7    1 
ATOM   139 C  C5    . DA A 1 7  ? 0.569   15.837  -0.885  1.00 139.29 ? 7   DA A C5    1 
ATOM   140 C  C6    . DA A 1 7  ? -0.823  15.766  -1.098  1.00 135.88 ? 7   DA A C6    1 
ATOM   141 N  N6    . DA A 1 7  ? -1.379  15.720  -2.313  1.00 134.99 ? 7   DA A N6    1 
ATOM   142 N  N1    . DA A 1 7  ? -1.623  15.745  -0.009  1.00 132.49 ? 7   DA A N1    1 
ATOM   143 C  C2    . DA A 1 7  ? -1.061  15.791  1.205   1.00 133.32 ? 7   DA A C2    1 
ATOM   144 N  N3    . DA A 1 7  ? 0.232   15.860  1.529   1.00 136.92 ? 7   DA A N3    1 
ATOM   145 C  C4    . DA A 1 7  ? 1.001   15.881  0.426   1.00 140.00 ? 7   DA A C4    1 
ATOM   146 P  P     . DC A 1 8  ? 6.155   14.448  3.976   1.00 166.43 ? 8   DC A P     1 
ATOM   147 O  OP1   . DC A 1 8  ? 6.763   14.756  5.290   1.00 163.26 ? 8   DC A OP1   1 
ATOM   148 O  OP2   . DC A 1 8  ? 6.899   13.623  2.997   1.00 165.49 ? 8   DC A OP2   1 
ATOM   149 O  "O5'" . DC A 1 8  ? 4.731   13.763  4.225   1.00 157.06 ? 8   DC A "O5'" 1 
ATOM   150 C  "C5'" . DC A 1 8  ? 3.711   14.494  4.890   1.00 151.10 ? 8   DC A "C5'" 1 
ATOM   151 C  "C4'" . DC A 1 8  ? 2.444   13.668  5.031   1.00 148.68 ? 8   DC A "C4'" 1 
ATOM   152 O  "O4'" . DC A 1 8  ? 1.633   13.786  3.834   1.00 146.39 ? 8   DC A "O4'" 1 
ATOM   153 C  "C3'" . DC A 1 8  ? 2.655   12.169  5.266   1.00 142.75 ? 8   DC A "C3'" 1 
ATOM   154 O  "O3'" . DC A 1 8  ? 1.905   11.777  6.415   1.00 144.47 ? 8   DC A "O3'" 1 
ATOM   155 C  "C2'" . DC A 1 8  ? 2.122   11.525  3.975   1.00 137.57 ? 8   DC A "C2'" 1 
ATOM   156 C  "C1'" . DC A 1 8  ? 1.073   12.531  3.540   1.00 139.66 ? 8   DC A "C1'" 1 
ATOM   157 N  N1    . DC A 1 8  ? 0.752   12.488  2.079   1.00 135.23 ? 8   DC A N1    1 
ATOM   158 C  C2    . DC A 1 8  ? -0.584  12.376  1.663   1.00 128.60 ? 8   DC A C2    1 
ATOM   159 O  O2    . DC A 1 8  ? -1.475  12.299  2.518   1.00 125.66 ? 8   DC A O2    1 
ATOM   160 N  N3    . DC A 1 8  ? -0.857  12.344  0.334   1.00 124.93 ? 8   DC A N3    1 
ATOM   161 C  C4    . DC A 1 8  ? 0.139   12.426  -0.552  1.00 127.25 ? 8   DC A C4    1 
ATOM   162 N  N4    . DC A 1 8  ? -0.173  12.393  -1.851  1.00 126.64 ? 8   DC A N4    1 
ATOM   163 C  C5    . DC A 1 8  ? 1.502   12.546  -0.146  1.00 131.35 ? 8   DC A C5    1 
ATOM   164 C  C6    . DC A 1 8  ? 1.759   12.574  1.165   1.00 133.87 ? 8   DC A C6    1 
ATOM   165 P  P     . DG A 1 9  ? 1.950   10.275  6.989   1.00 154.91 ? 9   DG A P     1 
ATOM   166 O  OP1   . DG A 1 9  ? 2.450   10.358  8.380   1.00 154.96 ? 9   DG A OP1   1 
ATOM   167 O  OP2   . DG A 1 9  ? 2.645   9.387   6.028   1.00 146.64 ? 9   DG A OP2   1 
ATOM   168 O  "O5'" . DG A 1 9  ? 0.404   9.869   7.031   1.00 142.74 ? 9   DG A "O5'" 1 
ATOM   169 C  "C5'" . DG A 1 9  ? -0.474  10.424  6.066   1.00 135.59 ? 9   DG A "C5'" 1 
ATOM   170 C  "C4'" . DG A 1 9  ? -1.924  10.149  6.396   1.00 134.91 ? 9   DG A "C4'" 1 
ATOM   171 O  "O4'" . DG A 1 9  ? -2.696  10.287  5.185   1.00 131.66 ? 9   DG A "O4'" 1 
ATOM   172 C  "C3'" . DG A 1 9  ? -2.225  8.737   6.833   1.00 136.45 ? 9   DG A "C3'" 1 
ATOM   173 O  "O3'" . DG A 1 9  ? -3.553  8.692   7.349   1.00 134.11 ? 9   DG A "O3'" 1 
ATOM   174 C  "C2'" . DG A 1 9  ? -2.127  8.011   5.497   1.00 132.38 ? 9   DG A "C2'" 1 
ATOM   175 C  "C1'" . DG A 1 9  ? -2.816  9.013   4.571   1.00 128.72 ? 9   DG A "C1'" 1 
ATOM   176 N  N9    . DG A 1 9  ? -2.234  9.088   3.236   1.00 123.32 ? 9   DG A N9    1 
ATOM   177 C  C8    . DG A 1 9  ? -0.912  9.282   2.905   1.00 126.00 ? 9   DG A C8    1 
ATOM   178 N  N7    . DG A 1 9  ? -0.700  9.312   1.618   1.00 124.37 ? 9   DG A N7    1 
ATOM   179 C  C5    . DG A 1 9  ? -1.963  9.134   1.065   1.00 117.07 ? 9   DG A C5    1 
ATOM   180 C  C6    . DG A 1 9  ? -2.368  9.077   -0.289  1.00 109.10 ? 9   DG A C6    1 
ATOM   181 O  O6    . DG A 1 9  ? -1.670  9.180   -1.306  1.00 105.29 ? 9   DG A O6    1 
ATOM   182 N  N1    . DG A 1 9  ? -3.745  8.880   -0.404  1.00 106.45 ? 9   DG A N1    1 
ATOM   183 C  C2    . DG A 1 9  ? -4.615  8.755   0.657   1.00 110.75 ? 9   DG A C2    1 
ATOM   184 N  N2    . DG A 1 9  ? -5.910  8.563   0.364   1.00 105.82 ? 9   DG A N2    1 
ATOM   185 N  N3    . DG A 1 9  ? -4.242  8.803   1.924   1.00 115.51 ? 9   DG A N3    1 
ATOM   186 C  C4    . DG A 1 9  ? -2.911  8.996   2.052   1.00 117.98 ? 9   DG A C4    1 
ATOM   187 P  P     . DA A 1 10 ? -4.145  7.356   8.021   1.00 143.89 ? 10  DA A P     1 
ATOM   188 O  OP1   . DA A 1 10 ? -4.381  7.660   9.451   1.00 146.72 ? 10  DA A OP1   1 
ATOM   189 O  OP2   . DA A 1 10 ? -3.306  6.194   7.646   1.00 140.20 ? 10  DA A OP2   1 
ATOM   190 O  "O5'" . DA A 1 10 ? -5.568  7.183   7.313   1.00 134.39 ? 10  DA A "O5'" 1 
ATOM   191 C  "C5'" . DA A 1 10 ? -5.693  7.375   5.909   1.00 125.41 ? 10  DA A "C5'" 1 
ATOM   192 C  "C4'" . DA A 1 10 ? -7.042  6.886   5.424   1.00 124.06 ? 10  DA A "C4'" 1 
ATOM   193 O  "O4'" . DA A 1 10 ? -7.068  6.885   3.978   1.00 119.16 ? 10  DA A "O4'" 1 
ATOM   194 C  "C3'" . DA A 1 10 ? -7.369  5.466   5.814   1.00 122.18 ? 10  DA A "C3'" 1 
ATOM   195 O  "O3'" . DA A 1 10 ? -8.773  5.276   5.793   1.00 123.84 ? 10  DA A "O3'" 1 
ATOM   196 C  "C2'" . DA A 1 10 ? -6.669  4.668   4.717   1.00 118.36 ? 10  DA A "C2'" 1 
ATOM   197 C  "C1'" . DA A 1 10 ? -6.821  5.578   3.492   1.00 113.00 ? 10  DA A "C1'" 1 
ATOM   198 N  N9    . DA A 1 10 ? -5.631  5.639   2.646   1.00 111.70 ? 10  DA A N9    1 
ATOM   199 C  C8    . DA A 1 10 ? -4.342  5.858   3.054   1.00 112.88 ? 10  DA A C8    1 
ATOM   200 N  N7    . DA A 1 10 ? -3.469  5.881   2.073   1.00 110.52 ? 10  DA A N7    1 
ATOM   201 C  C5    . DA A 1 10 ? -4.240  5.665   0.937   1.00 105.81 ? 10  DA A C5    1 
ATOM   202 C  C6    . DA A 1 10 ? -3.903  5.585   -0.430  1.00 100.97 ? 10  DA A C6    1 
ATOM   203 N  N6    . DA A 1 10 ? -2.657  5.708   -0.894  1.00 100.37 ? 10  DA A N6    1 
ATOM   204 N  N1    . DA A 1 10 ? -4.910  5.364   -1.305  1.00 98.07  ? 10  DA A N1    1 
ATOM   205 C  C2    . DA A 1 10 ? -6.158  5.240   -0.836  1.00 101.27 ? 10  DA A C2    1 
ATOM   206 N  N3    . DA A 1 10 ? -6.594  5.301   0.426   1.00 105.03 ? 10  DA A N3    1 
ATOM   207 C  C4    . DA A 1 10 ? -5.571  5.521   1.273   1.00 107.86 ? 10  DA A C4    1 
ATOM   208 P  P     . DG A 1 11 ? -9.417  3.929   6.385   1.00 135.26 ? 11  DG A P     1 
ATOM   209 O  OP1   . DG A 1 11 ? -10.702 4.285   7.032   1.00 129.77 ? 11  DG A OP1   1 
ATOM   210 O  OP2   . DG A 1 11 ? -8.374  3.234   7.178   1.00 134.02 ? 11  DG A OP2   1 
ATOM   211 O  "O5'" . DG A 1 11 ? -9.729  3.063   5.076   1.00 127.44 ? 11  DG A "O5'" 1 
ATOM   212 C  "C5'" . DG A 1 11 ? -10.531 3.623   4.045   1.00 120.03 ? 11  DG A "C5'" 1 
ATOM   213 C  "C4'" . DG A 1 11 ? -10.485 2.778   2.785   1.00 117.49 ? 11  DG A "C4'" 1 
ATOM   214 O  "O4'" . DG A 1 11 ? -9.251  3.020   2.064   1.00 116.09 ? 11  DG A "O4'" 1 
ATOM   215 C  "C3'" . DG A 1 11 ? -10.565 1.269   3.000   1.00 110.76 ? 11  DG A "C3'" 1 
ATOM   216 O  "O3'" . DG A 1 11 ? -11.475 0.730   2.068   1.00 112.46 ? 11  DG A "O3'" 1 
ATOM   217 C  "C2'" . DG A 1 11 ? -9.131  0.798   2.733   1.00 106.64 ? 11  DG A "C2'" 1 
ATOM   218 C  "C1'" . DG A 1 11 ? -8.686  1.790   1.676   1.00 105.86 ? 11  DG A "C1'" 1 
ATOM   219 N  N9    . DG A 1 11 ? -7.240  1.978   1.588   1.00 103.02 ? 11  DG A N9    1 
ATOM   220 C  C8    . DG A 1 11 ? -6.368  2.217   2.620   1.00 105.05 ? 11  DG A C8    1 
ATOM   221 N  N7    . DG A 1 11 ? -5.132  2.381   2.231   1.00 99.18  ? 11  DG A N7    1 
ATOM   222 C  C5    . DG A 1 11 ? -5.192  2.245   0.852   1.00 97.55  ? 11  DG A C5    1 
ATOM   223 C  C6    . DG A 1 11 ? -4.162  2.319   -0.118  1.00 100.32 ? 11  DG A C6    1 
ATOM   224 O  O6    . DG A 1 11 ? -2.953  2.523   0.058   1.00 103.72 ? 11  DG A O6    1 
ATOM   225 N  N1    . DG A 1 11 ? -4.654  2.122   -1.407  1.00 98.52  ? 11  DG A N1    1 
ATOM   226 C  C2    . DG A 1 11 ? -5.972  1.888   -1.718  1.00 98.45  ? 11  DG A C2    1 
ATOM   227 N  N2    . DG A 1 11 ? -6.262  1.719   -3.017  1.00 101.59 ? 11  DG A N2    1 
ATOM   228 N  N3    . DG A 1 11 ? -6.943  1.815   -0.817  1.00 98.52  ? 11  DG A N3    1 
ATOM   229 C  C4    . DG A 1 11 ? -6.482  2.004   0.440   1.00 98.88  ? 11  DG A C4    1 
ATOM   230 P  P     . DA A 1 12 ? -11.944 -0.801  2.161   1.00 121.71 ? 12  DA A P     1 
ATOM   231 O  OP1   . DA A 1 12 ? -13.423 -0.808  2.073   1.00 108.82 ? 12  DA A OP1   1 
ATOM   232 O  OP2   . DA A 1 12 ? -11.267 -1.443  3.313   1.00 116.30 ? 12  DA A OP2   1 
ATOM   233 O  "O5'" . DA A 1 12 ? -11.360 -1.431  0.817   1.00 111.53 ? 12  DA A "O5'" 1 
ATOM   234 C  "C5'" . DA A 1 12 ? -11.354 -0.653  -0.369  1.00 110.93 ? 12  DA A "C5'" 1 
ATOM   235 C  "C4'" . DA A 1 12 ? -10.441 -1.271  -1.402  1.00 111.63 ? 12  DA A "C4'" 1 
ATOM   236 O  "O4'" . DA A 1 12 ? -9.095  -0.738  -1.253  1.00 111.95 ? 12  DA A "O4'" 1 
ATOM   237 C  "C3'" . DA A 1 12 ? -10.311 -2.793  -1.297  1.00 108.25 ? 12  DA A "C3'" 1 
ATOM   238 O  "O3'" . DA A 1 12 ? -10.419 -3.383  -2.583  1.00 113.46 ? 12  DA A "O3'" 1 
ATOM   239 C  "C2'" . DA A 1 12 ? -8.915  -2.979  -0.714  1.00 106.98 ? 12  DA A "C2'" 1 
ATOM   240 C  "C1'" . DA A 1 12 ? -8.185  -1.802  -1.332  1.00 103.74 ? 12  DA A "C1'" 1 
ATOM   241 N  N9    . DA A 1 12 ? -6.953  -1.448  -0.634  1.00 97.64  ? 12  DA A N9    1 
ATOM   242 C  C8    . DA A 1 12 ? -6.786  -1.274  0.713   1.00 97.73  ? 12  DA A C8    1 
ATOM   243 N  N7    . DA A 1 12 ? -5.554  -0.982  1.060   1.00 98.15  ? 12  DA A N7    1 
ATOM   244 C  C5    . DA A 1 12 ? -4.862  -0.970  -0.142  1.00 95.66  ? 12  DA A C5    1 
ATOM   245 C  C6    . DA A 1 12 ? -3.508  -0.726  -0.457  1.00 93.58  ? 12  DA A C6    1 
ATOM   246 N  N6    . DA A 1 12 ? -2.582  -0.427  0.459   1.00 94.61  ? 12  DA A N6    1 
ATOM   247 N  N1    . DA A 1 12 ? -3.146  -0.792  -1.758  1.00 94.61  ? 12  DA A N1    1 
ATOM   248 C  C2    . DA A 1 12 ? -4.079  -1.086  -2.670  1.00 95.20  ? 12  DA A C2    1 
ATOM   249 N  N3    . DA A 1 12 ? -5.378  -1.339  -2.493  1.00 93.70  ? 12  DA A N3    1 
ATOM   250 C  C4    . DA A 1 12 ? -5.708  -1.260  -1.192  1.00 95.68  ? 12  DA A C4    1 
ATOM   251 P  P     . DC A 1 13 ? -10.805 -4.938  -2.729  1.00 129.06 ? 13  DC A P     1 
ATOM   252 O  OP1   . DC A 1 13 ? -12.266 -5.014  -2.965  1.00 124.44 ? 13  DC A OP1   1 
ATOM   253 O  OP2   . DC A 1 13 ? -10.200 -5.686  -1.602  1.00 115.61 ? 13  DC A OP2   1 
ATOM   254 O  "O5'" . DC A 1 13 ? -10.038 -5.401  -4.053  1.00 119.28 ? 13  DC A "O5'" 1 
ATOM   255 C  "C5'" . DC A 1 13 ? -8.955  -6.309  -3.956  1.00 110.32 ? 13  DC A "C5'" 1 
ATOM   256 C  "C4'" . DC A 1 13 ? -7.657  -5.641  -4.363  1.00 109.02 ? 13  DC A "C4'" 1 
ATOM   257 O  "O4'" . DC A 1 13 ? -7.179  -4.817  -3.284  1.00 106.19 ? 13  DC A "O4'" 1 
ATOM   258 C  "C3'" . DC A 1 13 ? -6.512  -6.597  -4.639  1.00 111.67 ? 13  DC A "C3'" 1 
ATOM   259 O  "O3'" . DC A 1 13 ? -6.521  -6.988  -6.006  1.00 115.28 ? 13  DC A "O3'" 1 
ATOM   260 C  "C2'" . DC A 1 13 ? -5.263  -5.774  -4.303  1.00 101.99 ? 13  DC A "C2'" 1 
ATOM   261 C  "C1'" . DC A 1 13 ? -5.799  -4.596  -3.480  1.00 101.46 ? 13  DC A "C1'" 1 
ATOM   262 N  N1    . DC A 1 13 ? -5.132  -4.421  -2.141  1.00 93.92  ? 13  DC A N1    1 
ATOM   263 C  C2    . DC A 1 13 ? -3.747  -4.213  -2.072  1.00 93.20  ? 13  DC A C2    1 
ATOM   264 O  O2    . DC A 1 13 ? -3.089  -4.192  -3.118  1.00 95.21  ? 13  DC A O2    1 
ATOM   265 N  N3    . DC A 1 13 ? -3.169  -4.049  -0.862  1.00 91.61  ? 13  DC A N3    1 
ATOM   266 C  C4    . DC A 1 13 ? -3.911  -4.076  0.244   1.00 94.38  ? 13  DC A C4    1 
ATOM   267 N  N4    . DC A 1 13 ? -3.291  -3.902  1.417   1.00 98.56  ? 13  DC A N4    1 
ATOM   268 C  C5    . DC A 1 13 ? -5.320  -4.278  0.198   1.00 97.68  ? 13  DC A C5    1 
ATOM   269 C  C6    . DC A 1 13 ? -5.882  -4.448  -1.005  1.00 98.75  ? 13  DC A C6    1 
ATOM   270 P  P     . DC A 1 14 ? -5.794  -8.349  -6.454  1.00 120.10 ? 14  DC A P     1 
ATOM   271 O  OP1   . DC A 1 14 ? -6.183  -8.635  -7.855  1.00 121.80 ? 14  DC A OP1   1 
ATOM   272 O  OP2   . DC A 1 14 ? -6.054  -9.350  -5.394  1.00 109.11 ? 14  DC A OP2   1 
ATOM   273 O  "O5'" . DC A 1 14 ? -4.234  -7.993  -6.404  1.00 105.60 ? 14  DC A "O5'" 1 
ATOM   274 C  "C5'" . DC A 1 14 ? -3.709  -6.938  -7.209  1.00 106.90 ? 14  DC A "C5'" 1 
ATOM   275 C  "C4'" . DC A 1 14 ? -2.190  -6.961  -7.193  1.00 106.52 ? 14  DC A "C4'" 1 
ATOM   276 O  "O4'" . DC A 1 14 ? -1.691  -6.363  -5.964  1.00 100.09 ? 14  DC A "O4'" 1 
ATOM   277 C  "C3'" . DC A 1 14 ? -1.577  -8.352  -7.278  1.00 107.65 ? 14  DC A "C3'" 1 
ATOM   278 O  "O3'" . DC A 1 14 ? -0.487  -8.343  -8.172  1.00 112.29 ? 14  DC A "O3'" 1 
ATOM   279 C  "C2'" . DC A 1 14 ? -1.134  -8.645  -5.841  1.00 104.10 ? 14  DC A "C2'" 1 
ATOM   280 C  "C1'" . DC A 1 14 ? -0.817  -7.255  -5.299  1.00 100.17 ? 14  DC A "C1'" 1 
ATOM   281 N  N1    . DC A 1 14 ? -1.062  -7.130  -3.822  1.00 92.17  ? 14  DC A N1    1 
ATOM   282 C  C2    . DC A 1 14 ? 0.008   -6.896  -2.935  1.00 88.43  ? 14  DC A C2    1 
ATOM   283 O  O2    . DC A 1 14 ? 1.154   -6.789  -3.379  1.00 86.44  ? 14  DC A O2    1 
ATOM   284 N  N3    . DC A 1 14 ? -0.259  -6.791  -1.606  1.00 86.41  ? 14  DC A N3    1 
ATOM   285 C  C4    . DC A 1 14 ? -1.511  -6.913  -1.164  1.00 90.18  ? 14  DC A C4    1 
ATOM   286 N  N4    . DC A 1 14 ? -1.734  -6.802  0.152   1.00 89.94  ? 14  DC A N4    1 
ATOM   287 C  C5    . DC A 1 14 ? -2.600  -7.159  -2.050  1.00 96.24  ? 14  DC A C5    1 
ATOM   288 C  C6    . DC A 1 14 ? -2.331  -7.259  -3.352  1.00 94.80  ? 14  DC A C6    1 
ATOM   289 P  P     . DG A 1 15 ? 0.253   -9.718  -8.538  1.00 113.51 ? 15  DG A P     1 
ATOM   290 O  OP1   . DG A 1 15 ? 0.846   -9.557  -9.889  1.00 110.09 ? 15  DG A OP1   1 
ATOM   291 O  OP2   . DG A 1 15 ? -0.701  -10.819 -8.269  1.00 108.50 ? 15  DG A OP2   1 
ATOM   292 O  "O5'" . DG A 1 15 ? 1.423   -9.809  -7.453  1.00 106.23 ? 15  DG A "O5'" 1 
ATOM   293 C  "C5'" . DG A 1 15 ? 2.197   -8.652  -7.153  1.00 106.46 ? 15  DG A "C5'" 1 
ATOM   294 C  "C4'" . DG A 1 15 ? 3.515   -9.034  -6.510  1.00 106.47 ? 15  DG A "C4'" 1 
ATOM   295 O  "O4'" . DG A 1 15 ? 3.460   -8.773  -5.080  1.00 105.29 ? 15  DG A "O4'" 1 
ATOM   296 C  "C3'" . DG A 1 15 ? 3.891   -10.501 -6.655  1.00 109.37 ? 15  DG A "C3'" 1 
ATOM   297 O  "O3'" . DG A 1 15 ? 5.292   -10.619 -6.781  1.00 116.47 ? 15  DG A "O3'" 1 
ATOM   298 C  "C2'" . DG A 1 15 ? 3.393   -11.102 -5.344  1.00 104.77 ? 15  DG A "C2'" 1 
ATOM   299 C  "C1'" . DG A 1 15 ? 3.688   -9.972  -4.367  1.00 100.62 ? 15  DG A "C1'" 1 
ATOM   300 N  N9    . DG A 1 15 ? 2.828   -9.975  -3.181  1.00 92.10  ? 15  DG A N9    1 
ATOM   301 C  C8    . DG A 1 15 ? 1.459   -10.122 -3.147  1.00 92.14  ? 15  DG A C8    1 
ATOM   302 N  N7    . DG A 1 15 ? 0.961   -10.082 -1.940  1.00 88.32  ? 15  DG A N7    1 
ATOM   303 C  C5    . DG A 1 15 ? 2.070   -9.893  -1.120  1.00 85.21  ? 15  DG A C5    1 
ATOM   304 C  C6    . DG A 1 15 ? 2.148   -9.768  0.290   1.00 82.07  ? 15  DG A C6    1 
ATOM   305 O  O6    . DG A 1 15 ? 1.222   -9.803  1.115   1.00 84.59  ? 15  DG A O6    1 
ATOM   306 N  N1    . DG A 1 15 ? 3.463   -9.589  0.718   1.00 75.28  ? 15  DG A N1    1 
ATOM   307 C  C2    . DG A 1 15 ? 4.562   -9.536  -0.112  1.00 79.45  ? 15  DG A C2    1 
ATOM   308 N  N2    . DG A 1 15 ? 5.751   -9.360  0.476   1.00 75.40  ? 15  DG A N2    1 
ATOM   309 N  N3    . DG A 1 15 ? 4.499   -9.651  -1.434  1.00 82.51  ? 15  DG A N3    1 
ATOM   310 C  C4    . DG A 1 15 ? 3.226   -9.825  -1.867  1.00 86.05  ? 15  DG A C4    1 
ATOM   311 P  P     . DC A 1 16 ? 5.937   -11.877 -7.545  1.00 123.76 ? 16  DC A P     1 
ATOM   312 O  OP1   . DC A 1 16 ? 6.106   -11.512 -8.972  1.00 116.51 ? 16  DC A OP1   1 
ATOM   313 O  OP2   . DC A 1 16 ? 5.148   -13.078 -7.176  1.00 111.70 ? 16  DC A OP2   1 
ATOM   314 O  "O5'" . DC A 1 16 ? 7.380   -12.008 -6.869  1.00 116.15 ? 16  DC A "O5'" 1 
ATOM   315 C  "C5'" . DC A 1 16 ? 7.739   -11.133 -5.802  1.00 107.83 ? 16  DC A "C5'" 1 
ATOM   316 C  "C4'" . DC A 1 16 ? 8.358   -11.903 -4.649  1.00 109.37 ? 16  DC A "C4'" 1 
ATOM   317 O  "O4'" . DC A 1 16 ? 7.476   -11.861 -3.491  1.00 104.02 ? 16  DC A "O4'" 1 
ATOM   318 C  "C3'" . DC A 1 16 ? 8.610   -13.387 -4.914  1.00 115.65 ? 16  DC A "C3'" 1 
ATOM   319 O  "O3'" . DC A 1 16 ? 9.793   -13.783 -4.237  1.00 117.56 ? 16  DC A "O3'" 1 
ATOM   320 C  "C2'" . DC A 1 16 ? 7.379   -14.031 -4.289  1.00 105.82 ? 16  DC A "C2'" 1 
ATOM   321 C  "C1'" . DC A 1 16 ? 7.245   -13.179 -3.047  1.00 100.27 ? 16  DC A "C1'" 1 
ATOM   322 N  N1    . DC A 1 16 ? 5.907   -13.254 -2.416  1.00 93.17  ? 16  DC A N1    1 
ATOM   323 C  C2    . DC A 1 16 ? 5.800   -13.227 -1.021  1.00 89.43  ? 16  DC A C2    1 
ATOM   324 O  O2    . DC A 1 16 ? 6.828   -13.137 -0.339  1.00 90.40  ? 16  DC A O2    1 
ATOM   325 N  N3    . DC A 1 16 ? 4.570   -13.297 -0.457  1.00 86.26  ? 16  DC A N3    1 
ATOM   326 C  C4    . DC A 1 16 ? 3.485   -13.394 -1.231  1.00 91.66  ? 16  DC A C4    1 
ATOM   327 N  N4    . DC A 1 16 ? 2.290   -13.461 -0.634  1.00 91.46  ? 16  DC A N4    1 
ATOM   328 C  C5    . DC A 1 16 ? 3.577   -13.424 -2.654  1.00 94.70  ? 16  DC A C5    1 
ATOM   329 C  C6    . DC A 1 16 ? 4.796   -13.355 -3.197  1.00 93.54  ? 16  DC A C6    1 
ATOM   330 P  P     . DA A 1 17 ? 10.446  -15.232 -4.477  1.00 122.32 ? 17  DA A P     1 
ATOM   331 O  OP1   . DA A 1 17 ? 11.551  -15.030 -5.444  1.00 121.31 ? 17  DA A OP1   1 
ATOM   332 O  OP2   . DA A 1 17 ? 9.390   -16.236 -4.753  1.00 114.56 ? 17  DA A OP2   1 
ATOM   333 O  "O5'" . DA A 1 17 ? 11.055  -15.601 -3.045  1.00 115.36 ? 17  DA A "O5'" 1 
ATOM   334 C  "C5'" . DA A 1 17 ? 11.885  -14.667 -2.369  1.00 111.12 ? 17  DA A "C5'" 1 
ATOM   335 C  "C4'" . DA A 1 17 ? 11.776  -14.839 -0.866  1.00 112.68 ? 17  DA A "C4'" 1 
ATOM   336 O  "O4'" . DA A 1 17 ? 10.403  -14.634 -0.451  1.00 109.23 ? 17  DA A "O4'" 1 
ATOM   337 C  "C3'" . DA A 1 17 ? 12.174  -16.212 -0.341  1.00 112.93 ? 17  DA A "C3'" 1 
ATOM   338 O  "O3'" . DA A 1 17 ? 12.861  -16.068 0.890   1.00 117.66 ? 17  DA A "O3'" 1 
ATOM   339 C  "C2'" . DA A 1 17 ? 10.831  -16.919 -0.161  1.00 102.74 ? 17  DA A "C2'" 1 
ATOM   340 C  "C1'" . DA A 1 17 ? 9.930   -15.767 0.246   1.00 100.80 ? 17  DA A "C1'" 1 
ATOM   341 N  N9    . DA A 1 17 ? 8.531   -15.962 -0.118  1.00 97.34  ? 17  DA A N9    1 
ATOM   342 C  C8    . DA A 1 17 ? 8.027   -16.152 -1.375  1.00 98.70  ? 17  DA A C8    1 
ATOM   343 N  N7    . DA A 1 17 ? 6.721   -16.287 -1.408  1.00 93.47  ? 17  DA A N7    1 
ATOM   344 C  C5    . DA A 1 17 ? 6.341   -16.174 -0.082  1.00 89.21  ? 17  DA A C5    1 
ATOM   345 C  C6    . DA A 1 17 ? 5.080   -16.225 0.552   1.00 89.98  ? 17  DA A C6    1 
ATOM   346 N  N6    . DA A 1 17 ? 3.934   -16.415 -0.110  1.00 87.64  ? 17  DA A N6    1 
ATOM   347 N  N1    . DA A 1 17 ? 5.046   -16.073 1.893   1.00 86.15  ? 17  DA A N1    1 
ATOM   348 C  C2    . DA A 1 17 ? 6.199   -15.876 2.549   1.00 86.44  ? 17  DA A C2    1 
ATOM   349 N  N3    . DA A 1 17 ? 7.442   -15.812 2.063   1.00 84.76  ? 17  DA A N3    1 
ATOM   350 C  C4    . DA A 1 17 ? 7.442   -15.965 0.730   1.00 89.53  ? 17  DA A C4    1 
ATOM   351 P  P     . DC A 1 18 ? 13.684  -17.304 1.503   1.00 127.42 ? 18  DC A P     1 
ATOM   352 O  OP1   . DC A 1 18 ? 14.768  -16.731 2.337   1.00 114.90 ? 18  DC A OP1   1 
ATOM   353 O  OP2   . DC A 1 18 ? 14.013  -18.227 0.393   1.00 125.82 ? 18  DC A OP2   1 
ATOM   354 O  "O5'" . DC A 1 18 ? 12.624  -18.021 2.466   1.00 111.51 ? 18  DC A "O5'" 1 
ATOM   355 C  "C5'" . DC A 1 18 ? 12.401  -17.486 3.747   1.00 110.05 ? 18  DC A "C5'" 1 
ATOM   356 C  "C4'" . DC A 1 18 ? 11.046  -17.885 4.300   1.00 110.46 ? 18  DC A "C4'" 1 
ATOM   357 O  "O4'" . DC A 1 18 ? 10.047  -17.888 3.271   1.00 106.61 ? 18  DC A "O4'" 1 
ATOM   358 C  "C3'" . DC A 1 18 ? 10.969  -19.274 4.922   1.00 112.55 ? 18  DC A "C3'" 1 
ATOM   359 O  "O3'" . DC A 1 18 ? 11.075  -19.148 6.326   1.00 119.05 ? 18  DC A "O3'" 1 
ATOM   360 C  "C2'" . DC A 1 18 ? 9.577   -19.808 4.491   1.00 109.01 ? 18  DC A "C2'" 1 
ATOM   361 C  "C1'" . DC A 1 18 ? 8.960   -18.603 3.790   1.00 99.73  ? 18  DC A "C1'" 1 
ATOM   362 N  N1    . DC A 1 18 ? 7.996   -18.910 2.677   1.00 93.29  ? 18  DC A N1    1 
ATOM   363 C  C2    . DC A 1 18 ? 6.620   -18.987 2.952   1.00 92.31  ? 18  DC A C2    1 
ATOM   364 O  O2    . DC A 1 18 ? 6.230   -18.831 4.115   1.00 93.24  ? 18  DC A O2    1 
ATOM   365 N  N3    . DC A 1 18 ? 5.758   -19.229 1.934   1.00 88.48  ? 18  DC A N3    1 
ATOM   366 C  C4    . DC A 1 18 ? 6.219   -19.386 0.692   1.00 92.11  ? 18  DC A C4    1 
ATOM   367 N  N4    . DC A 1 18 ? 5.330   -19.627 -0.278  1.00 92.59  ? 18  DC A N4    1 
ATOM   368 C  C5    . DC A 1 18 ? 7.613   -19.304 0.389   1.00 90.98  ? 18  DC A C5    1 
ATOM   369 C  C6    . DC A 1 18 ? 8.456   -19.061 1.400   1.00 92.39  ? 18  DC A C6    1 
ATOM   370 P  P     . DT A 1 19 ? 11.579  -20.378 7.224   1.00 136.43 ? 19  DT A P     1 
ATOM   371 O  OP1   . DT A 1 19 ? 12.465  -19.821 8.275   1.00 125.58 ? 19  DT A OP1   1 
ATOM   372 O  OP2   . DT A 1 19 ? 12.087  -21.436 6.315   1.00 134.31 ? 19  DT A OP2   1 
ATOM   373 O  "O5'" . DT A 1 19 ? 10.233  -20.898 7.910   1.00 119.00 ? 19  DT A "O5'" 1 
ATOM   374 C  "C5'" . DT A 1 19 ? 9.328   -19.954 8.434   1.00 115.66 ? 19  DT A "C5'" 1 
ATOM   375 C  "C4'" . DT A 1 19 ? 7.937   -20.538 8.572   1.00 120.25 ? 19  DT A "C4'" 1 
ATOM   376 O  "O4'" . DT A 1 19 ? 7.291   -20.629 7.280   1.00 116.24 ? 19  DT A "O4'" 1 
ATOM   377 C  "C3'" . DT A 1 19 ? 7.874   -21.934 9.181   1.00 127.10 ? 19  DT A "C3'" 1 
ATOM   378 O  "O3'" . DT A 1 19 ? 7.041   -21.886 10.320  1.00 130.88 ? 19  DT A "O3'" 1 
ATOM   379 C  "C2'" . DT A 1 19 ? 7.267   -22.798 8.058   1.00 126.69 ? 19  DT A "C2'" 1 
ATOM   380 C  "C1'" . DT A 1 19 ? 6.477   -21.773 7.267   1.00 119.69 ? 19  DT A "C1'" 1 
ATOM   381 N  N1    . DT A 1 19 ? 6.205   -22.123 5.819   1.00 112.64 ? 19  DT A N1    1 
ATOM   382 C  C2    . DT A 1 19 ? 4.895   -22.223 5.375   1.00 110.69 ? 19  DT A C2    1 
ATOM   383 O  O2    . DT A 1 19 ? 3.929   -22.094 6.109   1.00 113.40 ? 19  DT A O2    1 
ATOM   384 N  N3    . DT A 1 19 ? 4.765   -22.499 4.031   1.00 104.24 ? 19  DT A N3    1 
ATOM   385 C  C4    . DT A 1 19 ? 5.789   -22.662 3.110   1.00 100.34 ? 19  DT A C4    1 
ATOM   386 O  O4    . DT A 1 19 ? 5.579   -22.905 1.926   1.00 96.04  ? 19  DT A O4    1 
ATOM   387 C  C5    . DT A 1 19 ? 7.126   -22.528 3.640   1.00 96.97  ? 19  DT A C5    1 
ATOM   388 C  C7    . DT A 1 19 ? 8.309   -22.687 2.735   1.00 91.27  ? 19  DT A C7    1 
ATOM   389 C  C6    . DT A 1 19 ? 7.268   -22.261 4.947   1.00 104.38 ? 19  DT A C6    1 
ATOM   390 P  P     . DC A 1 20 ? 7.273   -22.883 11.555  1.00 142.52 ? 20  DC A P     1 
ATOM   391 O  OP1   . DC A 1 20 ? 7.543   -22.066 12.762  1.00 138.13 ? 20  DC A OP1   1 
ATOM   392 O  OP2   . DC A 1 20 ? 8.250   -23.916 11.138  1.00 137.24 ? 20  DC A OP2   1 
ATOM   393 O  "O5'" . DC A 1 20 ? 5.843   -23.571 11.707  1.00 139.55 ? 20  DC A "O5'" 1 
ATOM   394 C  "C5'" . DC A 1 20 ? 4.728   -22.993 11.034  1.00 136.82 ? 20  DC A "C5'" 1 
ATOM   395 C  "C4'" . DC A 1 20 ? 3.753   -24.062 10.588  1.00 141.48 ? 20  DC A "C4'" 1 
ATOM   396 O  "O4'" . DC A 1 20 ? 3.874   -24.289 9.155   1.00 137.62 ? 20  DC A "O4'" 1 
ATOM   397 C  "C3'" . DC A 1 20 ? 3.951   -25.423 11.241  1.00 145.45 ? 20  DC A "C3'" 1 
ATOM   398 O  "O3'" . DC A 1 20 ? 2.694   -25.988 11.493  1.00 153.02 ? 20  DC A "O3'" 1 
ATOM   399 C  "C2'" . DC A 1 20 ? 4.705   -26.209 10.169  1.00 140.40 ? 20  DC A "C2'" 1 
ATOM   400 C  "C1'" . DC A 1 20 ? 4.041   -25.672 8.916   1.00 138.01 ? 20  DC A "C1'" 1 
ATOM   401 N  N1    . DC A 1 20 ? 4.848   -25.836 7.668   1.00 130.95 ? 20  DC A N1    1 
ATOM   402 C  C2    . DC A 1 20 ? 4.195   -25.931 6.437   1.00 127.85 ? 20  DC A C2    1 
ATOM   403 O  O2    . DC A 1 20 ? 2.959   -25.895 6.412   1.00 129.47 ? 20  DC A O2    1 
ATOM   404 N  N3    . DC A 1 20 ? 4.936   -26.062 5.306   1.00 121.64 ? 20  DC A N3    1 
ATOM   405 C  C4    . DC A 1 20 ? 6.268   -26.093 5.381   1.00 119.23 ? 20  DC A C4    1 
ATOM   406 N  N4    . DC A 1 20 ? 6.958   -26.223 4.240   1.00 110.51 ? 20  DC A N4    1 
ATOM   407 C  C5    . DC A 1 20 ? 6.952   -25.993 6.628   1.00 121.90 ? 20  DC A C5    1 
ATOM   408 C  C6    . DC A 1 20 ? 6.208   -25.872 7.735   1.00 128.34 ? 20  DC A C6    1 
ATOM   409 P  P     . DA A 1 21 ? 2.483   -26.996 12.720  1.00 164.69 ? 21  DA A P     1 
ATOM   410 O  OP1   . DA A 1 21 ? 2.188   -26.184 13.924  1.00 169.67 ? 21  DA A OP1   1 
ATOM   411 O  OP2   . DA A 1 21 ? 3.635   -27.928 12.731  1.00 151.46 ? 21  DA A OP2   1 
ATOM   412 O  "O5'" . DA A 1 21 ? 1.169   -27.802 12.295  1.00 159.32 ? 21  DA A "O5'" 1 
ATOM   413 C  "C5'" . DA A 1 21 ? 0.081   -27.105 11.686  1.00 153.99 ? 21  DA A "C5'" 1 
ATOM   414 C  "C4'" . DA A 1 21 ? -0.464  -27.869 10.490  1.00 153.28 ? 21  DA A "C4'" 1 
ATOM   415 O  "O4'" . DA A 1 21 ? 0.478   -27.803 9.386   1.00 150.21 ? 21  DA A "O4'" 1 
ATOM   416 C  "C3'" . DA A 1 21 ? -0.730  -29.356 10.735  1.00 154.58 ? 21  DA A "C3'" 1 
ATOM   417 O  "O3'" . DA A 1 21 ? -1.994  -29.717 10.194  1.00 164.96 ? 21  DA A "O3'" 1 
ATOM   418 C  "C2'" . DA A 1 21 ? 0.417   -30.049 9.996   1.00 151.74 ? 21  DA A "C2'" 1 
ATOM   419 C  "C1'" . DA A 1 21 ? 0.646   -29.092 8.842   1.00 146.29 ? 21  DA A "C1'" 1 
ATOM   420 N  N9    . DA A 1 21 ? 1.983   -29.176 8.252   1.00 140.87 ? 21  DA A N9    1 
ATOM   421 C  C8    . DA A 1 21 ? 3.183   -29.131 8.910   1.00 139.78 ? 21  DA A C8    1 
ATOM   422 N  N7    . DA A 1 21 ? 4.225   -29.221 8.115   1.00 134.51 ? 21  DA A N7    1 
ATOM   423 C  C5    . DA A 1 21 ? 3.672   -29.330 6.850   1.00 136.11 ? 21  DA A C5    1 
ATOM   424 C  C6    . DA A 1 21 ? 4.248   -29.457 5.566   1.00 133.40 ? 21  DA A C6    1 
ATOM   425 N  N6    . DA A 1 21 ? 5.568   -29.497 5.356   1.00 129.21 ? 21  DA A N6    1 
ATOM   426 N  N1    . DA A 1 21 ? 3.411   -29.543 4.507   1.00 134.67 ? 21  DA A N1    1 
ATOM   427 C  C2    . DA A 1 21 ? 2.090   -29.499 4.726   1.00 135.91 ? 21  DA A C2    1 
ATOM   428 N  N3    . DA A 1 21 ? 1.432   -29.384 5.883   1.00 135.47 ? 21  DA A N3    1 
ATOM   429 C  C4    . DA A 1 21 ? 2.290   -29.301 6.914   1.00 138.48 ? 21  DA A C4    1 
ATOM   430 P  P     . DG B 2 1  ? 5.396   -1.899  5.735   1.00 99.64  ? 1   DG B P     1 
ATOM   431 O  OP1   . DG B 2 1  ? 6.380   -0.999  6.378   1.00 90.93  ? 1   DG B OP1   1 
ATOM   432 O  OP2   . DG B 2 1  ? 4.031   -2.008  6.298   1.00 90.07  ? 1   DG B OP2   1 
ATOM   433 O  "O5'" . DG B 2 1  ? 6.043   -3.361  5.633   1.00 78.51  ? 1   DG B "O5'" 1 
ATOM   434 C  "C5'" . DG B 2 1  ? 7.424   -3.499  5.337   1.00 81.04  ? 1   DG B "C5'" 1 
ATOM   435 C  "C4'" . DG B 2 1  ? 7.630   -4.197  4.004   1.00 82.13  ? 1   DG B "C4'" 1 
ATOM   436 O  "O4'" . DG B 2 1  ? 6.853   -5.412  3.971   1.00 77.35  ? 1   DG B "O4'" 1 
ATOM   437 C  "C3'" . DG B 2 1  ? 7.172   -3.412  2.795   1.00 83.55  ? 1   DG B "C3'" 1 
ATOM   438 O  "O3'" . DG B 2 1  ? 8.212   -2.560  2.363   1.00 84.07  ? 1   DG B "O3'" 1 
ATOM   439 C  "C2'" . DG B 2 1  ? 6.896   -4.518  1.781   1.00 76.58  ? 1   DG B "C2'" 1 
ATOM   440 C  "C1'" . DG B 2 1  ? 6.354   -5.636  2.669   1.00 74.40  ? 1   DG B "C1'" 1 
ATOM   441 N  N9    . DG B 2 1  ? 4.906   -5.673  2.754   1.00 69.43  ? 1   DG B N9    1 
ATOM   442 C  C8    . DG B 2 1  ? 4.150   -5.502  3.891   1.00 75.51  ? 1   DG B C8    1 
ATOM   443 N  N7    . DG B 2 1  ? 2.868   -5.589  3.683   1.00 72.83  ? 1   DG B N7    1 
ATOM   444 C  C5    . DG B 2 1  ? 2.766   -5.835  2.317   1.00 73.16  ? 1   DG B C5    1 
ATOM   445 C  C6    . DG B 2 1  ? 1.611   -6.019  1.526   1.00 76.91  ? 1   DG B C6    1 
ATOM   446 O  O6    . DG B 2 1  ? 0.430   -6.000  1.878   1.00 78.19  ? 1   DG B O6    1 
ATOM   447 N  N1    . DG B 2 1  ? 1.939   -6.244  0.188   1.00 75.06  ? 1   DG B N1    1 
ATOM   448 C  C2    . DG B 2 1  ? 3.216   -6.286  -0.310  1.00 77.15  ? 1   DG B C2    1 
ATOM   449 N  N2    . DG B 2 1  ? 3.335   -6.518  -1.630  1.00 82.79  ? 1   DG B N2    1 
ATOM   450 N  N3    . DG B 2 1  ? 4.312   -6.111  0.432   1.00 73.18  ? 1   DG B N3    1 
ATOM   451 C  C4    . DG B 2 1  ? 4.005   -5.889  1.738   1.00 71.46  ? 1   DG B C4    1 
ATOM   452 P  P     . DG B 2 2  ? 7.869   -1.068  1.879   1.00 91.97  ? 2   DG B P     1 
ATOM   453 O  OP1   . DG B 2 2  ? 9.148   -0.391  1.543   1.00 81.86  ? 2   DG B OP1   1 
ATOM   454 O  OP2   . DG B 2 2  ? 6.967   -0.470  2.898   1.00 89.88  ? 2   DG B OP2   1 
ATOM   455 O  "O5'" . DG B 2 2  ? 7.022   -1.294  0.535   1.00 79.79  ? 2   DG B "O5'" 1 
ATOM   456 C  "C5'" . DG B 2 2  ? 7.681   -1.666  -0.664  1.00 78.04  ? 2   DG B "C5'" 1 
ATOM   457 C  "C4'" . DG B 2 2  ? 6.687   -2.226  -1.662  1.00 80.57  ? 2   DG B "C4'" 1 
ATOM   458 O  "O4'" . DG B 2 2  ? 5.715   -2.985  -0.938  1.00 80.36  ? 2   DG B "O4'" 1 
ATOM   459 C  "C3'" . DG B 2 2  ? 5.863   -1.190  -2.400  1.00 90.72  ? 2   DG B "C3'" 1 
ATOM   460 O  "O3'" . DG B 2 2  ? 6.529   -0.784  -3.586  1.00 93.43  ? 2   DG B "O3'" 1 
ATOM   461 C  "C2'" . DG B 2 2  ? 4.570   -1.940  -2.728  1.00 82.47  ? 2   DG B "C2'" 1 
ATOM   462 C  "C1'" . DG B 2 2  ? 4.503   -3.007  -1.647  1.00 75.20  ? 2   DG B "C1'" 1 
ATOM   463 N  N9    . DG B 2 2  ? 3.428   -2.816  -0.695  1.00 74.10  ? 2   DG B N9    1 
ATOM   464 C  C8    . DG B 2 2  ? 3.542   -2.496  0.639   1.00 79.82  ? 2   DG B C8    1 
ATOM   465 N  N7    . DG B 2 2  ? 2.391   -2.413  1.252   1.00 74.12  ? 2   DG B N7    1 
ATOM   466 C  C5    . DG B 2 2  ? 1.466   -2.703  0.261   1.00 75.54  ? 2   DG B C5    1 
ATOM   467 C  C6    . DG B 2 2  ? 0.058   -2.761  0.324   1.00 82.55  ? 2   DG B C6    1 
ATOM   468 O  O6    . DG B 2 2  ? -0.673  -2.572  1.302   1.00 85.25  ? 2   DG B O6    1 
ATOM   469 N  N1    . DG B 2 2  ? -0.500  -3.094  -0.910  1.00 83.74  ? 2   DG B N1    1 
ATOM   470 C  C2    . DG B 2 2  ? 0.217   -3.334  -2.057  1.00 83.75  ? 2   DG B C2    1 
ATOM   471 N  N2    . DG B 2 2  ? -0.488  -3.638  -3.152  1.00 86.47  ? 2   DG B N2    1 
ATOM   472 N  N3    . DG B 2 2  ? 1.539   -3.278  -2.128  1.00 78.47  ? 2   DG B N3    1 
ATOM   473 C  C4    . DG B 2 2  ? 2.090   -2.960  -0.937  1.00 75.79  ? 2   DG B C4    1 
ATOM   474 P  P     . DT B 2 3  ? 6.127   0.607   -4.288  1.00 102.61 ? 3   DT B P     1 
ATOM   475 O  OP1   . DT B 2 3  ? 7.207   0.936   -5.256  1.00 99.78  ? 3   DT B OP1   1 
ATOM   476 O  OP2   . DT B 2 3  ? 5.770   1.560   -3.209  1.00 93.47  ? 3   DT B OP2   1 
ATOM   477 O  "O5'" . DT B 2 3  ? 4.777   0.274   -5.094  1.00 81.78  ? 3   DT B "O5'" 1 
ATOM   478 C  "C5'" . DT B 2 3  ? 4.860   -0.293  -6.393  1.00 85.75  ? 3   DT B "C5'" 1 
ATOM   479 C  "C4'" . DT B 2 3  ? 3.482   -0.575  -6.959  1.00 85.21  ? 3   DT B "C4'" 1 
ATOM   480 O  "O4'" . DT B 2 3  ? 2.605   -1.010  -5.893  1.00 91.34  ? 3   DT B "O4'" 1 
ATOM   481 C  "C3'" . DT B 2 3  ? 2.796   0.612   -7.631  1.00 90.71  ? 3   DT B "C3'" 1 
ATOM   482 O  "O3'" . DT B 2 3  ? 2.216   0.205   -8.870  1.00 95.07  ? 3   DT B "O3'" 1 
ATOM   483 C  "C2'" . DT B 2 3  ? 1.732   1.042   -6.621  1.00 91.89  ? 3   DT B "C2'" 1 
ATOM   484 C  "C1'" . DT B 2 3  ? 1.414   -0.259  -5.897  1.00 87.83  ? 3   DT B "C1'" 1 
ATOM   485 N  N1    . DT B 2 3  ? 1.007   -0.054  -4.480  1.00 83.70  ? 3   DT B N1    1 
ATOM   486 C  C2    . DT B 2 3  ? -0.299  -0.276  -4.106  1.00 88.08  ? 3   DT B C2    1 
ATOM   487 O  O2    . DT B 2 3  ? -1.164  -0.633  -4.885  1.00 92.29  ? 3   DT B O2    1 
ATOM   488 N  N3    . DT B 2 3  ? -0.557  -0.054  -2.775  1.00 89.42  ? 3   DT B N3    1 
ATOM   489 C  C4    . DT B 2 3  ? 0.345   0.350   -1.806  1.00 85.49  ? 3   DT B C4    1 
ATOM   490 O  O4    . DT B 2 3  ? 0.021   0.525   -0.635  1.00 84.85  ? 3   DT B O4    1 
ATOM   491 C  C5    . DT B 2 3  ? 1.696   0.559   -2.268  1.00 81.62  ? 3   DT B C5    1 
ATOM   492 C  C7    . DT B 2 3  ? 2.763   0.999   -1.309  1.00 79.64  ? 3   DT B C7    1 
ATOM   493 C  C6    . DT B 2 3  ? 1.958   0.347   -3.565  1.00 83.20  ? 3   DT B C6    1 
ATOM   494 P  P     . DC B 2 4  ? 1.717   1.309   -9.931  1.00 100.95 ? 4   DC B P     1 
ATOM   495 O  OP1   . DC B 2 4  ? 1.743   0.691   -11.277 1.00 97.16  ? 4   DC B OP1   1 
ATOM   496 O  OP2   . DC B 2 4  ? 2.489   2.551   -9.688  1.00 101.91 ? 4   DC B OP2   1 
ATOM   497 O  "O5'" . DC B 2 4  ? 0.190   1.570   -9.525  1.00 92.02  ? 4   DC B "O5'" 1 
ATOM   498 C  "C5'" . DC B 2 4  ? -0.749  0.515   -9.641  1.00 91.25  ? 4   DC B "C5'" 1 
ATOM   499 C  "C4'" . DC B 2 4  ? -2.114  0.925   -9.112  1.00 93.13  ? 4   DC B "C4'" 1 
ATOM   500 O  "O4'" . DC B 2 4  ? -2.093  0.994   -7.665  1.00 96.46  ? 4   DC B "O4'" 1 
ATOM   501 C  "C3'" . DC B 2 4  ? -2.628  2.285   -9.591  1.00 87.59  ? 4   DC B "C3'" 1 
ATOM   502 O  "O3'" . DC B 2 4  ? -3.973  2.144   -10.004 1.00 86.75  ? 4   DC B "O3'" 1 
ATOM   503 C  "C2'" . DC B 2 4  ? -2.518  3.161   -8.337  1.00 86.84  ? 4   DC B "C2'" 1 
ATOM   504 C  "C1'" . DC B 2 4  ? -2.809  2.137   -7.262  1.00 88.65  ? 4   DC B "C1'" 1 
ATOM   505 N  N1    . DC B 2 4  ? -2.361  2.509   -5.889  1.00 86.95  ? 4   DC B N1    1 
ATOM   506 C  C2    . DC B 2 4  ? -3.281  2.472   -4.833  1.00 94.40  ? 4   DC B C2    1 
ATOM   507 O  O2    . DC B 2 4  ? -4.454  2.160   -5.071  1.00 109.65 ? 4   DC B O2    1 
ATOM   508 N  N3    . DC B 2 4  ? -2.862  2.788   -3.585  1.00 92.92  ? 4   DC B N3    1 
ATOM   509 C  C4    . DC B 2 4  ? -1.588  3.117   -3.373  1.00 92.77  ? 4   DC B C4    1 
ATOM   510 N  N4    . DC B 2 4  ? -1.218  3.421   -2.125  1.00 95.43  ? 4   DC B N4    1 
ATOM   511 C  C5    . DC B 2 4  ? -0.634  3.149   -4.435  1.00 91.19  ? 4   DC B C5    1 
ATOM   512 C  C6    . DC B 2 4  ? -1.059  2.837   -5.662  1.00 88.68  ? 4   DC B C6    1 
ATOM   513 P  P     . DT B 2 5  ? -4.591  3.119   -11.121 1.00 89.12  ? 5   DT B P     1 
ATOM   514 O  OP1   . DT B 2 5  ? -5.214  2.266   -12.162 1.00 86.30  ? 5   DT B OP1   1 
ATOM   515 O  OP2   . DT B 2 5  ? -3.544  4.097   -11.495 1.00 94.10  ? 5   DT B OP2   1 
ATOM   516 O  "O5'" . DT B 2 5  ? -5.757  3.891   -10.342 1.00 88.96  ? 5   DT B "O5'" 1 
ATOM   517 C  "C5'" . DT B 2 5  ? -6.864  3.161   -9.846  1.00 86.35  ? 5   DT B "C5'" 1 
ATOM   518 C  "C4'" . DT B 2 5  ? -7.556  3.900   -8.714  1.00 85.50  ? 5   DT B "C4'" 1 
ATOM   519 O  "O4'" . DT B 2 5  ? -6.674  3.983   -7.561  1.00 91.07  ? 5   DT B "O4'" 1 
ATOM   520 C  "C3'" . DT B 2 5  ? -7.957  5.345   -9.025  1.00 81.92  ? 5   DT B "C3'" 1 
ATOM   521 O  "O3'" . DT B 2 5  ? -9.258  5.588   -8.537  1.00 71.92  ? 5   DT B "O3'" 1 
ATOM   522 C  "C2'" . DT B 2 5  ? -6.927  6.160   -8.248  1.00 85.81  ? 5   DT B "C2'" 1 
ATOM   523 C  "C1'" . DT B 2 5  ? -6.779  5.280   -7.034  1.00 84.77  ? 5   DT B "C1'" 1 
ATOM   524 N  N1    . DT B 2 5  ? -5.592  5.583   -6.177  1.00 88.03  ? 5   DT B N1    1 
ATOM   525 C  C2    . DT B 2 5  ? -5.772  5.645   -4.814  1.00 91.91  ? 5   DT B C2    1 
ATOM   526 O  O2    . DT B 2 5  ? -6.852  5.464   -4.278  1.00 92.63  ? 5   DT B O2    1 
ATOM   527 N  N3    . DT B 2 5  ? -4.642  5.918   -4.094  1.00 93.06  ? 5   DT B N3    1 
ATOM   528 C  C4    . DT B 2 5  ? -3.369  6.138   -4.593  1.00 90.52  ? 5   DT B C4    1 
ATOM   529 O  O4    . DT B 2 5  ? -2.415  6.378   -3.862  1.00 89.43  ? 5   DT B O4    1 
ATOM   530 C  C5    . DT B 2 5  ? -3.246  6.058   -6.034  1.00 87.26  ? 5   DT B C5    1 
ATOM   531 C  C7    . DT B 2 5  ? -1.914  6.279   -6.684  1.00 87.01  ? 5   DT B C7    1 
ATOM   532 C  C6    . DT B 2 5  ? -4.349  5.787   -6.751  1.00 87.38  ? 5   DT B C6    1 
ATOM   533 O  "O5'" . DT C 3 1  ? 14.419  -35.508 2.529   1.00 155.14 ? 1   DT C "O5'" 1 
ATOM   534 C  "C5'" . DT C 3 1  ? 14.505  -34.729 1.345   1.00 154.93 ? 1   DT C "C5'" 1 
ATOM   535 C  "C4'" . DT C 3 1  ? 13.629  -35.313 0.254   1.00 156.52 ? 1   DT C "C4'" 1 
ATOM   536 O  "O4'" . DT C 3 1  ? 12.528  -36.044 0.860   1.00 151.96 ? 1   DT C "O4'" 1 
ATOM   537 C  "C3'" . DT C 3 1  ? 12.994  -34.283 -0.672  1.00 157.70 ? 1   DT C "C3'" 1 
ATOM   538 O  "O3'" . DT C 3 1  ? 12.937  -34.779 -2.006  1.00 163.70 ? 1   DT C "O3'" 1 
ATOM   539 C  "C2'" . DT C 3 1  ? 11.603  -34.101 -0.075  1.00 152.11 ? 1   DT C "C2'" 1 
ATOM   540 C  "C1'" . DT C 3 1  ? 11.297  -35.501 0.437   1.00 150.61 ? 1   DT C "C1'" 1 
ATOM   541 N  N1    . DT C 3 1  ? 10.362  -35.511 1.593   1.00 150.16 ? 1   DT C N1    1 
ATOM   542 C  C2    . DT C 3 1  ? 9.033   -35.794 1.380   1.00 149.54 ? 1   DT C C2    1 
ATOM   543 O  O2    . DT C 3 1  ? 8.570   -36.037 0.280   1.00 148.48 ? 1   DT C O2    1 
ATOM   544 N  N3    . DT C 3 1  ? 8.257   -35.773 2.507   1.00 148.41 ? 1   DT C N3    1 
ATOM   545 C  C4    . DT C 3 1  ? 8.671   -35.508 3.801   1.00 149.55 ? 1   DT C C4    1 
ATOM   546 O  O4    . DT C 3 1  ? 7.895   -35.514 4.752   1.00 147.40 ? 1   DT C O4    1 
ATOM   547 C  C5    . DT C 3 1  ? 10.078  -35.220 3.955   1.00 151.52 ? 1   DT C C5    1 
ATOM   548 C  C7    . DT C 3 1  ? 10.643  -34.918 5.312   1.00 150.26 ? 1   DT C C7    1 
ATOM   549 C  C6    . DT C 3 1  ? 10.847  -35.238 2.856   1.00 150.40 ? 1   DT C C6    1 
ATOM   550 P  P     . DC C 3 2  ? 12.646  -33.775 -3.228  1.00 173.41 ? 2   DC C P     1 
ATOM   551 O  OP1   . DC C 3 2  ? 12.979  -34.469 -4.494  1.00 169.29 ? 2   DC C OP1   1 
ATOM   552 O  OP2   . DC C 3 2  ? 13.302  -32.486 -2.907  1.00 183.12 ? 2   DC C OP2   1 
ATOM   553 O  "O5'" . DC C 3 2  ? 11.064  -33.552 -3.168  1.00 159.98 ? 2   DC C "O5'" 1 
ATOM   554 C  "C5'" . DC C 3 2  ? 10.429  -32.702 -4.107  1.00 158.12 ? 2   DC C "C5'" 1 
ATOM   555 C  "C4'" . DC C 3 2  ? 8.984   -33.118 -4.306  1.00 154.70 ? 2   DC C "C4'" 1 
ATOM   556 O  "O4'" . DC C 3 2  ? 8.476   -33.703 -3.074  1.00 149.64 ? 2   DC C "O4'" 1 
ATOM   557 C  "C3'" . DC C 3 2  ? 8.028   -31.978 -4.641  1.00 156.23 ? 2   DC C "C3'" 1 
ATOM   558 O  "O3'" . DC C 3 2  ? 6.968   -32.461 -5.463  1.00 162.65 ? 2   DC C "O3'" 1 
ATOM   559 C  "C2'" . DC C 3 2  ? 7.520   -31.588 -3.263  1.00 153.58 ? 2   DC C "C2'" 1 
ATOM   560 C  "C1'" . DC C 3 2  ? 7.358   -32.962 -2.638  1.00 149.39 ? 2   DC C "C1'" 1 
ATOM   561 N  N1    . DC C 3 2  ? 7.343   -32.936 -1.160  1.00 147.30 ? 2   DC C N1    1 
ATOM   562 C  C2    . DC C 3 2  ? 6.134   -33.115 -0.484  1.00 147.20 ? 2   DC C C2    1 
ATOM   563 O  O2    . DC C 3 2  ? 5.101   -33.302 -1.140  1.00 147.09 ? 2   DC C O2    1 
ATOM   564 N  N3    . DC C 3 2  ? 6.128   -33.083 0.870   1.00 145.90 ? 2   DC C N3    1 
ATOM   565 C  C4    . DC C 3 2  ? 7.265   -32.877 1.537   1.00 145.51 ? 2   DC C C4    1 
ATOM   566 N  N4    . DC C 3 2  ? 7.212   -32.853 2.872   1.00 143.27 ? 2   DC C N4    1 
ATOM   567 C  C5    . DC C 3 2  ? 8.508   -32.685 0.862   1.00 145.78 ? 2   DC C C5    1 
ATOM   568 C  C6    . DC C 3 2  ? 8.499   -32.723 -0.473  1.00 146.35 ? 2   DC C C6    1 
ATOM   569 P  P     . DT C 3 3  ? 5.894   -31.443 -6.093  1.00 172.68 ? 3   DT C P     1 
ATOM   570 O  OP1   . DT C 3 3  ? 5.085   -32.196 -7.077  1.00 172.07 ? 3   DT C OP1   1 
ATOM   571 O  OP2   . DT C 3 3  ? 6.614   -30.220 -6.515  1.00 163.47 ? 3   DT C OP2   1 
ATOM   572 O  "O5'" . DT C 3 3  ? 4.949   -31.056 -4.861  1.00 165.38 ? 3   DT C "O5'" 1 
ATOM   573 C  "C5'" . DT C 3 3  ? 4.149   -32.051 -4.227  1.00 161.47 ? 3   DT C "C5'" 1 
ATOM   574 C  "C4'" . DT C 3 3  ? 2.915   -31.419 -3.616  1.00 167.46 ? 3   DT C "C4'" 1 
ATOM   575 O  "O4'" . DT C 3 3  ? 3.031   -31.401 -2.167  1.00 161.63 ? 3   DT C "O4'" 1 
ATOM   576 C  "C3'" . DT C 3 3  ? 2.672   -29.977 -4.043  1.00 172.09 ? 3   DT C "C3'" 1 
ATOM   577 O  "O3'" . DT C 3 3  ? 1.288   -29.760 -4.240  1.00 187.24 ? 3   DT C "O3'" 1 
ATOM   578 C  "C2'" . DT C 3 3  ? 3.211   -29.171 -2.862  1.00 161.36 ? 3   DT C "C2'" 1 
ATOM   579 C  "C1'" . DT C 3 3  ? 2.889   -30.079 -1.685  1.00 156.79 ? 3   DT C "C1'" 1 
ATOM   580 N  N1    . DT C 3 3  ? 3.824   -29.904 -0.525  1.00 146.96 ? 3   DT C N1    1 
ATOM   581 C  C2    . DT C 3 3  ? 3.334   -29.937 0.767   1.00 140.96 ? 3   DT C C2    1 
ATOM   582 O  O2    . DT C 3 3  ? 2.154   -30.096 1.032   1.00 137.68 ? 3   DT C O2    1 
ATOM   583 N  N3    . DT C 3 3  ? 4.290   -29.776 1.743   1.00 138.14 ? 3   DT C N3    1 
ATOM   584 C  C4    . DT C 3 3  ? 5.651   -29.590 1.559   1.00 138.51 ? 3   DT C C4    1 
ATOM   585 O  O4    . DT C 3 3  ? 6.432   -29.453 2.497   1.00 133.34 ? 3   DT C O4    1 
ATOM   586 C  C5    . DT C 3 3  ? 6.091   -29.568 0.185   1.00 141.37 ? 3   DT C C5    1 
ATOM   587 C  C7    . DT C 3 3  ? 7.542   -29.374 -0.139  1.00 139.95 ? 3   DT C C7    1 
ATOM   588 C  C6    . DT C 3 3  ? 5.169   -29.725 -0.775  1.00 144.82 ? 3   DT C C6    1 
ATOM   589 P  P     . DG C 3 4  ? 0.783   -28.601 -5.230  1.00 204.91 ? 4   DG C P     1 
ATOM   590 O  OP1   . DG C 3 4  ? 0.143   -29.239 -6.401  1.00 193.54 ? 4   DG C OP1   1 
ATOM   591 O  OP2   . DG C 3 4  ? 1.908   -27.662 -5.431  1.00 224.04 ? 4   DG C OP2   1 
ATOM   592 O  "O5'" . DG C 3 4  ? -0.337  -27.855 -4.374  1.00 189.20 ? 4   DG C "O5'" 1 
ATOM   593 C  "C5'" . DG C 3 4  ? -1.146  -28.606 -3.482  1.00 173.91 ? 4   DG C "C5'" 1 
ATOM   594 C  "C4'" . DG C 3 4  ? -1.374  -27.847 -2.190  1.00 166.04 ? 4   DG C "C4'" 1 
ATOM   595 O  "O4'" . DG C 3 4  ? -0.168  -27.863 -1.379  1.00 159.92 ? 4   DG C "O4'" 1 
ATOM   596 C  "C3'" . DG C 3 4  ? -1.741  -26.371 -2.360  1.00 159.89 ? 4   DG C "C3'" 1 
ATOM   597 O  "O3'" . DG C 3 4  ? -2.774  -26.045 -1.454  1.00 157.16 ? 4   DG C "O3'" 1 
ATOM   598 C  "C2'" . DG C 3 4  ? -0.442  -25.652 -1.998  1.00 152.89 ? 4   DG C "C2'" 1 
ATOM   599 C  "C1'" . DG C 3 4  ? 0.059   -26.559 -0.896  1.00 149.45 ? 4   DG C "C1'" 1 
ATOM   600 N  N9    . DG C 3 4  ? 1.475   -26.407 -0.568  1.00 142.26 ? 4   DG C N9    1 
ATOM   601 C  C8    . DG C 3 4  ? 2.532   -26.290 -1.441  1.00 145.26 ? 4   DG C C8    1 
ATOM   602 N  N7    . DG C 3 4  ? 3.689   -26.176 -0.842  1.00 136.22 ? 4   DG C N7    1 
ATOM   603 C  C5    . DG C 3 4  ? 3.375   -26.221 0.513   1.00 134.08 ? 4   DG C C5    1 
ATOM   604 C  C6    . DG C 3 4  ? 4.215   -26.143 1.654   1.00 127.00 ? 4   DG C C6    1 
ATOM   605 O  O6    . DG C 3 4  ? 5.447   -26.017 1.697   1.00 121.56 ? 4   DG C O6    1 
ATOM   606 N  N1    . DG C 3 4  ? 3.482   -26.229 2.839   1.00 124.89 ? 4   DG C N1    1 
ATOM   607 C  C2    . DG C 3 4  ? 2.114   -26.372 2.911   1.00 127.75 ? 4   DG C C2    1 
ATOM   608 N  N2    . DG C 3 4  ? 1.576   -26.438 4.138   1.00 125.33 ? 4   DG C N2    1 
ATOM   609 N  N3    . DG C 3 4  ? 1.323   -26.445 1.852   1.00 131.35 ? 4   DG C N3    1 
ATOM   610 C  C4    . DG C 3 4  ? 2.018   -26.363 0.693   1.00 135.93 ? 4   DG C C4    1 
ATOM   611 P  P     . DA C 3 5  ? -4.115  -25.331 -1.974  1.00 164.83 ? 5   DA C P     1 
ATOM   612 O  OP1   . DA C 3 5  ? -5.255  -25.973 -1.279  1.00 159.29 ? 5   DA C OP1   1 
ATOM   613 O  OP2   . DA C 3 5  ? -4.069  -25.326 -3.455  1.00 163.50 ? 5   DA C OP2   1 
ATOM   614 O  "O5'" . DA C 3 5  ? -3.957  -23.819 -1.473  1.00 153.05 ? 5   DA C "O5'" 1 
ATOM   615 C  "C5'" . DA C 3 5  ? -5.050  -23.153 -0.858  1.00 149.69 ? 5   DA C "C5'" 1 
ATOM   616 C  "C4'" . DA C 3 5  ? -5.063  -23.402 0.641   1.00 147.35 ? 5   DA C "C4'" 1 
ATOM   617 O  "O4'" . DA C 3 5  ? -3.791  -23.967 1.057   1.00 142.47 ? 5   DA C "O4'" 1 
ATOM   618 C  "C3'" . DA C 3 5  ? -5.259  -22.158 1.488   1.00 143.25 ? 5   DA C "C3'" 1 
ATOM   619 O  "O3'" . DA C 3 5  ? -5.956  -22.477 2.678   1.00 150.53 ? 5   DA C "O3'" 1 
ATOM   620 C  "C2'" . DA C 3 5  ? -3.830  -21.712 1.774   1.00 135.27 ? 5   DA C "C2'" 1 
ATOM   621 C  "C1'" . DA C 3 5  ? -3.067  -23.034 1.838   1.00 133.86 ? 5   DA C "C1'" 1 
ATOM   622 N  N9    . DA C 3 5  ? -1.708  -22.948 1.298   1.00 128.33 ? 5   DA C N9    1 
ATOM   623 C  C8    . DA C 3 5  ? -1.354  -22.885 -0.023  1.00 130.88 ? 5   DA C C8    1 
ATOM   624 N  N7    . DA C 3 5  ? -0.059  -22.811 -0.223  1.00 126.23 ? 5   DA C N7    1 
ATOM   625 C  C5    . DA C 3 5  ? 0.480   -22.828 1.053   1.00 121.21 ? 5   DA C C5    1 
ATOM   626 C  C6    . DA C 3 5  ? 1.811   -22.776 1.520   1.00 116.74 ? 5   DA C C6    1 
ATOM   627 N  N6    . DA C 3 5  ? 2.870   -22.694 0.707   1.00 114.56 ? 5   DA C N6    1 
ATOM   628 N  N1    . DA C 3 5  ? 2.012   -22.809 2.857   1.00 110.96 ? 5   DA C N1    1 
ATOM   629 C  C2    . DA C 3 5  ? 0.943   -22.891 3.665   1.00 114.72 ? 5   DA C C2    1 
ATOM   630 N  N3    . DA C 3 5  ? -0.357  -22.948 3.341   1.00 119.56 ? 5   DA C N3    1 
ATOM   631 C  C4    . DA C 3 5  ? -0.521  -22.911 2.005   1.00 122.59 ? 5   DA C C4    1 
ATOM   632 P  P     . DG C 3 6  ? -6.729  -21.321 3.480   1.00 160.36 ? 6   DG C P     1 
ATOM   633 O  OP1   . DG C 3 6  ? -7.681  -21.966 4.411   1.00 193.93 ? 6   DG C OP1   1 
ATOM   634 O  OP2   . DG C 3 6  ? -7.221  -20.346 2.479   1.00 164.35 ? 6   DG C OP2   1 
ATOM   635 O  "O5'" . DG C 3 6  ? -5.573  -20.616 4.329   1.00 145.67 ? 6   DG C "O5'" 1 
ATOM   636 C  "C5'" . DG C 3 6  ? -4.822  -21.375 5.263   1.00 135.52 ? 6   DG C "C5'" 1 
ATOM   637 C  "C4'" . DG C 3 6  ? -3.559  -20.638 5.670   1.00 129.70 ? 6   DG C "C4'" 1 
ATOM   638 O  "O4'" . DG C 3 6  ? -2.539  -20.811 4.666   1.00 122.92 ? 6   DG C "O4'" 1 
ATOM   639 C  "C3'" . DG C 3 6  ? -3.714  -19.122 5.848   1.00 124.35 ? 6   DG C "C3'" 1 
ATOM   640 O  "O3'" . DG C 3 6  ? -3.589  -18.788 7.227   1.00 124.90 ? 6   DG C "O3'" 1 
ATOM   641 C  "C2'" . DG C 3 6  ? -2.576  -18.515 5.001   1.00 111.00 ? 6   DG C "C2'" 1 
ATOM   642 C  "C1'" . DG C 3 6  ? -1.674  -19.713 4.744   1.00 112.92 ? 6   DG C "C1'" 1 
ATOM   643 N  N9    . DG C 3 6  ? -0.907  -19.625 3.500   1.00 109.37 ? 6   DG C N9    1 
ATOM   644 C  C8    . DG C 3 6  ? -1.402  -19.606 2.217   1.00 110.32 ? 6   DG C C8    1 
ATOM   645 N  N7    . DG C 3 6  ? -0.477  -19.526 1.300   1.00 105.86 ? 6   DG C N7    1 
ATOM   646 C  C5    . DG C 3 6  ? 0.712   -19.490 2.019   1.00 101.12 ? 6   DG C C5    1 
ATOM   647 C  C6    . DG C 3 6  ? 2.051   -19.401 1.562   1.00 97.77  ? 6   DG C C6    1 
ATOM   648 O  O6    . DG C 3 6  ? 2.464   -19.337 0.396   1.00 96.48  ? 6   DG C O6    1 
ATOM   649 N  N1    . DG C 3 6  ? 2.956   -19.392 2.623   1.00 92.94  ? 6   DG C N1    1 
ATOM   650 C  C2    . DG C 3 6  ? 2.613   -19.459 3.955   1.00 95.57  ? 6   DG C C2    1 
ATOM   651 N  N2    . DG C 3 6  ? 3.623   -19.436 4.835   1.00 93.05  ? 6   DG C N2    1 
ATOM   652 N  N3    . DG C 3 6  ? 1.361   -19.542 4.395   1.00 94.66  ? 6   DG C N3    1 
ATOM   653 C  C4    . DG C 3 6  ? 0.466   -19.552 3.375   1.00 101.58 ? 6   DG C C4    1 
ATOM   654 P  P     . DT C 3 7  ? -3.600  -17.254 7.706   1.00 127.02 ? 7   DT C P     1 
ATOM   655 O  OP1   . DT C 3 7  ? -4.142  -17.218 9.083   1.00 121.21 ? 7   DT C OP1   1 
ATOM   656 O  OP2   . DT C 3 7  ? -4.242  -16.440 6.650   1.00 129.58 ? 7   DT C OP2   1 
ATOM   657 O  "O5'" . DT C 3 7  ? -2.050  -16.872 7.766   1.00 115.68 ? 7   DT C "O5'" 1 
ATOM   658 C  "C5'" . DT C 3 7  ? -1.142  -17.741 8.425   1.00 109.88 ? 7   DT C "C5'" 1 
ATOM   659 C  "C4'" . DT C 3 7  ? 0.241   -17.119 8.518   1.00 110.21 ? 7   DT C "C4'" 1 
ATOM   660 O  "O4'" . DT C 3 7  ? 0.928   -17.238 7.242   1.00 105.38 ? 7   DT C "O4'" 1 
ATOM   661 C  "C3'" . DT C 3 7  ? 0.264   -15.638 8.884   1.00 107.00 ? 7   DT C "C3'" 1 
ATOM   662 O  "O3'" . DT C 3 7  ? 1.240   -15.421 9.895   1.00 108.70 ? 7   DT C "O3'" 1 
ATOM   663 C  "C2'" . DT C 3 7  ? 0.640   -14.951 7.566   1.00 99.71  ? 7   DT C "C2'" 1 
ATOM   664 C  "C1'" . DT C 3 7  ? 1.508   -16.003 6.899   1.00 93.59  ? 7   DT C "C1'" 1 
ATOM   665 N  N1    . DT C 3 7  ? 1.531   -15.907 5.406   1.00 89.17  ? 7   DT C N1    1 
ATOM   666 C  C2    . DT C 3 7  ? 2.741   -15.821 4.745   1.00 91.07  ? 7   DT C C2    1 
ATOM   667 O  O2    . DT C 3 7  ? 3.821   -15.807 5.316   1.00 89.31  ? 7   DT C O2    1 
ATOM   668 N  N3    . DT C 3 7  ? 2.639   -15.748 3.378   1.00 87.49  ? 7   DT C N3    1 
ATOM   669 C  C4    . DT C 3 7  ? 1.478   -15.755 2.623   1.00 88.47  ? 7   DT C C4    1 
ATOM   670 O  O4    . DT C 3 7  ? 1.492   -15.686 1.399   1.00 88.21  ? 7   DT C O4    1 
ATOM   671 C  C5    . DT C 3 7  ? 0.250   -15.850 3.379   1.00 85.05  ? 7   DT C C5    1 
ATOM   672 C  C7    . DT C 3 7  ? -1.071  -15.868 2.671   1.00 88.28  ? 7   DT C C7    1 
ATOM   673 C  C6    . DT C 3 7  ? 0.336   -15.923 4.714   1.00 87.11  ? 7   DT C C6    1 
ATOM   674 P  P     . DG C 3 8  ? 1.388   -13.987 10.610  1.00 113.02 ? 8   DG C P     1 
ATOM   675 O  OP1   . DG C 3 8  ? 1.341   -14.220 12.073  1.00 105.56 ? 8   DG C OP1   1 
ATOM   676 O  OP2   . DG C 3 8  ? 0.439   -13.035 9.983   1.00 108.47 ? 8   DG C OP2   1 
ATOM   677 O  "O5'" . DG C 3 8  ? 2.871   -13.534 10.216  1.00 103.81 ? 8   DG C "O5'" 1 
ATOM   678 C  "C5'" . DG C 3 8  ? 3.678   -14.390 9.423   1.00 96.50  ? 8   DG C "C5'" 1 
ATOM   679 C  "C4'" . DG C 3 8  ? 5.031   -13.768 9.140   1.00 93.95  ? 8   DG C "C4'" 1 
ATOM   680 O  "O4'" . DG C 3 8  ? 5.232   -13.669 7.711   1.00 93.52  ? 8   DG C "O4'" 1 
ATOM   681 C  "C3'" . DG C 3 8  ? 5.214   -12.358 9.645   1.00 88.90  ? 8   DG C "C3'" 1 
ATOM   682 O  "O3'" . DG C 3 8  ? 6.599   -12.105 9.778   1.00 85.88  ? 8   DG C "O3'" 1 
ATOM   683 C  "C2'" . DG C 3 8  ? 4.606   -11.541 8.509   1.00 89.20  ? 8   DG C "C2'" 1 
ATOM   684 C  "C1'" . DG C 3 8  ? 5.064   -12.328 7.286   1.00 84.21  ? 8   DG C "C1'" 1 
ATOM   685 N  N9    . DG C 3 8  ? 4.105   -12.338 6.192   1.00 80.77  ? 8   DG C N9    1 
ATOM   686 C  C8    . DG C 3 8  ? 2.732   -12.407 6.292   1.00 82.52  ? 8   DG C C8    1 
ATOM   687 N  N7    . DG C 3 8  ? 2.128   -12.420 5.136   1.00 75.50  ? 8   DG C N7    1 
ATOM   688 C  C5    . DG C 3 8  ? 3.166   -12.362 4.212   1.00 75.79  ? 8   DG C C5    1 
ATOM   689 C  C6    . DG C 3 8  ? 3.115   -12.347 2.801   1.00 78.14  ? 8   DG C C6    1 
ATOM   690 O  O6    . DG C 3 8  ? 2.121   -12.386 2.064   1.00 76.84  ? 8   DG C O6    1 
ATOM   691 N  N1    . DG C 3 8  ? 4.398   -12.286 2.244   1.00 76.37  ? 8   DG C N1    1 
ATOM   692 C  C2    . DG C 3 8  ? 5.567   -12.244 2.966   1.00 75.41  ? 8   DG C C2    1 
ATOM   693 N  N2    . DG C 3 8  ? 6.703   -12.190 2.257   1.00 74.62  ? 8   DG C N2    1 
ATOM   694 N  N3    . DG C 3 8  ? 5.623   -12.254 4.293   1.00 75.87  ? 8   DG C N3    1 
ATOM   695 C  C4    . DG C 3 8  ? 4.382   -12.314 4.847   1.00 77.78  ? 8   DG C C4    1 
ATOM   696 P  P     . DC C 3 9  ? 7.116   -10.709 10.377  1.00 104.88 ? 9   DC C P     1 
ATOM   697 O  OP1   . DC C 3 9  ? 8.480   -10.931 10.914  1.00 94.89  ? 9   DC C OP1   1 
ATOM   698 O  OP2   . DC C 3 9  ? 6.051   -10.189 11.270  1.00 95.75  ? 9   DC C OP2   1 
ATOM   699 O  "O5'" . DC C 3 9  ? 7.246   -9.755  9.094   1.00 94.55  ? 9   DC C "O5'" 1 
ATOM   700 C  "C5'" . DC C 3 9  ? 8.530   -9.473  8.574   1.00 81.03  ? 9   DC C "C5'" 1 
ATOM   701 C  "C4'" . DC C 3 9  ? 8.450   -8.930  7.159   1.00 80.95  ? 9   DC C "C4'" 1 
ATOM   702 O  "O4'" . DC C 3 9  ? 7.243   -9.400  6.498   1.00 82.82  ? 9   DC C "O4'" 1 
ATOM   703 C  "C3'" . DC C 3 9  ? 8.412   -7.398  7.044   1.00 80.38  ? 9   DC C "C3'" 1 
ATOM   704 O  "O3'" . DC C 3 9  ? 9.351   -6.971  6.076   1.00 75.78  ? 9   DC C "O3'" 1 
ATOM   705 C  "C2'" . DC C 3 9  ? 6.988   -7.123  6.571   1.00 79.52  ? 9   DC C "C2'" 1 
ATOM   706 C  "C1'" . DC C 3 9  ? 6.777   -8.340  5.704   1.00 76.89  ? 9   DC C "C1'" 1 
ATOM   707 N  N1    . DC C 3 9  ? 5.363   -8.574  5.279   1.00 75.21  ? 9   DC C N1    1 
ATOM   708 C  C2    . DC C 3 9  ? 5.105   -8.789  3.923   1.00 74.91  ? 9   DC C C2    1 
ATOM   709 O  O2    . DC C 3 9  ? 6.058   -8.795  3.135   1.00 72.95  ? 9   DC C O2    1 
ATOM   710 N  N3    . DC C 3 9  ? 3.826   -8.995  3.520   1.00 72.93  ? 9   DC C N3    1 
ATOM   711 C  C4    . DC C 3 9  ? 2.836   -8.979  4.419   1.00 77.04  ? 9   DC C C4    1 
ATOM   712 N  N4    . DC C 3 9  ? 1.590   -9.186  3.982   1.00 79.56  ? 9   DC C N4    1 
ATOM   713 C  C5    . DC C 3 9  ? 3.082   -8.751  5.809   1.00 76.14  ? 9   DC C C5    1 
ATOM   714 C  C6    . DC C 3 9  ? 4.348   -8.549  6.192   1.00 76.84  ? 9   DC C C6    1 
ATOM   715 P  P     . DC D 4 1  ? -9.219  11.539  -8.858  1.00 105.59 ? 10  DC D P     1 
ATOM   716 O  OP1   . DC D 4 1  ? -9.958  12.087  -10.017 1.00 106.22 ? 10  DC D OP1   1 
ATOM   717 O  OP2   . DC D 4 1  ? -7.742  11.584  -8.813  1.00 98.95  ? 10  DC D OP2   1 
ATOM   718 O  "O5'" . DC D 4 1  ? -9.606  10.001  -8.677  1.00 99.73  ? 10  DC D "O5'" 1 
ATOM   719 C  "C5'" . DC D 4 1  ? -8.781  9.166   -7.889  1.00 91.80  ? 10  DC D "C5'" 1 
ATOM   720 C  "C4'" . DC D 4 1  ? -9.385  8.945   -6.517  1.00 95.77  ? 10  DC D "C4'" 1 
ATOM   721 O  "O4'" . DC D 4 1  ? -8.519  8.071   -5.767  1.00 95.85  ? 10  DC D "O4'" 1 
ATOM   722 C  "C3'" . DC D 4 1  ? -9.568  10.208  -5.682  1.00 106.18 ? 10  DC D "C3'" 1 
ATOM   723 O  "O3'" . DC D 4 1  ? -10.934 10.601  -5.718  1.00 113.85 ? 10  DC D "O3'" 1 
ATOM   724 C  "C2'" . DC D 4 1  ? -9.156  9.799   -4.270  1.00 103.15 ? 10  DC D "C2'" 1 
ATOM   725 C  "C1'" . DC D 4 1  ? -8.259  8.592   -4.487  1.00 95.38  ? 10  DC D "C1'" 1 
ATOM   726 N  N1    . DC D 4 1  ? -6.798  8.876   -4.370  1.00 90.17  ? 10  DC D N1    1 
ATOM   727 C  C2    . DC D 4 1  ? -6.209  8.885   -3.106  1.00 95.96  ? 10  DC D C2    1 
ATOM   728 O  O2    . DC D 4 1  ? -6.927  8.688   -2.118  1.00 100.53 ? 10  DC D O2    1 
ATOM   729 N  N3    . DC D 4 1  ? -4.879  9.121   -3.001  1.00 92.56  ? 10  DC D N3    1 
ATOM   730 C  C4    . DC D 4 1  ? -4.149  9.324   -4.098  1.00 93.25  ? 10  DC D C4    1 
ATOM   731 N  N4    . DC D 4 1  ? -2.842  9.551   -3.949  1.00 92.46  ? 10  DC D N4    1 
ATOM   732 C  C5    . DC D 4 1  ? -4.731  9.308   -5.400  1.00 92.84  ? 10  DC D C5    1 
ATOM   733 C  C6    . DC D 4 1  ? -6.044  9.076   -5.490  1.00 87.79  ? 10  DC D C6    1 
ATOM   734 P  P     . DG D 4 2  ? -11.341 12.138  -5.497  1.00 118.61 ? 11  DG D P     1 
ATOM   735 O  OP1   . DG D 4 2  ? -12.815 12.225  -5.640  1.00 113.78 ? 11  DG D OP1   1 
ATOM   736 O  OP2   . DG D 4 2  ? -10.450 12.959  -6.353  1.00 106.63 ? 11  DG D OP2   1 
ATOM   737 O  "O5'" . DG D 4 2  ? -10.940 12.439  -3.974  1.00 110.52 ? 11  DG D "O5'" 1 
ATOM   738 C  "C5'" . DG D 4 2  ? -11.666 11.845  -2.903  1.00 109.00 ? 11  DG D "C5'" 1 
ATOM   739 C  "C4'" . DG D 4 2  ? -10.913 12.024  -1.595  1.00 110.33 ? 11  DG D "C4'" 1 
ATOM   740 O  "O4'" . DG D 4 2  ? -9.553  11.601  -1.782  1.00 103.90 ? 11  DG D "O4'" 1 
ATOM   741 C  "C3'" . DG D 4 2  ? -10.831 13.467  -1.110  1.00 118.28 ? 11  DG D "C3'" 1 
ATOM   742 O  "O3'" . DG D 4 2  ? -11.735 13.670  -0.038  1.00 123.91 ? 11  DG D "O3'" 1 
ATOM   743 C  "C2'" . DG D 4 2  ? -9.371  13.665  -0.663  1.00 113.83 ? 11  DG D "C2'" 1 
ATOM   744 C  "C1'" . DG D 4 2  ? -8.704  12.320  -0.930  1.00 104.67 ? 11  DG D "C1'" 1 
ATOM   745 N  N9    . DG D 4 2  ? -7.417  12.446  -1.603  1.00 104.63 ? 11  DG D N9    1 
ATOM   746 C  C8    . DG D 4 2  ? -7.206  12.548  -2.955  1.00 103.81 ? 11  DG D C8    1 
ATOM   747 N  N7    . DG D 4 2  ? -5.947  12.648  -3.280  1.00 103.74 ? 11  DG D N7    1 
ATOM   748 C  C5    . DG D 4 2  ? -5.280  12.606  -2.063  1.00 105.74 ? 11  DG D C5    1 
ATOM   749 C  C6    . DG D 4 2  ? -3.894  12.670  -1.787  1.00 110.47 ? 11  DG D C6    1 
ATOM   750 O  O6    . DG D 4 2  ? -2.960  12.782  -2.592  1.00 109.97 ? 11  DG D O6    1 
ATOM   751 N  N1    . DG D 4 2  ? -3.635  12.593  -0.420  1.00 112.89 ? 11  DG D N1    1 
ATOM   752 C  C2    . DG D 4 2  ? -4.596  12.469  0.558   1.00 113.39 ? 11  DG D C2    1 
ATOM   753 N  N2    . DG D 4 2  ? -4.158  12.409  1.826   1.00 116.65 ? 11  DG D N2    1 
ATOM   754 N  N3    . DG D 4 2  ? -5.903  12.408  0.310   1.00 108.57 ? 11  DG D N3    1 
ATOM   755 C  C4    . DG D 4 2  ? -6.169  12.482  -1.019  1.00 106.25 ? 11  DG D C4    1 
ATOM   756 P  P     . DT D 4 3  ? -12.113 15.161  0.421   1.00 124.28 ? 12  DT D P     1 
ATOM   757 O  OP1   . DT D 4 3  ? -13.304 15.049  1.297   1.00 113.06 ? 12  DT D OP1   1 
ATOM   758 O  OP2   . DT D 4 3  ? -12.158 16.003  -0.798  1.00 123.55 ? 12  DT D OP2   1 
ATOM   759 O  "O5'" . DT D 4 3  ? -10.855 15.626  1.297   1.00 116.08 ? 12  DT D "O5'" 1 
ATOM   760 C  "C5'" . DT D 4 3  ? -10.569 14.955  2.512   1.00 117.12 ? 12  DT D "C5'" 1 
ATOM   761 C  "C4'" . DT D 4 3  ? -9.265  15.440  3.127   1.00 119.77 ? 12  DT D "C4'" 1 
ATOM   762 O  "O4'" . DT D 4 3  ? -8.157  15.162  2.236   1.00 112.42 ? 12  DT D "O4'" 1 
ATOM   763 C  "C3'" . DT D 4 3  ? -9.191  16.941  3.437   1.00 132.14 ? 12  DT D "C3'" 1 
ATOM   764 O  "O3'" . DT D 4 3  ? -8.695  17.113  4.764   1.00 141.06 ? 12  DT D "O3'" 1 
ATOM   765 C  "C2'" . DT D 4 3  ? -8.198  17.464  2.391   1.00 127.48 ? 12  DT D "C2'" 1 
ATOM   766 C  "C1'" . DT D 4 3  ? -7.286  16.264  2.249   1.00 120.64 ? 12  DT D "C1'" 1 
ATOM   767 N  N1    . DT D 4 3  ? -6.475  16.243  0.999   1.00 118.87 ? 12  DT D N1    1 
ATOM   768 C  C2    . DT D 4 3  ? -5.104  16.143  1.091   1.00 121.99 ? 12  DT D C2    1 
ATOM   769 O  O2    . DT D 4 3  ? -4.511  16.087  2.153   1.00 124.25 ? 12  DT D O2    1 
ATOM   770 N  N3    . DT D 4 3  ? -4.449  16.119  -0.113  1.00 123.62 ? 12  DT D N3    1 
ATOM   771 C  C4    . DT D 4 3  ? -5.019  16.178  -1.373  1.00 120.50 ? 12  DT D C4    1 
ATOM   772 O  O4    . DT D 4 3  ? -4.347  16.152  -2.399  1.00 121.54 ? 12  DT D O4    1 
ATOM   773 C  C5    . DT D 4 3  ? -6.460  16.273  -1.397  1.00 115.45 ? 12  DT D C5    1 
ATOM   774 C  C7    . DT D 4 3  ? -7.191  16.343  -2.709  1.00 109.96 ? 12  DT D C7    1 
ATOM   775 C  C6    . DT D 4 3  ? -7.111  16.299  -0.224  1.00 116.69 ? 12  DT D C6    1 
ATOM   776 P  P     . DC D 4 4  ? -8.763  18.541  5.502   1.00 143.13 ? 13  DC D P     1 
ATOM   777 O  OP1   . DC D 4 4  ? -9.627  18.381  6.695   1.00 139.67 ? 13  DC D OP1   1 
ATOM   778 O  OP2   . DC D 4 4  ? -9.082  19.581  4.499   1.00 139.35 ? 13  DC D OP2   1 
ATOM   779 O  "O5'" . DC D 4 4  ? -7.260  18.773  5.995   1.00 134.56 ? 13  DC D "O5'" 1 
ATOM   780 C  "C5'" . DC D 4 4  ? -6.184  18.491  5.120   1.00 135.19 ? 13  DC D "C5'" 1 
ATOM   781 C  "C4'" . DC D 4 4  ? -4.861  18.857  5.761   1.00 146.02 ? 13  DC D "C4'" 1 
ATOM   782 O  "O4'" . DC D 4 4  ? -3.795  18.680  4.800   1.00 144.82 ? 13  DC D "O4'" 1 
ATOM   783 C  "C3'" . DC D 4 4  ? -4.744  20.302  6.200   1.00 156.43 ? 13  DC D "C3'" 1 
ATOM   784 O  "O3'" . DC D 4 4  ? -3.757  20.417  7.218   1.00 163.98 ? 13  DC D "O3'" 1 
ATOM   785 C  "C2'" . DC D 4 4  ? -4.311  20.998  4.909   1.00 155.96 ? 13  DC D "C2'" 1 
ATOM   786 C  "C1'" . DC D 4 4  ? -3.446  19.932  4.227   1.00 151.68 ? 13  DC D "C1'" 1 
ATOM   787 N  N1    . DC D 4 4  ? -3.660  19.836  2.748   1.00 145.32 ? 13  DC D N1    1 
ATOM   788 C  C2    . DC D 4 4  ? -2.568  19.615  1.895   1.00 144.17 ? 13  DC D C2    1 
ATOM   789 O  O2    . DC D 4 4  ? -1.436  19.513  2.382   1.00 142.88 ? 13  DC D O2    1 
ATOM   790 N  N3    . DC D 4 4  ? -2.789  19.522  0.557   1.00 141.02 ? 13  DC D N3    1 
ATOM   791 C  C4    . DC D 4 4  ? -4.030  19.638  0.076   1.00 138.17 ? 13  DC D C4    1 
ATOM   792 N  N4    . DC D 4 4  ? -4.206  19.542  -1.246  1.00 136.29 ? 13  DC D N4    1 
ATOM   793 C  C5    . DC D 4 4  ? -5.150  19.860  0.930   1.00 136.57 ? 13  DC D C5    1 
ATOM   794 C  C6    . DC D 4 4  ? -4.922  19.950  2.242   1.00 139.85 ? 13  DC D C6    1 
ATOM   795 P  P     . DT D 4 5  ? -3.558  21.803  8.007   1.00 170.69 ? 14  DT D P     1 
ATOM   796 O  OP1   . DT D 4 5  ? -3.160  21.470  9.394   1.00 167.99 ? 14  DT D OP1   1 
ATOM   797 O  OP2   . DT D 4 5  ? -4.756  22.640  7.773   1.00 167.09 ? 14  DT D OP2   1 
ATOM   798 O  "O5'" . DT D 4 5  ? -2.319  22.489  7.262   1.00 165.90 ? 14  DT D "O5'" 1 
ATOM   799 C  "C5'" . DT D 4 5  ? -1.091  21.783  7.144   1.00 165.56 ? 14  DT D "C5'" 1 
ATOM   800 C  "C4'" . DT D 4 5  ? -0.117  22.517  6.237   1.00 167.99 ? 14  DT D "C4'" 1 
ATOM   801 O  "O4'" . DT D 4 5  ? -0.466  22.293  4.847   1.00 163.70 ? 14  DT D "O4'" 1 
ATOM   802 C  "C3'" . DT D 4 5  ? -0.063  24.033  6.426   1.00 172.19 ? 14  DT D "C3'" 1 
ATOM   803 O  "O3'" . DT D 4 5  ? 1.287   24.450  6.445   1.00 175.56 ? 14  DT D "O3'" 1 
ATOM   804 C  "C2'" . DT D 4 5  ? -0.794  24.567  5.191   1.00 168.73 ? 14  DT D "C2'" 1 
ATOM   805 C  "C1'" . DT D 4 5  ? -0.425  23.519  4.157   1.00 164.86 ? 14  DT D "C1'" 1 
ATOM   806 N  N1    . DT D 4 5  ? -1.373  23.440  3.005   1.00 159.75 ? 14  DT D N1    1 
ATOM   807 C  C2    . DT D 4 5  ? -0.883  23.135  1.755   1.00 158.89 ? 14  DT D C2    1 
ATOM   808 O  O2    . DT D 4 5  ? 0.299   22.936  1.529   1.00 157.03 ? 14  DT D O2    1 
ATOM   809 N  N3    . DT D 4 5  ? -1.832  23.073  0.768   1.00 155.05 ? 14  DT D N3    1 
ATOM   810 C  C4    . DT D 4 5  ? -3.193  23.278  0.904   1.00 151.83 ? 14  DT D C4    1 
ATOM   811 O  O4    . DT D 4 5  ? -3.966  23.200  -0.046  1.00 149.18 ? 14  DT D O4    1 
ATOM   812 C  C5    . DT D 4 5  ? -3.640  23.589  2.241   1.00 150.89 ? 14  DT D C5    1 
ATOM   813 C  C7    . DT D 4 5  ? -5.095  23.832  2.512   1.00 149.98 ? 14  DT D C7    1 
ATOM   814 C  C6    . DT D 4 5  ? -2.719  23.654  3.216   1.00 154.58 ? 14  DT D C6    1 
ATOM   815 P  P     . DG D 4 6  ? 1.738   25.708  7.335   1.00 179.68 ? 15  DG D P     1 
ATOM   816 O  OP1   . DG D 4 6  ? 2.663   25.204  8.376   1.00 179.80 ? 15  DG D OP1   1 
ATOM   817 O  OP2   . DG D 4 6  ? 0.517   26.450  7.721   1.00 180.06 ? 15  DG D OP2   1 
ATOM   818 O  "O5'" . DG D 4 6  ? 2.567   26.606  6.307   1.00 179.05 ? 15  DG D "O5'" 1 
ATOM   819 C  "C5'" . DG D 4 6  ? 3.595   26.011  5.532   1.00 178.99 ? 15  DG D "C5'" 1 
ATOM   820 C  "C4'" . DG D 4 6  ? 3.563   26.522  4.105   1.00 180.59 ? 15  DG D "C4'" 1 
ATOM   821 O  "O4'" . DG D 4 6  ? 2.343   26.105  3.466   1.00 175.70 ? 15  DG D "O4'" 1 
ATOM   822 C  "C3'" . DG D 4 6  ? 3.572   28.041  3.965   1.00 180.86 ? 15  DG D "C3'" 1 
ATOM   823 O  "O3'" . DG D 4 6  ? 4.927   28.532  3.797   1.00 186.31 ? 15  DG D "O3'" 1 
ATOM   824 C  "C2'" . DG D 4 6  ? 2.673   28.316  2.742   1.00 176.54 ? 15  DG D "C2'" 1 
ATOM   825 C  "C1'" . DG D 4 6  ? 2.151   26.930  2.346   1.00 174.17 ? 15  DG D "C1'" 1 
ATOM   826 N  N9    . DG D 4 6  ? 0.737   26.924  1.975   1.00 169.36 ? 15  DG D N9    1 
ATOM   827 C  C8    . DG D 4 6  ? -0.335  27.225  2.783   1.00 167.89 ? 15  DG D C8    1 
ATOM   828 N  N7    . DG D 4 6  ? -1.486  27.152  2.171   1.00 165.00 ? 15  DG D N7    1 
ATOM   829 C  C5    . DG D 4 6  ? -1.158  26.782  0.871   1.00 164.96 ? 15  DG D C5    1 
ATOM   830 C  C6    . DG D 4 6  ? -1.994  26.548  -0.249  1.00 160.32 ? 15  DG D C6    1 
ATOM   831 O  O6    . DG D 4 6  ? -3.229  26.623  -0.315  1.00 160.60 ? 15  DG D O6    1 
ATOM   832 N  N1    . DG D 4 6  ? -1.256  26.192  -1.379  1.00 161.92 ? 15  DG D N1    1 
ATOM   833 C  C2    . DG D 4 6  ? 0.115   26.076  -1.420  1.00 161.84 ? 15  DG D C2    1 
ATOM   834 N  N2    . DG D 4 6  ? 0.655   25.724  -2.599  1.00 157.05 ? 15  DG D N2    1 
ATOM   835 N  N3    . DG D 4 6  ? 0.909   26.294  -0.377  1.00 165.88 ? 15  DG D N3    1 
ATOM   836 C  C4    . DG D 4 6  ? 0.205   26.642  0.732   1.00 166.80 ? 15  DG D C4    1 
ATOM   837 P  P     . DC D 4 7  ? 5.654   28.579  2.357   1.00 189.53 ? 16  DC D P     1 
ATOM   838 O  OP1   . DC D 4 7  ? 5.333   27.345  1.603   1.00 202.16 ? 16  DC D OP1   1 
ATOM   839 O  OP2   . DC D 4 7  ? 7.074   28.902  2.616   1.00 191.80 ? 16  DC D OP2   1 
ATOM   840 O  "O5'" . DC D 4 7  ? 5.019   29.858  1.632   1.00 181.61 ? 16  DC D "O5'" 1 
ATOM   841 C  "C5'" . DC D 4 7  ? 5.628   30.403  0.462   1.00 178.39 ? 16  DC D "C5'" 1 
ATOM   842 C  "C4'" . DC D 4 7  ? 5.439   29.486  -0.734  1.00 174.66 ? 16  DC D "C4'" 1 
ATOM   843 O  "O4'" . DC D 4 7  ? 4.117   28.886  -0.686  1.00 173.26 ? 16  DC D "O4'" 1 
ATOM   844 C  "C3'" . DC D 4 7  ? 5.536   30.173  -2.093  1.00 170.17 ? 16  DC D "C3'" 1 
ATOM   845 O  "O3'" . DC D 4 7  ? 6.114   29.288  -3.045  1.00 166.08 ? 16  DC D "O3'" 1 
ATOM   846 C  "C2'" . DC D 4 7  ? 4.077   30.474  -2.418  1.00 166.32 ? 16  DC D "C2'" 1 
ATOM   847 C  "C1'" . DC D 4 7  ? 3.378   29.253  -1.836  1.00 167.92 ? 16  DC D "C1'" 1 
ATOM   848 N  N1    . DC D 4 7  ? 1.971   29.513  -1.420  1.00 161.71 ? 16  DC D N1    1 
ATOM   849 C  C2    . DC D 4 7  ? 0.925   29.337  -2.337  1.00 158.11 ? 16  DC D C2    1 
ATOM   850 O  O2    . DC D 4 7  ? 1.184   28.965  -3.489  1.00 155.42 ? 16  DC D O2    1 
ATOM   851 N  N3    . DC D 4 7  ? -0.346  29.581  -1.931  1.00 158.64 ? 16  DC D N3    1 
ATOM   852 C  C4    . DC D 4 7  ? -0.585  29.981  -0.680  1.00 159.53 ? 16  DC D C4    1 
ATOM   853 N  N4    . DC D 4 7  ? -1.854  30.208  -0.327  1.00 157.11 ? 16  DC D N4    1 
ATOM   854 C  C5    . DC D 4 7  ? 0.467   30.165  0.264   1.00 162.91 ? 16  DC D C5    1 
ATOM   855 C  C6    . DC D 4 7  ? 1.714   29.923  -0.146  1.00 163.65 ? 16  DC D C6    1 
HETATM 856 CO CO    . CO E 5 .  ? 1.097   -1.449  4.377   1.00 85.97  ? 101 CO B CO    1 
HETATM 857 CO CO    . CO F 5 .  ? -3.820  14.112  -6.465  1.00 147.23 ? 101 CO D CO    1 
# 
loop_
_pdbx_poly_seq_scheme.asym_id 
_pdbx_poly_seq_scheme.entity_id 
_pdbx_poly_seq_scheme.seq_id 
_pdbx_poly_seq_scheme.mon_id 
_pdbx_poly_seq_scheme.ndb_seq_num 
_pdbx_poly_seq_scheme.pdb_seq_num 
_pdbx_poly_seq_scheme.auth_seq_num 
_pdbx_poly_seq_scheme.pdb_mon_id 
_pdbx_poly_seq_scheme.auth_mon_id 
_pdbx_poly_seq_scheme.pdb_strand_id 
_pdbx_poly_seq_scheme.pdb_ins_code 
_pdbx_poly_seq_scheme.hetero 
A 1 1  DG 1  1  1  DG DG A . n 
A 1 2  DA 2  2  2  DA DA A . n 
A 1 3  DG 3  3  3  DG DG A . n 
A 1 4  DC 4  4  4  DC DC A . n 
A 1 5  DA 5  5  5  DA DA A . n 
A 1 6  DG 6  6  6  DG DG A . n 
A 1 7  DA 7  7  7  DA DA A . n 
A 1 8  DC 8  8  8  DC DC A . n 
A 1 9  DG 9  9  9  DG DG A . n 
A 1 10 DA 10 10 10 DA DA A . n 
A 1 11 DG 11 11 11 DG DG A . n 
A 1 12 DA 12 12 12 DA DA A . n 
A 1 13 DC 13 13 13 DC DC A . n 
A 1 14 DC 14 14 14 DC DC A . n 
A 1 15 DG 15 15 15 DG DG A . n 
A 1 16 DC 16 16 16 DC DC A . n 
A 1 17 DA 17 17 17 DA DA A . n 
A 1 18 DC 18 18 18 DC DC A . n 
A 1 19 DT 19 19 19 DT DT A . n 
A 1 20 DC 20 20 20 DC DC A . n 
A 1 21 DA 21 21 21 DA DA A . n 
B 2 1  DG 1  1  1  DG DG B . n 
B 2 2  DG 2  2  2  DG DG B . n 
B 2 3  DT 3  3  3  DT DT B . n 
B 2 4  DC 4  4  4  DC DC B . n 
B 2 5  DT 5  5  5  DT DT B . n 
C 3 1  DT 1  1  1  DT DT C . n 
C 3 2  DC 2  2  2  DC DC C . n 
C 3 3  DT 3  3  3  DT DT C . n 
C 3 4  DG 4  4  4  DG DG C . n 
C 3 5  DA 5  5  5  DA DA C . n 
C 3 6  DG 6  6  6  DG DG C . n 
C 3 7  DT 7  7  7  DT DT C . n 
C 3 8  DG 8  8  8  DG DG C . n 
C 3 9  DC 9  9  9  DC DC C . n 
D 4 1  DC 1  10 10 DC DC D . n 
D 4 2  DG 2  11 11 DG DG D . n 
D 4 3  DT 3  12 12 DT DT D . n 
D 4 4  DC 4  13 13 DC DC D . n 
D 4 5  DT 5  14 14 DT DT D . n 
D 4 6  DG 6  15 15 DG DG D . n 
D 4 7  DC 7  16 16 DC DC D . n 
# 
loop_
_pdbx_nonpoly_scheme.asym_id 
_pdbx_nonpoly_scheme.entity_id 
_pdbx_nonpoly_scheme.mon_id 
_pdbx_nonpoly_scheme.ndb_seq_num 
_pdbx_nonpoly_scheme.pdb_seq_num 
_pdbx_nonpoly_scheme.auth_seq_num 
_pdbx_nonpoly_scheme.pdb_mon_id 
_pdbx_nonpoly_scheme.auth_mon_id 
_pdbx_nonpoly_scheme.pdb_strand_id 
_pdbx_nonpoly_scheme.pdb_ins_code 
E 5 CO 1 101 1 CO CO B . 
F 5 CO 1 101 2 CO CO D . 
# 
_pdbx_struct_assembly.id                   1 
_pdbx_struct_assembly.details              author_and_software_defined_assembly 
_pdbx_struct_assembly.method_details       PISA 
_pdbx_struct_assembly.oligomeric_details   tetrameric 
_pdbx_struct_assembly.oligomeric_count     4 
# 
_pdbx_struct_assembly_gen.assembly_id       1 
_pdbx_struct_assembly_gen.oper_expression   1 
_pdbx_struct_assembly_gen.asym_id_list      A,B,C,D,E,F 
# 
loop_
_pdbx_struct_assembly_prop.biol_id 
_pdbx_struct_assembly_prop.type 
_pdbx_struct_assembly_prop.value 
_pdbx_struct_assembly_prop.details 
1 'ABSA (A^2)' 2510 ? 
1 MORE         -21  ? 
1 'SSA (A^2)'  7850 ? 
# 
_pdbx_struct_oper_list.id                   1 
_pdbx_struct_oper_list.type                 'identity operation' 
_pdbx_struct_oper_list.name                 1_555 
_pdbx_struct_oper_list.symmetry_operation   x,y,z 
_pdbx_struct_oper_list.matrix[1][1]         1.0000000000 
_pdbx_struct_oper_list.matrix[1][2]         0.0000000000 
_pdbx_struct_oper_list.matrix[1][3]         0.0000000000 
_pdbx_struct_oper_list.vector[1]            0.0000000000 
_pdbx_struct_oper_list.matrix[2][1]         0.0000000000 
_pdbx_struct_oper_list.matrix[2][2]         1.0000000000 
_pdbx_struct_oper_list.matrix[2][3]         0.0000000000 
_pdbx_struct_oper_list.vector[2]            0.0000000000 
_pdbx_struct_oper_list.matrix[3][1]         0.0000000000 
_pdbx_struct_oper_list.matrix[3][2]         0.0000000000 
_pdbx_struct_oper_list.matrix[3][3]         1.0000000000 
_pdbx_struct_oper_list.vector[3]            0.0000000000 
# 
loop_
_pdbx_audit_revision_history.ordinal 
_pdbx_audit_revision_history.data_content_type 
_pdbx_audit_revision_history.major_revision 
_pdbx_audit_revision_history.minor_revision 
_pdbx_audit_revision_history.revision_date 
1 'Structure model' 1 0 2021-07-14 
2 'Structure model' 1 1 2022-07-06 
3 'Structure model' 1 2 2023-10-18 
# 
_pdbx_audit_revision_details.ordinal             1 
_pdbx_audit_revision_details.revision_ordinal    1 
_pdbx_audit_revision_details.data_content_type   'Structure model' 
_pdbx_audit_revision_details.provider            repository 
_pdbx_audit_revision_details.type                'Initial release' 
_pdbx_audit_revision_details.description         ? 
_pdbx_audit_revision_details.details             ? 
# 
loop_
_pdbx_audit_revision_group.ordinal 
_pdbx_audit_revision_group.revision_ordinal 
_pdbx_audit_revision_group.data_content_type 
_pdbx_audit_revision_group.group 
1 2 'Structure model' 'Database references'    
2 3 'Structure model' 'Data collection'        
3 3 'Structure model' 'Refinement description' 
# 
loop_
_pdbx_audit_revision_category.ordinal 
_pdbx_audit_revision_category.revision_ordinal 
_pdbx_audit_revision_category.data_content_type 
_pdbx_audit_revision_category.category 
1 2 'Structure model' citation                      
2 2 'Structure model' citation_author               
3 2 'Structure model' database_2                    
4 3 'Structure model' chem_comp_atom                
5 3 'Structure model' chem_comp_bond                
6 3 'Structure model' pdbx_initial_refinement_model 
# 
loop_
_pdbx_audit_revision_item.ordinal 
_pdbx_audit_revision_item.revision_ordinal 
_pdbx_audit_revision_item.data_content_type 
_pdbx_audit_revision_item.item 
1  2 'Structure model' '_citation.country'                   
2  2 'Structure model' '_citation.journal_abbrev'            
3  2 'Structure model' '_citation.journal_id_CSD'            
4  2 'Structure model' '_citation.journal_id_ISSN'           
5  2 'Structure model' '_citation.journal_volume'            
6  2 'Structure model' '_citation.page_first'                
7  2 'Structure model' '_citation.page_last'                 
8  2 'Structure model' '_citation.pdbx_database_id_DOI'      
9  2 'Structure model' '_citation.pdbx_database_id_PubMed'   
10 2 'Structure model' '_citation.title'                     
11 2 'Structure model' '_citation.year'                      
12 2 'Structure model' '_database_2.pdbx_DOI'                
13 2 'Structure model' '_database_2.pdbx_database_accession' 
# 
loop_
_software.citation_id 
_software.classification 
_software.compiler_name 
_software.compiler_version 
_software.contact_author 
_software.contact_author_email 
_software.date 
_software.description 
_software.dependencies 
_software.hardware 
_software.language 
_software.location 
_software.mods 
_software.name 
_software.os 
_software.os_version 
_software.type 
_software.version 
_software.pdbx_ordinal 
? refinement        ? ? ? ? ? ? ? ? ? ? ? PHENIX      ? ? ? 1.11.1_2575 1 
? 'data reduction'  ? ? ? ? ? ? ? ? ? ? ? HKL-2000    ? ? ? .           2 
? 'data scaling'    ? ? ? ? ? ? ? ? ? ? ? HKL-2000    ? ? ? .           3 
? 'data extraction' ? ? ? ? ? ? ? ? ? ? ? PDB_EXTRACT ? ? ? 3.25        4 
? phasing           ? ? ? ? ? ? ? ? ? ? ? PHASER      ? ? ? .           5 
# 
_pdbx_entry_details.entry_id                 6WT0 
_pdbx_entry_details.nonpolymer_details       ? 
_pdbx_entry_details.sequence_details         ? 
_pdbx_entry_details.compound_details         ? 
_pdbx_entry_details.source_details           ? 
_pdbx_entry_details.has_ligand_of_interest   N 
# 
_pdbx_validate_rmsd_angle.id                         1 
_pdbx_validate_rmsd_angle.PDB_model_num              1 
_pdbx_validate_rmsd_angle.auth_atom_id_1             "O4'" 
_pdbx_validate_rmsd_angle.auth_asym_id_1             C 
_pdbx_validate_rmsd_angle.auth_comp_id_1             DC 
_pdbx_validate_rmsd_angle.auth_seq_id_1              9 
_pdbx_validate_rmsd_angle.PDB_ins_code_1             ? 
_pdbx_validate_rmsd_angle.label_alt_id_1             ? 
_pdbx_validate_rmsd_angle.auth_atom_id_2             "C1'" 
_pdbx_validate_rmsd_angle.auth_asym_id_2             C 
_pdbx_validate_rmsd_angle.auth_comp_id_2             DC 
_pdbx_validate_rmsd_angle.auth_seq_id_2              9 
_pdbx_validate_rmsd_angle.PDB_ins_code_2             ? 
_pdbx_validate_rmsd_angle.label_alt_id_2             ? 
_pdbx_validate_rmsd_angle.auth_atom_id_3             N1 
_pdbx_validate_rmsd_angle.auth_asym_id_3             C 
_pdbx_validate_rmsd_angle.auth_comp_id_3             DC 
_pdbx_validate_rmsd_angle.auth_seq_id_3              9 
_pdbx_validate_rmsd_angle.PDB_ins_code_3             ? 
_pdbx_validate_rmsd_angle.label_alt_id_3             ? 
_pdbx_validate_rmsd_angle.angle_value                110.88 
_pdbx_validate_rmsd_angle.angle_target_value         108.30 
_pdbx_validate_rmsd_angle.angle_deviation            2.58 
_pdbx_validate_rmsd_angle.angle_standard_deviation   0.30 
_pdbx_validate_rmsd_angle.linker_flag                N 
# 
loop_
_chem_comp_atom.comp_id 
_chem_comp_atom.atom_id 
_chem_comp_atom.type_symbol 
_chem_comp_atom.pdbx_aromatic_flag 
_chem_comp_atom.pdbx_stereo_config 
_chem_comp_atom.pdbx_ordinal 
CO CO     CO N N 1   
DA OP3    O  N N 2   
DA P      P  N N 3   
DA OP1    O  N N 4   
DA OP2    O  N N 5   
DA "O5'"  O  N N 6   
DA "C5'"  C  N N 7   
DA "C4'"  C  N R 8   
DA "O4'"  O  N N 9   
DA "C3'"  C  N S 10  
DA "O3'"  O  N N 11  
DA "C2'"  C  N N 12  
DA "C1'"  C  N R 13  
DA N9     N  Y N 14  
DA C8     C  Y N 15  
DA N7     N  Y N 16  
DA C5     C  Y N 17  
DA C6     C  Y N 18  
DA N6     N  N N 19  
DA N1     N  Y N 20  
DA C2     C  Y N 21  
DA N3     N  Y N 22  
DA C4     C  Y N 23  
DA HOP3   H  N N 24  
DA HOP2   H  N N 25  
DA "H5'"  H  N N 26  
DA "H5''" H  N N 27  
DA "H4'"  H  N N 28  
DA "H3'"  H  N N 29  
DA "HO3'" H  N N 30  
DA "H2'"  H  N N 31  
DA "H2''" H  N N 32  
DA "H1'"  H  N N 33  
DA H8     H  N N 34  
DA H61    H  N N 35  
DA H62    H  N N 36  
DA H2     H  N N 37  
DC OP3    O  N N 38  
DC P      P  N N 39  
DC OP1    O  N N 40  
DC OP2    O  N N 41  
DC "O5'"  O  N N 42  
DC "C5'"  C  N N 43  
DC "C4'"  C  N R 44  
DC "O4'"  O  N N 45  
DC "C3'"  C  N S 46  
DC "O3'"  O  N N 47  
DC "C2'"  C  N N 48  
DC "C1'"  C  N R 49  
DC N1     N  N N 50  
DC C2     C  N N 51  
DC O2     O  N N 52  
DC N3     N  N N 53  
DC C4     C  N N 54  
DC N4     N  N N 55  
DC C5     C  N N 56  
DC C6     C  N N 57  
DC HOP3   H  N N 58  
DC HOP2   H  N N 59  
DC "H5'"  H  N N 60  
DC "H5''" H  N N 61  
DC "H4'"  H  N N 62  
DC "H3'"  H  N N 63  
DC "HO3'" H  N N 64  
DC "H2'"  H  N N 65  
DC "H2''" H  N N 66  
DC "H1'"  H  N N 67  
DC H41    H  N N 68  
DC H42    H  N N 69  
DC H5     H  N N 70  
DC H6     H  N N 71  
DG OP3    O  N N 72  
DG P      P  N N 73  
DG OP1    O  N N 74  
DG OP2    O  N N 75  
DG "O5'"  O  N N 76  
DG "C5'"  C  N N 77  
DG "C4'"  C  N R 78  
DG "O4'"  O  N N 79  
DG "C3'"  C  N S 80  
DG "O3'"  O  N N 81  
DG "C2'"  C  N N 82  
DG "C1'"  C  N R 83  
DG N9     N  Y N 84  
DG C8     C  Y N 85  
DG N7     N  Y N 86  
DG C5     C  Y N 87  
DG C6     C  N N 88  
DG O6     O  N N 89  
DG N1     N  N N 90  
DG C2     C  N N 91  
DG N2     N  N N 92  
DG N3     N  N N 93  
DG C4     C  Y N 94  
DG HOP3   H  N N 95  
DG HOP2   H  N N 96  
DG "H5'"  H  N N 97  
DG "H5''" H  N N 98  
DG "H4'"  H  N N 99  
DG "H3'"  H  N N 100 
DG "HO3'" H  N N 101 
DG "H2'"  H  N N 102 
DG "H2''" H  N N 103 
DG "H1'"  H  N N 104 
DG H8     H  N N 105 
DG H1     H  N N 106 
DG H21    H  N N 107 
DG H22    H  N N 108 
DT OP3    O  N N 109 
DT P      P  N N 110 
DT OP1    O  N N 111 
DT OP2    O  N N 112 
DT "O5'"  O  N N 113 
DT "C5'"  C  N N 114 
DT "C4'"  C  N R 115 
DT "O4'"  O  N N 116 
DT "C3'"  C  N S 117 
DT "O3'"  O  N N 118 
DT "C2'"  C  N N 119 
DT "C1'"  C  N R 120 
DT N1     N  N N 121 
DT C2     C  N N 122 
DT O2     O  N N 123 
DT N3     N  N N 124 
DT C4     C  N N 125 
DT O4     O  N N 126 
DT C5     C  N N 127 
DT C7     C  N N 128 
DT C6     C  N N 129 
DT HOP3   H  N N 130 
DT HOP2   H  N N 131 
DT "H5'"  H  N N 132 
DT "H5''" H  N N 133 
DT "H4'"  H  N N 134 
DT "H3'"  H  N N 135 
DT "HO3'" H  N N 136 
DT "H2'"  H  N N 137 
DT "H2''" H  N N 138 
DT "H1'"  H  N N 139 
DT H3     H  N N 140 
DT H71    H  N N 141 
DT H72    H  N N 142 
DT H73    H  N N 143 
DT H6     H  N N 144 
# 
loop_
_chem_comp_bond.comp_id 
_chem_comp_bond.atom_id_1 
_chem_comp_bond.atom_id_2 
_chem_comp_bond.value_order 
_chem_comp_bond.pdbx_aromatic_flag 
_chem_comp_bond.pdbx_stereo_config 
_chem_comp_bond.pdbx_ordinal 
DA OP3   P      sing N N 1   
DA OP3   HOP3   sing N N 2   
DA P     OP1    doub N N 3   
DA P     OP2    sing N N 4   
DA P     "O5'"  sing N N 5   
DA OP2   HOP2   sing N N 6   
DA "O5'" "C5'"  sing N N 7   
DA "C5'" "C4'"  sing N N 8   
DA "C5'" "H5'"  sing N N 9   
DA "C5'" "H5''" sing N N 10  
DA "C4'" "O4'"  sing N N 11  
DA "C4'" "C3'"  sing N N 12  
DA "C4'" "H4'"  sing N N 13  
DA "O4'" "C1'"  sing N N 14  
DA "C3'" "O3'"  sing N N 15  
DA "C3'" "C2'"  sing N N 16  
DA "C3'" "H3'"  sing N N 17  
DA "O3'" "HO3'" sing N N 18  
DA "C2'" "C1'"  sing N N 19  
DA "C2'" "H2'"  sing N N 20  
DA "C2'" "H2''" sing N N 21  
DA "C1'" N9     sing N N 22  
DA "C1'" "H1'"  sing N N 23  
DA N9    C8     sing Y N 24  
DA N9    C4     sing Y N 25  
DA C8    N7     doub Y N 26  
DA C8    H8     sing N N 27  
DA N7    C5     sing Y N 28  
DA C5    C6     sing Y N 29  
DA C5    C4     doub Y N 30  
DA C6    N6     sing N N 31  
DA C6    N1     doub Y N 32  
DA N6    H61    sing N N 33  
DA N6    H62    sing N N 34  
DA N1    C2     sing Y N 35  
DA C2    N3     doub Y N 36  
DA C2    H2     sing N N 37  
DA N3    C4     sing Y N 38  
DC OP3   P      sing N N 39  
DC OP3   HOP3   sing N N 40  
DC P     OP1    doub N N 41  
DC P     OP2    sing N N 42  
DC P     "O5'"  sing N N 43  
DC OP2   HOP2   sing N N 44  
DC "O5'" "C5'"  sing N N 45  
DC "C5'" "C4'"  sing N N 46  
DC "C5'" "H5'"  sing N N 47  
DC "C5'" "H5''" sing N N 48  
DC "C4'" "O4'"  sing N N 49  
DC "C4'" "C3'"  sing N N 50  
DC "C4'" "H4'"  sing N N 51  
DC "O4'" "C1'"  sing N N 52  
DC "C3'" "O3'"  sing N N 53  
DC "C3'" "C2'"  sing N N 54  
DC "C3'" "H3'"  sing N N 55  
DC "O3'" "HO3'" sing N N 56  
DC "C2'" "C1'"  sing N N 57  
DC "C2'" "H2'"  sing N N 58  
DC "C2'" "H2''" sing N N 59  
DC "C1'" N1     sing N N 60  
DC "C1'" "H1'"  sing N N 61  
DC N1    C2     sing N N 62  
DC N1    C6     sing N N 63  
DC C2    O2     doub N N 64  
DC C2    N3     sing N N 65  
DC N3    C4     doub N N 66  
DC C4    N4     sing N N 67  
DC C4    C5     sing N N 68  
DC N4    H41    sing N N 69  
DC N4    H42    sing N N 70  
DC C5    C6     doub N N 71  
DC C5    H5     sing N N 72  
DC C6    H6     sing N N 73  
DG OP3   P      sing N N 74  
DG OP3   HOP3   sing N N 75  
DG P     OP1    doub N N 76  
DG P     OP2    sing N N 77  
DG P     "O5'"  sing N N 78  
DG OP2   HOP2   sing N N 79  
DG "O5'" "C5'"  sing N N 80  
DG "C5'" "C4'"  sing N N 81  
DG "C5'" "H5'"  sing N N 82  
DG "C5'" "H5''" sing N N 83  
DG "C4'" "O4'"  sing N N 84  
DG "C4'" "C3'"  sing N N 85  
DG "C4'" "H4'"  sing N N 86  
DG "O4'" "C1'"  sing N N 87  
DG "C3'" "O3'"  sing N N 88  
DG "C3'" "C2'"  sing N N 89  
DG "C3'" "H3'"  sing N N 90  
DG "O3'" "HO3'" sing N N 91  
DG "C2'" "C1'"  sing N N 92  
DG "C2'" "H2'"  sing N N 93  
DG "C2'" "H2''" sing N N 94  
DG "C1'" N9     sing N N 95  
DG "C1'" "H1'"  sing N N 96  
DG N9    C8     sing Y N 97  
DG N9    C4     sing Y N 98  
DG C8    N7     doub Y N 99  
DG C8    H8     sing N N 100 
DG N7    C5     sing Y N 101 
DG C5    C6     sing N N 102 
DG C5    C4     doub Y N 103 
DG C6    O6     doub N N 104 
DG C6    N1     sing N N 105 
DG N1    C2     sing N N 106 
DG N1    H1     sing N N 107 
DG C2    N2     sing N N 108 
DG C2    N3     doub N N 109 
DG N2    H21    sing N N 110 
DG N2    H22    sing N N 111 
DG N3    C4     sing N N 112 
DT OP3   P      sing N N 113 
DT OP3   HOP3   sing N N 114 
DT P     OP1    doub N N 115 
DT P     OP2    sing N N 116 
DT P     "O5'"  sing N N 117 
DT OP2   HOP2   sing N N 118 
DT "O5'" "C5'"  sing N N 119 
DT "C5'" "C4'"  sing N N 120 
DT "C5'" "H5'"  sing N N 121 
DT "C5'" "H5''" sing N N 122 
DT "C4'" "O4'"  sing N N 123 
DT "C4'" "C3'"  sing N N 124 
DT "C4'" "H4'"  sing N N 125 
DT "O4'" "C1'"  sing N N 126 
DT "C3'" "O3'"  sing N N 127 
DT "C3'" "C2'"  sing N N 128 
DT "C3'" "H3'"  sing N N 129 
DT "O3'" "HO3'" sing N N 130 
DT "C2'" "C1'"  sing N N 131 
DT "C2'" "H2'"  sing N N 132 
DT "C2'" "H2''" sing N N 133 
DT "C1'" N1     sing N N 134 
DT "C1'" "H1'"  sing N N 135 
DT N1    C2     sing N N 136 
DT N1    C6     sing N N 137 
DT C2    O2     doub N N 138 
DT C2    N3     sing N N 139 
DT N3    C4     sing N N 140 
DT N3    H3     sing N N 141 
DT C4    O4     doub N N 142 
DT C4    C5     sing N N 143 
DT C5    C7     sing N N 144 
DT C5    C6     doub N N 145 
DT C7    H71    sing N N 146 
DT C7    H72    sing N N 147 
DT C7    H73    sing N N 148 
DT C6    H6     sing N N 149 
# 
loop_
_ndb_struct_conf_na.entry_id 
_ndb_struct_conf_na.feature 
6WT0 'double helix'        
6WT0 'a-form double helix' 
6WT0 'b-form double helix' 
# 
loop_
_ndb_struct_na_base_pair.model_number 
_ndb_struct_na_base_pair.i_label_asym_id 
_ndb_struct_na_base_pair.i_label_comp_id 
_ndb_struct_na_base_pair.i_label_seq_id 
_ndb_struct_na_base_pair.i_symmetry 
_ndb_struct_na_base_pair.j_label_asym_id 
_ndb_struct_na_base_pair.j_label_comp_id 
_ndb_struct_na_base_pair.j_label_seq_id 
_ndb_struct_na_base_pair.j_symmetry 
_ndb_struct_na_base_pair.shear 
_ndb_struct_na_base_pair.stretch 
_ndb_struct_na_base_pair.stagger 
_ndb_struct_na_base_pair.buckle 
_ndb_struct_na_base_pair.propeller 
_ndb_struct_na_base_pair.opening 
_ndb_struct_na_base_pair.pair_number 
_ndb_struct_na_base_pair.pair_name 
_ndb_struct_na_base_pair.i_auth_asym_id 
_ndb_struct_na_base_pair.i_auth_seq_id 
_ndb_struct_na_base_pair.i_PDB_ins_code 
_ndb_struct_na_base_pair.j_auth_asym_id 
_ndb_struct_na_base_pair.j_auth_seq_id 
_ndb_struct_na_base_pair.j_PDB_ins_code 
_ndb_struct_na_base_pair.hbond_type_28 
_ndb_struct_na_base_pair.hbond_type_12 
1 A DG 3  1_555 D DC 7 1_555 -0.151 -0.212 0.634  -1.354 -11.900 -3.233 1  A_DG3:DC16_D A 3  ? D 16 ? 19 1 
1 A DC 4  1_555 D DG 6 1_555 0.140  -0.160 0.596  -5.288 -8.275  -1.604 2  A_DC4:DG15_D A 4  ? D 15 ? 19 1 
1 A DG 6  1_555 D DC 4 1_555 -0.161 -0.132 0.182  -5.350 -3.570  -0.426 3  A_DG6:DC13_D A 6  ? D 13 ? 19 1 
1 A DA 7  1_555 D DT 3 1_555 0.088  -0.112 0.260  -6.521 -2.151  0.004  4  A_DA7:DT12_D A 7  ? D 12 ? 20 1 
1 A DC 8  1_555 D DG 2 1_555 0.179  -0.171 0.500  -3.079 -3.085  -0.791 5  A_DC8:DG11_D A 8  ? D 11 ? 19 1 
1 A DG 9  1_555 D DC 1 1_555 -0.173 -0.188 0.331  -2.101 -3.596  1.212  6  A_DG9:DC10_D A 9  ? D 10 ? 19 1 
1 A DA 10 1_555 B DT 5 1_555 0.004  -0.185 0.738  -1.395 -3.483  0.860  7  A_DA10:DT5_B A 10 ? B 5  ? 20 1 
1 A DG 11 1_555 B DC 4 1_555 -0.143 -0.191 0.664  1.767  -5.585  -0.834 8  A_DG11:DC4_B A 11 ? B 4  ? 19 1 
1 A DA 12 1_555 B DT 3 1_555 0.184  -0.097 0.392  1.206  -5.304  -1.806 9  A_DA12:DT3_B A 12 ? B 3  ? 20 1 
1 A DC 13 1_555 B DG 2 1_555 0.164  -0.284 0.734  2.955  -10.341 -0.486 10 A_DC13:DG2_B A 13 ? B 2  ? 19 1 
1 A DC 14 1_555 B DG 1 1_555 0.131  -0.145 0.152  0.567  -6.881  -1.633 11 A_DC14:DG1_B A 14 ? B 1  ? 19 1 
1 A DG 15 1_555 C DC 9 1_555 -0.236 -0.133 0.197  -3.358 -1.001  1.205  12 A_DG15:DC9_C A 15 ? C 9  ? 19 1 
1 A DC 16 1_555 C DG 8 1_555 0.165  -0.319 0.990  1.756  -1.891  -0.555 13 A_DC16:DG8_C A 16 ? C 8  ? 19 1 
1 A DA 17 1_555 C DT 7 1_555 0.159  -0.158 0.581  3.422  -9.770  -2.927 14 A_DA17:DT7_C A 17 ? C 7  ? 20 1 
1 A DC 18 1_555 C DG 6 1_555 0.202  -0.126 0.128  -1.523 -11.171 0.658  15 A_DC18:DG6_C A 18 ? C 6  ? 19 1 
1 A DT 19 1_555 C DA 5 1_555 -0.162 0.028  0.049  -4.805 -12.361 -5.410 16 A_DT19:DA5_C A 19 ? C 5  ? 20 1 
1 A DC 20 1_555 C DG 4 1_555 0.190  -0.133 0.122  -2.751 -9.192  1.856  17 A_DC20:DG4_C A 20 ? C 4  ? 19 1 
1 A DA 21 1_555 C DT 3 1_555 0.157  -0.045 -0.148 -5.491 -7.794  -1.817 18 A_DA21:DT3_C A 21 ? C 3  ? 20 1 
# 
loop_
_ndb_struct_na_base_pair_step.model_number 
_ndb_struct_na_base_pair_step.i_label_asym_id_1 
_ndb_struct_na_base_pair_step.i_label_comp_id_1 
_ndb_struct_na_base_pair_step.i_label_seq_id_1 
_ndb_struct_na_base_pair_step.i_symmetry_1 
_ndb_struct_na_base_pair_step.j_label_asym_id_1 
_ndb_struct_na_base_pair_step.j_label_comp_id_1 
_ndb_struct_na_base_pair_step.j_label_seq_id_1 
_ndb_struct_na_base_pair_step.j_symmetry_1 
_ndb_struct_na_base_pair_step.i_label_asym_id_2 
_ndb_struct_na_base_pair_step.i_label_comp_id_2 
_ndb_struct_na_base_pair_step.i_label_seq_id_2 
_ndb_struct_na_base_pair_step.i_symmetry_2 
_ndb_struct_na_base_pair_step.j_label_asym_id_2 
_ndb_struct_na_base_pair_step.j_label_comp_id_2 
_ndb_struct_na_base_pair_step.j_label_seq_id_2 
_ndb_struct_na_base_pair_step.j_symmetry_2 
_ndb_struct_na_base_pair_step.shift 
_ndb_struct_na_base_pair_step.slide 
_ndb_struct_na_base_pair_step.rise 
_ndb_struct_na_base_pair_step.tilt 
_ndb_struct_na_base_pair_step.roll 
_ndb_struct_na_base_pair_step.twist 
_ndb_struct_na_base_pair_step.x_displacement 
_ndb_struct_na_base_pair_step.y_displacement 
_ndb_struct_na_base_pair_step.helical_rise 
_ndb_struct_na_base_pair_step.inclination 
_ndb_struct_na_base_pair_step.tip 
_ndb_struct_na_base_pair_step.helical_twist 
_ndb_struct_na_base_pair_step.step_number 
_ndb_struct_na_base_pair_step.step_name 
_ndb_struct_na_base_pair_step.i_auth_asym_id_1 
_ndb_struct_na_base_pair_step.i_auth_seq_id_1 
_ndb_struct_na_base_pair_step.i_PDB_ins_code_1 
_ndb_struct_na_base_pair_step.j_auth_asym_id_1 
_ndb_struct_na_base_pair_step.j_auth_seq_id_1 
_ndb_struct_na_base_pair_step.j_PDB_ins_code_1 
_ndb_struct_na_base_pair_step.i_auth_asym_id_2 
_ndb_struct_na_base_pair_step.i_auth_seq_id_2 
_ndb_struct_na_base_pair_step.i_PDB_ins_code_2 
_ndb_struct_na_base_pair_step.j_auth_asym_id_2 
_ndb_struct_na_base_pair_step.j_auth_seq_id_2 
_ndb_struct_na_base_pair_step.j_PDB_ins_code_2 
1 A DG 3  1_555 D DC 7 1_555 A DC 4  1_555 D DG 6 1_555 0.153  -0.706 3.453 0.343  -1.301 35.501 -0.956 -0.198 3.477 -2.132 -0.562 
35.525 1  AA_DG3DC4:DG15DC16_DD A 3  ? D 16 ? A 4  ? D 15 ? 
1 A DC 4  1_555 D DG 6 1_555 A DG 6  1_555 D DC 4 1_555 -0.922 0.800  6.742 -5.679 3.847  65.541 0.412  0.369  6.825 3.544  5.231  
65.859 2  AA_DC4DG6:DC13DG15_DD A 4  ? D 15 ? A 6  ? D 13 ? 
1 A DG 6  1_555 D DC 4 1_555 A DA 7  1_555 D DT 3 1_555 -0.260 -0.717 3.303 -5.182 2.535  42.691 -1.229 -0.161 3.266 3.464  7.079  
43.060 3  AA_DG6DA7:DT12DC13_DD A 6  ? D 13 ? A 7  ? D 12 ? 
1 A DA 7  1_555 D DT 3 1_555 A DC 8  1_555 D DG 2 1_555 0.086  -0.787 3.397 -4.278 2.707  29.072 -2.137 -1.105 3.266 5.342  8.440  
29.501 4  AA_DA7DC8:DG11DT12_DD A 7  ? D 12 ? A 8  ? D 11 ? 
1 A DC 8  1_555 D DG 2 1_555 A DG 9  1_555 D DC 1 1_555 -0.451 -0.924 3.238 -3.592 3.401  32.264 -2.225 0.189  3.157 6.076  6.417  
32.631 5  AA_DC8DG9:DC10DG11_DD A 8  ? D 11 ? A 9  ? D 10 ? 
1 A DG 9  1_555 D DC 1 1_555 A DA 10 1_555 B DT 5 1_555 -1.229 -0.930 3.122 -6.488 -1.488 32.168 -1.390 1.063  3.338 -2.650 11.554 
32.832 6  AA_DG9DA10:DT5DC10_BD A 9  ? D 10 ? A 10 ? B 5  ? 
1 A DA 10 1_555 B DT 5 1_555 A DG 11 1_555 B DC 4 1_555 -0.080 -0.062 3.229 -2.139 2.152  32.172 -0.487 -0.230 3.216 3.873  3.849  
32.311 7  AA_DA10DG11:DC4DT5_BB A 10 ? B 5  ? A 11 ? B 4  ? 
1 A DG 11 1_555 B DC 4 1_555 A DA 12 1_555 B DT 3 1_555 0.094  -0.751 3.198 -0.041 1.890  33.603 -1.596 -0.170 3.152 3.266  0.070  
33.654 8  AA_DG11DA12:DT3DC4_BB A 11 ? B 4  ? A 12 ? B 3  ? 
1 A DA 12 1_555 B DT 3 1_555 A DC 13 1_555 B DG 2 1_555 0.875  -0.839 3.243 -6.344 -0.720 34.516 -1.288 -2.374 3.055 -1.201 10.579 
35.084 9  AA_DA12DC13:DG2DT3_BB A 12 ? B 3  ? A 13 ? B 2  ? 
1 A DC 13 1_555 B DG 2 1_555 A DC 14 1_555 B DG 1 1_555 -0.914 -1.589 3.228 -0.995 -0.342 37.194 -2.446 1.300  3.265 -0.536 1.560  
37.208 10 AA_DC13DC14:DG1DG2_BB A 13 ? B 2  ? A 14 ? B 1  ? 
1 A DC 14 1_555 B DG 1 1_555 A DG 15 1_555 C DC 9 1_555 -0.912 -1.481 3.443 -0.758 -1.997 22.740 -2.973 2.011  3.586 -5.051 1.917  
22.839 11 AA_DC14DG15:DC9DG1_CB A 14 ? B 1  ? A 15 ? C 9  ? 
1 A DG 15 1_555 C DC 9 1_555 A DC 16 1_555 C DG 8 1_555 -0.641 0.062  3.373 -6.078 2.744  31.399 -0.406 0.012  3.426 5.000  11.074 
32.081 12 AA_DG15DC16:DG8DC9_CC A 15 ? C 9  ? A 16 ? C 8  ? 
1 A DC 16 1_555 C DG 8 1_555 A DA 17 1_555 C DT 7 1_555 -0.315 0.140  3.105 0.637  -1.354 39.909 0.352  0.530  3.094 -1.983 -0.933 
39.936 13 AA_DC16DA17:DT7DG8_CC A 16 ? C 8  ? A 17 ? C 7  ? 
1 A DA 17 1_555 C DT 7 1_555 A DC 18 1_555 C DG 6 1_555 0.461  -0.989 3.464 0.563  -1.642 33.654 -1.421 -0.698 3.514 -2.835 -0.971 
33.697 14 AA_DA17DC18:DG6DT7_CC A 17 ? C 7  ? A 18 ? C 6  ? 
1 A DC 18 1_555 C DG 6 1_555 A DT 19 1_555 C DA 5 1_555 -0.794 -0.722 3.378 1.766  -1.612 32.649 -0.994 1.724  3.362 -2.863 -3.136 
32.734 15 AA_DC18DT19:DA5DG6_CC A 18 ? C 6  ? A 19 ? C 5  ? 
1 A DT 19 1_555 C DA 5 1_555 A DC 20 1_555 C DG 4 1_555 1.014  1.165  3.503 1.612  1.500  40.050 1.513  -1.279 3.579 2.189  -2.352 
40.109 16 AA_DT19DC20:DG4DA5_CC A 19 ? C 5  ? A 20 ? C 4  ? 
1 A DC 20 1_555 C DG 4 1_555 A DA 21 1_555 C DT 3 1_555 -0.572 0.850  3.492 -1.119 1.331  33.658 1.233  0.790  3.539 2.297  1.930  
33.702 17 AA_DC20DA21:DT3DG4_CC A 20 ? C 4  ? A 21 ? C 3  ? 
# 
loop_
_pdbx_audit_support.funding_organization 
_pdbx_audit_support.country 
_pdbx_audit_support.grant_number 
_pdbx_audit_support.ordinal 
'National Science Foundation (NSF, United States)'                                         'United States' 1360635     1 
'National Institutes of Health/National Institute of General Medical Sciences (NIH/NIGMS)' 'United States' R01GM104960 2 
'National Science Foundation (NSF, United States)'                                         'United States' NSF2004250  3 
# 
_pdbx_entity_nonpoly.entity_id   5 
_pdbx_entity_nonpoly.name        'COBALT (II) ION' 
_pdbx_entity_nonpoly.comp_id     CO 
# 
_pdbx_initial_refinement_model.id               1 
_pdbx_initial_refinement_model.entity_id_list   ? 
_pdbx_initial_refinement_model.type             'experimental model' 
_pdbx_initial_refinement_model.source_name      PDB 
_pdbx_initial_refinement_model.accession_code   5KEK 
_pdbx_initial_refinement_model.details          ? 
# 
_pdbx_struct_assembly_auth_evidence.id                     1 
_pdbx_struct_assembly_auth_evidence.assembly_id            1 
_pdbx_struct_assembly_auth_evidence.experimental_support   none 
_pdbx_struct_assembly_auth_evidence.details                ? 
# 
